data_5CUA
# 
_entry.id   5CUA 
# 
_audit_conform.dict_name       mmcif_pdbx.dic 
_audit_conform.dict_version    5.391 
_audit_conform.dict_location   http://mmcif.pdb.org/dictionaries/ascii/mmcif_pdbx.dic 
# 
loop_
_database_2.database_id 
_database_2.database_code 
_database_2.pdbx_database_accession 
_database_2.pdbx_DOI 
PDB   5CUA         pdb_00005cua 10.2210/pdb5cua/pdb 
WWPDB D_1000212201 ?            ?                   
# 
loop_
_pdbx_audit_revision_history.ordinal 
_pdbx_audit_revision_history.data_content_type 
_pdbx_audit_revision_history.major_revision 
_pdbx_audit_revision_history.minor_revision 
_pdbx_audit_revision_history.revision_date 
1 'Structure model' 1 0 2015-09-09 
2 'Structure model' 1 1 2024-05-08 
# 
_pdbx_audit_revision_details.ordinal             1 
_pdbx_audit_revision_details.revision_ordinal    1 
_pdbx_audit_revision_details.data_content_type   'Structure model' 
_pdbx_audit_revision_details.provider            repository 
_pdbx_audit_revision_details.type                'Initial release' 
_pdbx_audit_revision_details.description         ? 
_pdbx_audit_revision_details.details             ? 
# 
loop_
_pdbx_audit_revision_group.ordinal 
_pdbx_audit_revision_group.revision_ordinal 
_pdbx_audit_revision_group.data_content_type 
_pdbx_audit_revision_group.group 
1 2 'Structure model' 'Data collection'     
2 2 'Structure model' 'Database references' 
# 
loop_
_pdbx_audit_revision_category.ordinal 
_pdbx_audit_revision_category.revision_ordinal 
_pdbx_audit_revision_category.data_content_type 
_pdbx_audit_revision_category.category 
1 2 'Structure model' chem_comp_atom              
2 2 'Structure model' chem_comp_bond              
3 2 'Structure model' database_2                  
4 2 'Structure model' diffrn_radiation_wavelength 
# 
loop_
_pdbx_audit_revision_item.ordinal 
_pdbx_audit_revision_item.revision_ordinal 
_pdbx_audit_revision_item.data_content_type 
_pdbx_audit_revision_item.item 
1 2 'Structure model' '_database_2.pdbx_DOI'                
2 2 'Structure model' '_database_2.pdbx_database_accession' 
# 
_pdbx_database_status.status_code                     REL 
_pdbx_database_status.status_code_sf                  REL 
_pdbx_database_status.status_code_mr                  ? 
_pdbx_database_status.entry_id                        5CUA 
_pdbx_database_status.recvd_initial_deposition_date   2015-07-24 
_pdbx_database_status.SG_entry                        Y 
_pdbx_database_status.deposit_site                    RCSB 
_pdbx_database_status.process_site                    PDBE 
_pdbx_database_status.status_code_cs                  ? 
_pdbx_database_status.methods_development_category    ? 
_pdbx_database_status.pdb_format_compatible           Y 
_pdbx_database_status.status_code_nmr_data            ? 
# 
loop_
_audit_author.name 
_audit_author.pdbx_ordinal 
'Bradley, A.'                          1  
'Pearce, N.'                           2  
'Krojer, T.'                           3  
'Ng, J.'                               4  
'Talon, R.'                            5  
'Vollmar, M.'                          6  
'Jose, B.'                             7  
'von Delft, F.'                        8  
'Bountra, C.'                          9  
'Arrowsmith, C.H.'                     10 
'Edwards, A.'                          11 
'Knapp, S.'                            12 
'Structural Genomics Consortium (SGC)' 13 
# 
_citation.abstract                  ? 
_citation.abstract_id_CAS           ? 
_citation.book_id_ISBN              ? 
_citation.book_publisher            ? 
_citation.book_publisher_city       ? 
_citation.book_title                ? 
_citation.coordinate_linkage        ? 
_citation.country                   ? 
_citation.database_id_Medline       ? 
_citation.details                   ? 
_citation.id                        primary 
_citation.journal_abbrev            'To be published' 
_citation.journal_id_ASTM           ? 
_citation.journal_id_CSD            0353 
_citation.journal_id_ISSN           ? 
_citation.journal_full              ? 
_citation.journal_issue             ? 
_citation.journal_volume            ? 
_citation.language                  ? 
_citation.page_first                ? 
_citation.page_last                 ? 
_citation.title                     
;Crystal structure of the second bromodomain of bromodomain adjancent to zinc finger domain protein 2B (BAZ2B) in complex with 1-Acetyl-4-(4-hydroxyphenyl)piperazine (SGC - Diamond I04-1 fragment screening)
;
_citation.year                      ? 
_citation.database_id_CSD           ? 
_citation.pdbx_database_id_DOI      ? 
_citation.pdbx_database_id_PubMed   ? 
_citation.unpublished_flag          ? 
# 
loop_
_citation_author.citation_id 
_citation_author.name 
_citation_author.ordinal 
_citation_author.identifier_ORCID 
primary 'Bradley, A.'                          1  ? 
primary 'Pearce, N.'                           2  ? 
primary 'Krojer, T.'                           3  ? 
primary 'Ng, J.'                               4  ? 
primary 'Talon, R.'                            5  ? 
primary 'Vollmar, M.'                          6  ? 
primary 'Jose, B.'                             7  ? 
primary 'von Delft, F.'                        8  ? 
primary 'Bountra, C.'                          9  ? 
primary 'Arrowsmith, C.H.'                     10 ? 
primary 'Edwards, A.'                          11 ? 
primary 'Knapp, S.'                            12 ? 
primary 'Structural Genomics Consortium (SGC)' 13 ? 
# 
loop_
_entity.id 
_entity.type 
_entity.src_method 
_entity.pdbx_description 
_entity.formula_weight 
_entity.pdbx_number_of_molecules 
_entity.pdbx_ec 
_entity.pdbx_mutation 
_entity.pdbx_fragment 
_entity.details 
1 polymer     man 'Bromodomain adjacent to zinc finger domain protein 2B' 14057.129 1   ? ? 'Bromodomain, UNP residues 1858-1972' 
? 
2 non-polymer syn 1,2-ETHANEDIOL                                          62.068    1   ? ? ?                                     
? 
3 non-polymer syn '1-[4-(4-hydroxyphenyl)piperazin-1-yl]ethanone'         220.268   1   ? ? ?                                     
? 
4 water       nat water                                                   18.015    155 ? ? ?                                     
? 
# 
_entity_name_com.entity_id   1 
_entity_name_com.name        hWALp4 
# 
_entity_poly.entity_id                      1 
_entity_poly.type                           'polypeptide(L)' 
_entity_poly.nstd_linkage                   no 
_entity_poly.nstd_monomer                   no 
_entity_poly.pdbx_seq_one_letter_code       
;YFQSMSVKKPKRDDSKDLALCSMILTEMETHEDAWPFLLPVNLKLVPGYKKVIKKPMDFSTIREKLSSGQYPNLETFALD
VRLVFDNCETFNEDDSDIGRAGHNMRKYFEKKWTDTFKVS
;
_entity_poly.pdbx_seq_one_letter_code_can   
;YFQSMSVKKPKRDDSKDLALCSMILTEMETHEDAWPFLLPVNLKLVPGYKKVIKKPMDFSTIREKLSSGQYPNLETFALD
VRLVFDNCETFNEDDSDIGRAGHNMRKYFEKKWTDTFKVS
;
_entity_poly.pdbx_strand_id                 A 
_entity_poly.pdbx_target_identifier         ? 
# 
loop_
_pdbx_entity_nonpoly.entity_id 
_pdbx_entity_nonpoly.name 
_pdbx_entity_nonpoly.comp_id 
2 1,2-ETHANEDIOL                                  EDO 
3 '1-[4-(4-hydroxyphenyl)piperazin-1-yl]ethanone' 54U 
4 water                                           HOH 
# 
loop_
_entity_poly_seq.entity_id 
_entity_poly_seq.num 
_entity_poly_seq.mon_id 
_entity_poly_seq.hetero 
1 1   TYR n 
1 2   PHE n 
1 3   GLN n 
1 4   SER n 
1 5   MET n 
1 6   SER n 
1 7   VAL n 
1 8   LYS n 
1 9   LYS n 
1 10  PRO n 
1 11  LYS n 
1 12  ARG n 
1 13  ASP n 
1 14  ASP n 
1 15  SER n 
1 16  LYS n 
1 17  ASP n 
1 18  LEU n 
1 19  ALA n 
1 20  LEU n 
1 21  CYS n 
1 22  SER n 
1 23  MET n 
1 24  ILE n 
1 25  LEU n 
1 26  THR n 
1 27  GLU n 
1 28  MET n 
1 29  GLU n 
1 30  THR n 
1 31  HIS n 
1 32  GLU n 
1 33  ASP n 
1 34  ALA n 
1 35  TRP n 
1 36  PRO n 
1 37  PHE n 
1 38  LEU n 
1 39  LEU n 
1 40  PRO n 
1 41  VAL n 
1 42  ASN n 
1 43  LEU n 
1 44  LYS n 
1 45  LEU n 
1 46  VAL n 
1 47  PRO n 
1 48  GLY n 
1 49  TYR n 
1 50  LYS n 
1 51  LYS n 
1 52  VAL n 
1 53  ILE n 
1 54  LYS n 
1 55  LYS n 
1 56  PRO n 
1 57  MET n 
1 58  ASP n 
1 59  PHE n 
1 60  SER n 
1 61  THR n 
1 62  ILE n 
1 63  ARG n 
1 64  GLU n 
1 65  LYS n 
1 66  LEU n 
1 67  SER n 
1 68  SER n 
1 69  GLY n 
1 70  GLN n 
1 71  TYR n 
1 72  PRO n 
1 73  ASN n 
1 74  LEU n 
1 75  GLU n 
1 76  THR n 
1 77  PHE n 
1 78  ALA n 
1 79  LEU n 
1 80  ASP n 
1 81  VAL n 
1 82  ARG n 
1 83  LEU n 
1 84  VAL n 
1 85  PHE n 
1 86  ASP n 
1 87  ASN n 
1 88  CYS n 
1 89  GLU n 
1 90  THR n 
1 91  PHE n 
1 92  ASN n 
1 93  GLU n 
1 94  ASP n 
1 95  ASP n 
1 96  SER n 
1 97  ASP n 
1 98  ILE n 
1 99  GLY n 
1 100 ARG n 
1 101 ALA n 
1 102 GLY n 
1 103 HIS n 
1 104 ASN n 
1 105 MET n 
1 106 ARG n 
1 107 LYS n 
1 108 TYR n 
1 109 PHE n 
1 110 GLU n 
1 111 LYS n 
1 112 LYS n 
1 113 TRP n 
1 114 THR n 
1 115 ASP n 
1 116 THR n 
1 117 PHE n 
1 118 LYS n 
1 119 VAL n 
1 120 SER n 
# 
_entity_src_gen.entity_id                          1 
_entity_src_gen.pdbx_src_id                        1 
_entity_src_gen.pdbx_alt_source_flag               sample 
_entity_src_gen.pdbx_seq_type                      'Biological sequence' 
_entity_src_gen.pdbx_beg_seq_num                   1 
_entity_src_gen.pdbx_end_seq_num                   120 
_entity_src_gen.gene_src_common_name               Human 
_entity_src_gen.gene_src_genus                     ? 
_entity_src_gen.pdbx_gene_src_gene                 'BAZ2B, KIAA1476' 
_entity_src_gen.gene_src_species                   ? 
_entity_src_gen.gene_src_strain                    ? 
_entity_src_gen.gene_src_tissue                    ? 
_entity_src_gen.gene_src_tissue_fraction           ? 
_entity_src_gen.gene_src_details                   ? 
_entity_src_gen.pdbx_gene_src_fragment             ? 
_entity_src_gen.pdbx_gene_src_scientific_name      'Homo sapiens' 
_entity_src_gen.pdbx_gene_src_ncbi_taxonomy_id     9606 
_entity_src_gen.pdbx_gene_src_variant              ? 
_entity_src_gen.pdbx_gene_src_cell_line            ? 
_entity_src_gen.pdbx_gene_src_atcc                 ? 
_entity_src_gen.pdbx_gene_src_organ                ? 
_entity_src_gen.pdbx_gene_src_organelle            ? 
_entity_src_gen.pdbx_gene_src_cell                 ? 
_entity_src_gen.pdbx_gene_src_cellular_location    ? 
_entity_src_gen.host_org_common_name               ? 
_entity_src_gen.pdbx_host_org_scientific_name      'Escherichia coli' 
_entity_src_gen.pdbx_host_org_ncbi_taxonomy_id     562 
_entity_src_gen.host_org_genus                     ? 
_entity_src_gen.pdbx_host_org_gene                 ? 
_entity_src_gen.pdbx_host_org_organ                ? 
_entity_src_gen.host_org_species                   ? 
_entity_src_gen.pdbx_host_org_tissue               ? 
_entity_src_gen.pdbx_host_org_tissue_fraction      ? 
_entity_src_gen.pdbx_host_org_strain               ? 
_entity_src_gen.pdbx_host_org_variant              ? 
_entity_src_gen.pdbx_host_org_cell_line            ? 
_entity_src_gen.pdbx_host_org_atcc                 ? 
_entity_src_gen.pdbx_host_org_culture_collection   ? 
_entity_src_gen.pdbx_host_org_cell                 ? 
_entity_src_gen.pdbx_host_org_organelle            ? 
_entity_src_gen.pdbx_host_org_cellular_location    ? 
_entity_src_gen.pdbx_host_org_vector_type          plasmid 
_entity_src_gen.pdbx_host_org_vector               ? 
_entity_src_gen.host_org_details                   ? 
_entity_src_gen.expression_system_id               ? 
_entity_src_gen.plasmid_name                       pNIC28 
_entity_src_gen.plasmid_details                    ? 
_entity_src_gen.pdbx_description                   ? 
# 
loop_
_chem_comp.id 
_chem_comp.type 
_chem_comp.mon_nstd_flag 
_chem_comp.name 
_chem_comp.pdbx_synonyms 
_chem_comp.formula 
_chem_comp.formula_weight 
54U non-polymer         . '1-[4-(4-hydroxyphenyl)piperazin-1-yl]ethanone' ?                 'C12 H16 N2 O2'  220.268 
ALA 'L-peptide linking' y ALANINE                                         ?                 'C3 H7 N O2'     89.093  
ARG 'L-peptide linking' y ARGININE                                        ?                 'C6 H15 N4 O2 1' 175.209 
ASN 'L-peptide linking' y ASPARAGINE                                      ?                 'C4 H8 N2 O3'    132.118 
ASP 'L-peptide linking' y 'ASPARTIC ACID'                                 ?                 'C4 H7 N O4'     133.103 
CYS 'L-peptide linking' y CYSTEINE                                        ?                 'C3 H7 N O2 S'   121.158 
EDO non-polymer         . 1,2-ETHANEDIOL                                  'ETHYLENE GLYCOL' 'C2 H6 O2'       62.068  
GLN 'L-peptide linking' y GLUTAMINE                                       ?                 'C5 H10 N2 O3'   146.144 
GLU 'L-peptide linking' y 'GLUTAMIC ACID'                                 ?                 'C5 H9 N O4'     147.129 
GLY 'peptide linking'   y GLYCINE                                         ?                 'C2 H5 N O2'     75.067  
HIS 'L-peptide linking' y HISTIDINE                                       ?                 'C6 H10 N3 O2 1' 156.162 
HOH non-polymer         . WATER                                           ?                 'H2 O'           18.015  
ILE 'L-peptide linking' y ISOLEUCINE                                      ?                 'C6 H13 N O2'    131.173 
LEU 'L-peptide linking' y LEUCINE                                         ?                 'C6 H13 N O2'    131.173 
LYS 'L-peptide linking' y LYSINE                                          ?                 'C6 H15 N2 O2 1' 147.195 
MET 'L-peptide linking' y METHIONINE                                      ?                 'C5 H11 N O2 S'  149.211 
PHE 'L-peptide linking' y PHENYLALANINE                                   ?                 'C9 H11 N O2'    165.189 
PRO 'L-peptide linking' y PROLINE                                         ?                 'C5 H9 N O2'     115.130 
SER 'L-peptide linking' y SERINE                                          ?                 'C3 H7 N O3'     105.093 
THR 'L-peptide linking' y THREONINE                                       ?                 'C4 H9 N O3'     119.119 
TRP 'L-peptide linking' y TRYPTOPHAN                                      ?                 'C11 H12 N2 O2'  204.225 
TYR 'L-peptide linking' y TYROSINE                                        ?                 'C9 H11 N O3'    181.189 
VAL 'L-peptide linking' y VALINE                                          ?                 'C5 H11 N O2'    117.146 
# 
loop_
_pdbx_poly_seq_scheme.asym_id 
_pdbx_poly_seq_scheme.entity_id 
_pdbx_poly_seq_scheme.seq_id 
_pdbx_poly_seq_scheme.mon_id 
_pdbx_poly_seq_scheme.ndb_seq_num 
_pdbx_poly_seq_scheme.pdb_seq_num 
_pdbx_poly_seq_scheme.auth_seq_num 
_pdbx_poly_seq_scheme.pdb_mon_id 
_pdbx_poly_seq_scheme.auth_mon_id 
_pdbx_poly_seq_scheme.pdb_strand_id 
_pdbx_poly_seq_scheme.pdb_ins_code 
_pdbx_poly_seq_scheme.hetero 
A 1 1   TYR 1   1853 ?    ?   ?   A . n 
A 1 2   PHE 2   1854 ?    ?   ?   A . n 
A 1 3   GLN 3   1855 ?    ?   ?   A . n 
A 1 4   SER 4   1856 1856 SER SER A . n 
A 1 5   MET 5   1857 1857 MET MET A . n 
A 1 6   SER 6   1858 1858 SER SER A . n 
A 1 7   VAL 7   1859 1859 VAL VAL A . n 
A 1 8   LYS 8   1860 1860 LYS LYS A . n 
A 1 9   LYS 9   1861 1861 LYS LYS A . n 
A 1 10  PRO 10  1862 1862 PRO PRO A . n 
A 1 11  LYS 11  1863 1863 LYS LYS A . n 
A 1 12  ARG 12  1864 1864 ARG ARG A . n 
A 1 13  ASP 13  1865 1865 ASP ASP A . n 
A 1 14  ASP 14  1866 1866 ASP ASP A . n 
A 1 15  SER 15  1867 1867 SER SER A . n 
A 1 16  LYS 16  1868 1868 LYS LYS A . n 
A 1 17  ASP 17  1869 1869 ASP ASP A . n 
A 1 18  LEU 18  1870 1870 LEU LEU A . n 
A 1 19  ALA 19  1871 1871 ALA ALA A . n 
A 1 20  LEU 20  1872 1872 LEU LEU A . n 
A 1 21  CYS 21  1873 1873 CYS CYS A . n 
A 1 22  SER 22  1874 1874 SER SER A . n 
A 1 23  MET 23  1875 1875 MET MET A . n 
A 1 24  ILE 24  1876 1876 ILE ILE A . n 
A 1 25  LEU 25  1877 1877 LEU LEU A . n 
A 1 26  THR 26  1878 1878 THR THR A . n 
A 1 27  GLU 27  1879 1879 GLU GLU A . n 
A 1 28  MET 28  1880 1880 MET MET A . n 
A 1 29  GLU 29  1881 1881 GLU GLU A . n 
A 1 30  THR 30  1882 1882 THR THR A . n 
A 1 31  HIS 31  1883 1883 HIS HIS A . n 
A 1 32  GLU 32  1884 1884 GLU GLU A . n 
A 1 33  ASP 33  1885 1885 ASP ASP A . n 
A 1 34  ALA 34  1886 1886 ALA ALA A . n 
A 1 35  TRP 35  1887 1887 TRP TRP A . n 
A 1 36  PRO 36  1888 1888 PRO PRO A . n 
A 1 37  PHE 37  1889 1889 PHE PHE A . n 
A 1 38  LEU 38  1890 1890 LEU LEU A . n 
A 1 39  LEU 39  1891 1891 LEU LEU A . n 
A 1 40  PRO 40  1892 1892 PRO PRO A . n 
A 1 41  VAL 41  1893 1893 VAL VAL A . n 
A 1 42  ASN 42  1894 1894 ASN ASN A . n 
A 1 43  LEU 43  1895 1895 LEU LEU A . n 
A 1 44  LYS 44  1896 1896 LYS LYS A . n 
A 1 45  LEU 45  1897 1897 LEU LEU A . n 
A 1 46  VAL 46  1898 1898 VAL VAL A . n 
A 1 47  PRO 47  1899 1899 PRO PRO A . n 
A 1 48  GLY 48  1900 1900 GLY GLY A . n 
A 1 49  TYR 49  1901 1901 TYR TYR A . n 
A 1 50  LYS 50  1902 1902 LYS LYS A . n 
A 1 51  LYS 51  1903 1903 LYS LYS A . n 
A 1 52  VAL 52  1904 1904 VAL VAL A . n 
A 1 53  ILE 53  1905 1905 ILE ILE A . n 
A 1 54  LYS 54  1906 1906 LYS LYS A . n 
A 1 55  LYS 55  1907 1907 LYS LYS A . n 
A 1 56  PRO 56  1908 1908 PRO PRO A . n 
A 1 57  MET 57  1909 1909 MET MET A . n 
A 1 58  ASP 58  1910 1910 ASP ASP A . n 
A 1 59  PHE 59  1911 1911 PHE PHE A . n 
A 1 60  SER 60  1912 1912 SER SER A . n 
A 1 61  THR 61  1913 1913 THR THR A . n 
A 1 62  ILE 62  1914 1914 ILE ILE A . n 
A 1 63  ARG 63  1915 1915 ARG ARG A . n 
A 1 64  GLU 64  1916 1916 GLU GLU A . n 
A 1 65  LYS 65  1917 1917 LYS LYS A . n 
A 1 66  LEU 66  1918 1918 LEU LEU A . n 
A 1 67  SER 67  1919 1919 SER SER A . n 
A 1 68  SER 68  1920 1920 SER SER A . n 
A 1 69  GLY 69  1921 1921 GLY GLY A . n 
A 1 70  GLN 70  1922 1922 GLN GLN A . n 
A 1 71  TYR 71  1923 1923 TYR TYR A . n 
A 1 72  PRO 72  1924 1924 PRO PRO A . n 
A 1 73  ASN 73  1925 1925 ASN ASN A . n 
A 1 74  LEU 74  1926 1926 LEU LEU A . n 
A 1 75  GLU 75  1927 1927 GLU GLU A . n 
A 1 76  THR 76  1928 1928 THR THR A . n 
A 1 77  PHE 77  1929 1929 PHE PHE A . n 
A 1 78  ALA 78  1930 1930 ALA ALA A . n 
A 1 79  LEU 79  1931 1931 LEU LEU A . n 
A 1 80  ASP 80  1932 1932 ASP ASP A . n 
A 1 81  VAL 81  1933 1933 VAL VAL A . n 
A 1 82  ARG 82  1934 1934 ARG ARG A . n 
A 1 83  LEU 83  1935 1935 LEU LEU A . n 
A 1 84  VAL 84  1936 1936 VAL VAL A . n 
A 1 85  PHE 85  1937 1937 PHE PHE A . n 
A 1 86  ASP 86  1938 1938 ASP ASP A . n 
A 1 87  ASN 87  1939 1939 ASN ASN A . n 
A 1 88  CYS 88  1940 1940 CYS CYS A . n 
A 1 89  GLU 89  1941 1941 GLU GLU A . n 
A 1 90  THR 90  1942 1942 THR THR A . n 
A 1 91  PHE 91  1943 1943 PHE PHE A . n 
A 1 92  ASN 92  1944 1944 ASN ASN A . n 
A 1 93  GLU 93  1945 1945 GLU GLU A . n 
A 1 94  ASP 94  1946 1946 ASP ASP A . n 
A 1 95  ASP 95  1947 1947 ASP ASP A . n 
A 1 96  SER 96  1948 1948 SER SER A . n 
A 1 97  ASP 97  1949 1949 ASP ASP A . n 
A 1 98  ILE 98  1950 1950 ILE ILE A . n 
A 1 99  GLY 99  1951 1951 GLY GLY A . n 
A 1 100 ARG 100 1952 1952 ARG ARG A . n 
A 1 101 ALA 101 1953 1953 ALA ALA A . n 
A 1 102 GLY 102 1954 1954 GLY GLY A . n 
A 1 103 HIS 103 1955 1955 HIS HIS A . n 
A 1 104 ASN 104 1956 1956 ASN ASN A . n 
A 1 105 MET 105 1957 1957 MET MET A . n 
A 1 106 ARG 106 1958 1958 ARG ARG A . n 
A 1 107 LYS 107 1959 1959 LYS LYS A . n 
A 1 108 TYR 108 1960 1960 TYR TYR A . n 
A 1 109 PHE 109 1961 1961 PHE PHE A . n 
A 1 110 GLU 110 1962 1962 GLU GLU A . n 
A 1 111 LYS 111 1963 1963 LYS LYS A . n 
A 1 112 LYS 112 1964 1964 LYS LYS A . n 
A 1 113 TRP 113 1965 1965 TRP TRP A . n 
A 1 114 THR 114 1966 1966 THR THR A . n 
A 1 115 ASP 115 1967 1967 ASP ASP A . n 
A 1 116 THR 116 1968 1968 THR THR A . n 
A 1 117 PHE 117 1969 1969 PHE PHE A . n 
A 1 118 LYS 118 1970 1970 LYS LYS A . n 
A 1 119 VAL 119 1971 ?    ?   ?   A . n 
A 1 120 SER 120 1972 ?    ?   ?   A . n 
# 
loop_
_pdbx_nonpoly_scheme.asym_id 
_pdbx_nonpoly_scheme.entity_id 
_pdbx_nonpoly_scheme.mon_id 
_pdbx_nonpoly_scheme.ndb_seq_num 
_pdbx_nonpoly_scheme.pdb_seq_num 
_pdbx_nonpoly_scheme.auth_seq_num 
_pdbx_nonpoly_scheme.pdb_mon_id 
_pdbx_nonpoly_scheme.auth_mon_id 
_pdbx_nonpoly_scheme.pdb_strand_id 
_pdbx_nonpoly_scheme.pdb_ins_code 
B 2 EDO 1   2001 1   EDO EDO A . 
C 3 54U 1   2002 1   54U LIG A . 
D 4 HOH 1   2101 142 HOH HOH A . 
D 4 HOH 2   2102 134 HOH HOH A . 
D 4 HOH 3   2103 37  HOH HOH A . 
D 4 HOH 4   2104 90  HOH HOH A . 
D 4 HOH 5   2105 81  HOH HOH A . 
D 4 HOH 6   2106 101 HOH HOH A . 
D 4 HOH 7   2107 67  HOH HOH A . 
D 4 HOH 8   2108 23  HOH HOH A . 
D 4 HOH 9   2109 39  HOH HOH A . 
D 4 HOH 10  2110 41  HOH HOH A . 
D 4 HOH 11  2111 47  HOH HOH A . 
D 4 HOH 12  2112 48  HOH HOH A . 
D 4 HOH 13  2113 72  HOH HOH A . 
D 4 HOH 14  2114 132 HOH HOH A . 
D 4 HOH 15  2115 38  HOH HOH A . 
D 4 HOH 16  2116 51  HOH HOH A . 
D 4 HOH 17  2117 20  HOH HOH A . 
D 4 HOH 18  2118 86  HOH HOH A . 
D 4 HOH 19  2119 26  HOH HOH A . 
D 4 HOH 20  2120 103 HOH HOH A . 
D 4 HOH 21  2121 10  HOH HOH A . 
D 4 HOH 22  2122 88  HOH HOH A . 
D 4 HOH 23  2123 143 HOH HOH A . 
D 4 HOH 24  2124 139 HOH HOH A . 
D 4 HOH 25  2125 9   HOH HOH A . 
D 4 HOH 26  2126 28  HOH HOH A . 
D 4 HOH 27  2127 2   HOH HOH A . 
D 4 HOH 28  2128 49  HOH HOH A . 
D 4 HOH 29  2129 70  HOH HOH A . 
D 4 HOH 30  2130 19  HOH HOH A . 
D 4 HOH 31  2131 64  HOH HOH A . 
D 4 HOH 32  2132 151 HOH HOH A . 
D 4 HOH 33  2133 89  HOH HOH A . 
D 4 HOH 34  2134 46  HOH HOH A . 
D 4 HOH 35  2135 7   HOH HOH A . 
D 4 HOH 36  2136 153 HOH HOH A . 
D 4 HOH 37  2137 69  HOH HOH A . 
D 4 HOH 38  2138 17  HOH HOH A . 
D 4 HOH 39  2139 45  HOH HOH A . 
D 4 HOH 40  2140 40  HOH HOH A . 
D 4 HOH 41  2141 54  HOH HOH A . 
D 4 HOH 42  2142 18  HOH HOH A . 
D 4 HOH 43  2143 13  HOH HOH A . 
D 4 HOH 44  2144 1   HOH HOH A . 
D 4 HOH 45  2145 34  HOH HOH A . 
D 4 HOH 46  2146 12  HOH HOH A . 
D 4 HOH 47  2147 52  HOH HOH A . 
D 4 HOH 48  2148 93  HOH HOH A . 
D 4 HOH 49  2149 25  HOH HOH A . 
D 4 HOH 50  2150 15  HOH HOH A . 
D 4 HOH 51  2151 131 HOH HOH A . 
D 4 HOH 52  2152 24  HOH HOH A . 
D 4 HOH 53  2153 94  HOH HOH A . 
D 4 HOH 54  2154 32  HOH HOH A . 
D 4 HOH 55  2155 30  HOH HOH A . 
D 4 HOH 56  2156 35  HOH HOH A . 
D 4 HOH 57  2157 62  HOH HOH A . 
D 4 HOH 58  2158 29  HOH HOH A . 
D 4 HOH 59  2159 4   HOH HOH A . 
D 4 HOH 60  2160 73  HOH HOH A . 
D 4 HOH 61  2161 87  HOH HOH A . 
D 4 HOH 62  2162 58  HOH HOH A . 
D 4 HOH 63  2163 82  HOH HOH A . 
D 4 HOH 64  2164 5   HOH HOH A . 
D 4 HOH 65  2165 6   HOH HOH A . 
D 4 HOH 66  2166 80  HOH HOH A . 
D 4 HOH 67  2167 74  HOH HOH A . 
D 4 HOH 68  2168 119 HOH HOH A . 
D 4 HOH 69  2169 53  HOH HOH A . 
D 4 HOH 70  2170 126 HOH HOH A . 
D 4 HOH 71  2171 144 HOH HOH A . 
D 4 HOH 72  2172 14  HOH HOH A . 
D 4 HOH 73  2173 16  HOH HOH A . 
D 4 HOH 74  2174 27  HOH HOH A . 
D 4 HOH 75  2175 55  HOH HOH A . 
D 4 HOH 76  2176 71  HOH HOH A . 
D 4 HOH 77  2177 60  HOH HOH A . 
D 4 HOH 78  2178 75  HOH HOH A . 
D 4 HOH 79  2179 78  HOH HOH A . 
D 4 HOH 80  2180 154 HOH HOH A . 
D 4 HOH 81  2181 138 HOH HOH A . 
D 4 HOH 82  2182 92  HOH HOH A . 
D 4 HOH 83  2183 128 HOH HOH A . 
D 4 HOH 84  2184 141 HOH HOH A . 
D 4 HOH 85  2185 22  HOH HOH A . 
D 4 HOH 86  2186 96  HOH HOH A . 
D 4 HOH 87  2187 84  HOH HOH A . 
D 4 HOH 88  2188 8   HOH HOH A . 
D 4 HOH 89  2189 36  HOH HOH A . 
D 4 HOH 90  2190 57  HOH HOH A . 
D 4 HOH 91  2191 3   HOH HOH A . 
D 4 HOH 92  2192 111 HOH HOH A . 
D 4 HOH 93  2193 63  HOH HOH A . 
D 4 HOH 94  2194 97  HOH HOH A . 
D 4 HOH 95  2195 11  HOH HOH A . 
D 4 HOH 96  2196 152 HOH HOH A . 
D 4 HOH 97  2197 21  HOH HOH A . 
D 4 HOH 98  2198 42  HOH HOH A . 
D 4 HOH 99  2199 91  HOH HOH A . 
D 4 HOH 100 2200 33  HOH HOH A . 
D 4 HOH 101 2201 95  HOH HOH A . 
D 4 HOH 102 2202 133 HOH HOH A . 
D 4 HOH 103 2203 100 HOH HOH A . 
D 4 HOH 104 2204 123 HOH HOH A . 
D 4 HOH 105 2205 145 HOH HOH A . 
D 4 HOH 106 2206 109 HOH HOH A . 
D 4 HOH 107 2207 127 HOH HOH A . 
D 4 HOH 108 2208 68  HOH HOH A . 
D 4 HOH 109 2209 149 HOH HOH A . 
D 4 HOH 110 2210 156 HOH HOH A . 
D 4 HOH 111 2211 115 HOH HOH A . 
D 4 HOH 112 2212 136 HOH HOH A . 
D 4 HOH 113 2213 146 HOH HOH A . 
D 4 HOH 114 2214 129 HOH HOH A . 
D 4 HOH 115 2215 150 HOH HOH A . 
D 4 HOH 116 2216 147 HOH HOH A . 
D 4 HOH 117 2217 108 HOH HOH A . 
D 4 HOH 118 2218 118 HOH HOH A . 
D 4 HOH 119 2219 121 HOH HOH A . 
D 4 HOH 120 2220 105 HOH HOH A . 
D 4 HOH 121 2221 116 HOH HOH A . 
D 4 HOH 122 2222 155 HOH HOH A . 
D 4 HOH 123 2223 44  HOH HOH A . 
D 4 HOH 124 2224 117 HOH HOH A . 
D 4 HOH 125 2225 31  HOH HOH A . 
D 4 HOH 126 2226 99  HOH HOH A . 
D 4 HOH 127 2227 50  HOH HOH A . 
D 4 HOH 128 2228 61  HOH HOH A . 
D 4 HOH 129 2229 122 HOH HOH A . 
D 4 HOH 130 2230 79  HOH HOH A . 
D 4 HOH 131 2231 137 HOH HOH A . 
D 4 HOH 132 2232 113 HOH HOH A . 
D 4 HOH 133 2233 135 HOH HOH A . 
D 4 HOH 134 2234 77  HOH HOH A . 
D 4 HOH 135 2235 59  HOH HOH A . 
D 4 HOH 136 2236 110 HOH HOH A . 
D 4 HOH 137 2237 83  HOH HOH A . 
D 4 HOH 138 2238 104 HOH HOH A . 
D 4 HOH 139 2239 65  HOH HOH A . 
D 4 HOH 140 2240 120 HOH HOH A . 
D 4 HOH 141 2241 112 HOH HOH A . 
D 4 HOH 142 2242 76  HOH HOH A . 
D 4 HOH 143 2243 107 HOH HOH A . 
D 4 HOH 144 2244 124 HOH HOH A . 
D 4 HOH 145 2245 56  HOH HOH A . 
D 4 HOH 146 2246 98  HOH HOH A . 
D 4 HOH 147 2247 43  HOH HOH A . 
D 4 HOH 148 2248 85  HOH HOH A . 
D 4 HOH 149 2249 114 HOH HOH A . 
D 4 HOH 150 2250 102 HOH HOH A . 
D 4 HOH 151 2251 140 HOH HOH A . 
D 4 HOH 152 2252 148 HOH HOH A . 
D 4 HOH 153 2253 125 HOH HOH A . 
D 4 HOH 154 2254 66  HOH HOH A . 
D 4 HOH 155 2255 106 HOH HOH A . 
# 
loop_
_pdbx_unobs_or_zero_occ_atoms.id 
_pdbx_unobs_or_zero_occ_atoms.PDB_model_num 
_pdbx_unobs_or_zero_occ_atoms.polymer_flag 
_pdbx_unobs_or_zero_occ_atoms.occupancy_flag 
_pdbx_unobs_or_zero_occ_atoms.auth_asym_id 
_pdbx_unobs_or_zero_occ_atoms.auth_comp_id 
_pdbx_unobs_or_zero_occ_atoms.auth_seq_id 
_pdbx_unobs_or_zero_occ_atoms.PDB_ins_code 
_pdbx_unobs_or_zero_occ_atoms.auth_atom_id 
_pdbx_unobs_or_zero_occ_atoms.label_alt_id 
_pdbx_unobs_or_zero_occ_atoms.label_asym_id 
_pdbx_unobs_or_zero_occ_atoms.label_comp_id 
_pdbx_unobs_or_zero_occ_atoms.label_seq_id 
_pdbx_unobs_or_zero_occ_atoms.label_atom_id 
1  1 Y 1 A LYS 1863 ? CG ? A LYS 11  CG 
2  1 Y 1 A LYS 1863 ? CD ? A LYS 11  CD 
3  1 Y 1 A LYS 1863 ? CE ? A LYS 11  CE 
4  1 Y 1 A LYS 1863 ? NZ ? A LYS 11  NZ 
5  1 Y 1 A LYS 1868 ? CE ? A LYS 16  CE 
6  1 Y 1 A LYS 1868 ? NZ ? A LYS 16  NZ 
7  1 Y 1 A LYS 1970 ? CG ? A LYS 118 CG 
8  1 Y 1 A LYS 1970 ? CD ? A LYS 118 CD 
9  1 Y 1 A LYS 1970 ? CE ? A LYS 118 CE 
10 1 Y 1 A LYS 1970 ? NZ ? A LYS 118 NZ 
# 
loop_
_software.citation_id 
_software.classification 
_software.compiler_name 
_software.compiler_version 
_software.contact_author 
_software.contact_author_email 
_software.date 
_software.description 
_software.dependencies 
_software.hardware 
_software.language 
_software.location 
_software.mods 
_software.name 
_software.os 
_software.os_version 
_software.type 
_software.version 
_software.pdbx_ordinal 
? 'data scaling'    ? ? ? ? ? ? ? ? ? ? ? Aimless     ? ? ? 0.1.29 1 
? refinement        ? ? ? ? ? ? ? ? ? ? ? PHENIX      ? ? ? .      2 
? 'data extraction' ? ? ? ? ? ? ? ? ? ? ? PDB_EXTRACT ? ? ? 3.15   3 
# 
_cell.angle_alpha                  90.000 
_cell.angle_alpha_esd              ? 
_cell.angle_beta                   90.000 
_cell.angle_beta_esd               ? 
_cell.angle_gamma                  90.000 
_cell.angle_gamma_esd              ? 
_cell.entry_id                     5CUA 
_cell.details                      ? 
_cell.formula_units_Z              ? 
_cell.length_a                     82.048 
_cell.length_a_esd                 ? 
_cell.length_b                     97.499 
_cell.length_b_esd                 ? 
_cell.length_c                     58.305 
_cell.length_c_esd                 ? 
_cell.volume                       ? 
_cell.volume_esd                   ? 
_cell.Z_PDB                        8 
_cell.reciprocal_angle_alpha       ? 
_cell.reciprocal_angle_beta        ? 
_cell.reciprocal_angle_gamma       ? 
_cell.reciprocal_angle_alpha_esd   ? 
_cell.reciprocal_angle_beta_esd    ? 
_cell.reciprocal_angle_gamma_esd   ? 
_cell.reciprocal_length_a          ? 
_cell.reciprocal_length_b          ? 
_cell.reciprocal_length_c          ? 
_cell.reciprocal_length_a_esd      ? 
_cell.reciprocal_length_b_esd      ? 
_cell.reciprocal_length_c_esd      ? 
_cell.pdbx_unique_axis             ? 
# 
_symmetry.entry_id                         5CUA 
_symmetry.cell_setting                     ? 
_symmetry.Int_Tables_number                20 
_symmetry.space_group_name_Hall            ? 
_symmetry.space_group_name_H-M             'C 2 2 21' 
_symmetry.pdbx_full_space_group_name_H-M   ? 
# 
_exptl.absorpt_coefficient_mu     ? 
_exptl.absorpt_correction_T_max   ? 
_exptl.absorpt_correction_T_min   ? 
_exptl.absorpt_correction_type    ? 
_exptl.absorpt_process_details    ? 
_exptl.entry_id                   5CUA 
_exptl.crystals_number            1 
_exptl.details                    ? 
_exptl.method                     'X-RAY DIFFRACTION' 
_exptl.method_details             ? 
# 
_exptl_crystal.colour                      ? 
_exptl_crystal.density_diffrn              ? 
_exptl_crystal.density_Matthews            4.15 
_exptl_crystal.density_method              ? 
_exptl_crystal.density_percent_sol         70.34 
_exptl_crystal.description                 ? 
_exptl_crystal.F_000                       ? 
_exptl_crystal.id                          1 
_exptl_crystal.preparation                 ? 
_exptl_crystal.size_max                    ? 
_exptl_crystal.size_mid                    ? 
_exptl_crystal.size_min                    ? 
_exptl_crystal.size_rad                    ? 
_exptl_crystal.colour_lustre               ? 
_exptl_crystal.colour_modifier             ? 
_exptl_crystal.colour_primary              ? 
_exptl_crystal.density_meas                ? 
_exptl_crystal.density_meas_esd            ? 
_exptl_crystal.density_meas_gt             ? 
_exptl_crystal.density_meas_lt             ? 
_exptl_crystal.density_meas_temp           ? 
_exptl_crystal.density_meas_temp_esd       ? 
_exptl_crystal.density_meas_temp_gt        ? 
_exptl_crystal.density_meas_temp_lt        ? 
_exptl_crystal.pdbx_crystal_image_url      ? 
_exptl_crystal.pdbx_crystal_image_format   ? 
_exptl_crystal.pdbx_mosaicity              ? 
_exptl_crystal.pdbx_mosaicity_esd          ? 
# 
_exptl_crystal_grow.apparatus       ? 
_exptl_crystal_grow.atmosphere      ? 
_exptl_crystal_grow.crystal_id      1 
_exptl_crystal_grow.details         ? 
_exptl_crystal_grow.method          'VAPOR DIFFUSION, SITTING DROP' 
_exptl_crystal_grow.method_ref      ? 
_exptl_crystal_grow.pH              6.0 
_exptl_crystal_grow.pressure        ? 
_exptl_crystal_grow.pressure_esd    ? 
_exptl_crystal_grow.seeding         ? 
_exptl_crystal_grow.seeding_ref     ? 
_exptl_crystal_grow.temp            277 
_exptl_crystal_grow.temp_details    ? 
_exptl_crystal_grow.temp_esd        ? 
_exptl_crystal_grow.time            ? 
_exptl_crystal_grow.pdbx_details    '30% PEG600, 0.1M MES pH 6.0' 
_exptl_crystal_grow.pdbx_pH_range   ? 
# 
_diffrn.ambient_environment    ? 
_diffrn.ambient_temp           100 
_diffrn.ambient_temp_details   ? 
_diffrn.ambient_temp_esd       ? 
_diffrn.crystal_id             1 
_diffrn.crystal_support        ? 
_diffrn.crystal_treatment      ? 
_diffrn.details                ? 
_diffrn.id                     1 
_diffrn.ambient_pressure       ? 
_diffrn.ambient_pressure_esd   ? 
_diffrn.ambient_pressure_gt    ? 
_diffrn.ambient_pressure_lt    ? 
_diffrn.ambient_temp_gt        ? 
_diffrn.ambient_temp_lt        ? 
# 
_diffrn_detector.details                      ? 
_diffrn_detector.detector                     PIXEL 
_diffrn_detector.diffrn_id                    1 
_diffrn_detector.type                         'PSI PILATUS 6M' 
_diffrn_detector.area_resol_mean              ? 
_diffrn_detector.dtime                        ? 
_diffrn_detector.pdbx_frames_total            ? 
_diffrn_detector.pdbx_collection_time_total   ? 
_diffrn_detector.pdbx_collection_date         2013-03-10 
# 
_diffrn_radiation.collimation                      ? 
_diffrn_radiation.diffrn_id                        1 
_diffrn_radiation.filter_edge                      ? 
_diffrn_radiation.inhomogeneity                    ? 
_diffrn_radiation.monochromator                    ? 
_diffrn_radiation.polarisn_norm                    ? 
_diffrn_radiation.polarisn_ratio                   ? 
_diffrn_radiation.probe                            ? 
_diffrn_radiation.type                             ? 
_diffrn_radiation.xray_symbol                      ? 
_diffrn_radiation.wavelength_id                    1 
_diffrn_radiation.pdbx_monochromatic_or_laue_m_l   M 
_diffrn_radiation.pdbx_wavelength_list             ? 
_diffrn_radiation.pdbx_wavelength                  ? 
_diffrn_radiation.pdbx_diffrn_protocol             'SINGLE WAVELENGTH' 
_diffrn_radiation.pdbx_analyzer                    ? 
_diffrn_radiation.pdbx_scattering_type             x-ray 
# 
_diffrn_radiation_wavelength.id           1 
_diffrn_radiation_wavelength.wavelength   0.987 
_diffrn_radiation_wavelength.wt           1.0 
# 
_diffrn_source.current                     ? 
_diffrn_source.details                     ? 
_diffrn_source.diffrn_id                   1 
_diffrn_source.power                       ? 
_diffrn_source.size                        ? 
_diffrn_source.source                      SYNCHROTRON 
_diffrn_source.target                      ? 
_diffrn_source.type                        'DIAMOND BEAMLINE I04-1' 
_diffrn_source.voltage                     ? 
_diffrn_source.take-off_angle              ? 
_diffrn_source.pdbx_wavelength_list        0.987 
_diffrn_source.pdbx_wavelength             ? 
_diffrn_source.pdbx_synchrotron_beamline   I04-1 
_diffrn_source.pdbx_synchrotron_site       Diamond 
# 
_reflns.B_iso_Wilson_estimate            ? 
_reflns.entry_id                         5CUA 
_reflns.data_reduction_details           ? 
_reflns.data_reduction_method            ? 
_reflns.d_resolution_high                1.890 
_reflns.d_resolution_low                 29.150 
_reflns.details                          ? 
_reflns.limit_h_max                      ? 
_reflns.limit_h_min                      ? 
_reflns.limit_k_max                      ? 
_reflns.limit_k_min                      ? 
_reflns.limit_l_max                      ? 
_reflns.limit_l_min                      ? 
_reflns.number_all                       ? 
_reflns.number_obs                       19032 
_reflns.observed_criterion               ? 
_reflns.observed_criterion_F_max         ? 
_reflns.observed_criterion_F_min         ? 
_reflns.observed_criterion_I_max         ? 
_reflns.observed_criterion_I_min         ? 
_reflns.observed_criterion_sigma_F       ? 
_reflns.observed_criterion_sigma_I       ? 
_reflns.percent_possible_obs             98.900 
_reflns.R_free_details                   ? 
_reflns.Rmerge_F_all                     ? 
_reflns.Rmerge_F_obs                     ? 
_reflns.Friedel_coverage                 ? 
_reflns.number_gt                        ? 
_reflns.threshold_expression             ? 
_reflns.pdbx_redundancy                  6.400 
_reflns.pdbx_Rmerge_I_obs                0.063 
_reflns.pdbx_Rmerge_I_all                ? 
_reflns.pdbx_Rsym_value                  ? 
_reflns.pdbx_netI_over_av_sigmaI         ? 
_reflns.pdbx_netI_over_sigmaI            16.700 
_reflns.pdbx_res_netI_over_av_sigmaI_2   ? 
_reflns.pdbx_res_netI_over_sigmaI_2      ? 
_reflns.pdbx_chi_squared                 ? 
_reflns.pdbx_scaling_rejects             17 
_reflns.pdbx_d_res_high_opt              ? 
_reflns.pdbx_d_res_low_opt               ? 
_reflns.pdbx_d_res_opt_method            ? 
_reflns.phase_calculation_details        ? 
_reflns.pdbx_Rrim_I_all                  ? 
_reflns.pdbx_Rpim_I_all                  0.027 
_reflns.pdbx_d_opt                       ? 
_reflns.pdbx_number_measured_all         121479 
_reflns.pdbx_diffrn_id                   1 
_reflns.pdbx_ordinal                     1 
_reflns.pdbx_CC_half                     0.999 
_reflns.pdbx_R_split                     ? 
# 
loop_
_reflns_shell.d_res_high 
_reflns_shell.d_res_low 
_reflns_shell.meanI_over_sigI_all 
_reflns_shell.meanI_over_sigI_obs 
_reflns_shell.number_measured_all 
_reflns_shell.number_measured_obs 
_reflns_shell.number_possible 
_reflns_shell.number_unique_all 
_reflns_shell.number_unique_obs 
_reflns_shell.percent_possible_all 
_reflns_shell.percent_possible_obs 
_reflns_shell.Rmerge_F_all 
_reflns_shell.Rmerge_F_obs 
_reflns_shell.Rmerge_I_all 
_reflns_shell.Rmerge_I_obs 
_reflns_shell.meanI_over_sigI_gt 
_reflns_shell.meanI_over_uI_all 
_reflns_shell.meanI_over_uI_gt 
_reflns_shell.number_measured_gt 
_reflns_shell.number_unique_gt 
_reflns_shell.percent_possible_gt 
_reflns_shell.Rmerge_F_gt 
_reflns_shell.Rmerge_I_gt 
_reflns_shell.pdbx_redundancy 
_reflns_shell.pdbx_Rsym_value 
_reflns_shell.pdbx_chi_squared 
_reflns_shell.pdbx_netI_over_sigmaI_all 
_reflns_shell.pdbx_netI_over_sigmaI_obs 
_reflns_shell.pdbx_Rrim_I_all 
_reflns_shell.pdbx_Rpim_I_all 
_reflns_shell.pdbx_rejects 
_reflns_shell.pdbx_ordinal 
_reflns_shell.pdbx_diffrn_id 
_reflns_shell.pdbx_CC_half 
_reflns_shell.pdbx_R_split 
1.890 1.930  ? 1.500  5611 ? ? 1061 ? 86.100 ? ? ? ? 1.067 ? ? ? ? ? ? ? ? 5.300 ? ? ? ? ? 0.476 0 1 1 0.767 ? 
9.050 29.150 ? 57.000 1231 ? ? 203  ? 97.400 ? ? ? ? 0.022 ? ? ? ? ? ? ? ? 6.100 ? ? ? ? ? 0.009 0 2 1 1.000 ? 
# 
_refine.aniso_B[1][1]                            ? 
_refine.aniso_B[1][2]                            ? 
_refine.aniso_B[1][3]                            ? 
_refine.aniso_B[2][2]                            ? 
_refine.aniso_B[2][3]                            ? 
_refine.aniso_B[3][3]                            ? 
_refine.B_iso_max                                84.640 
_refine.B_iso_mean                               39.8714 
_refine.B_iso_min                                22.980 
_refine.correlation_coeff_Fo_to_Fc               ? 
_refine.correlation_coeff_Fo_to_Fc_free          ? 
_refine.details                                  ? 
_refine.diff_density_max                         ? 
_refine.diff_density_max_esd                     ? 
_refine.diff_density_min                         ? 
_refine.diff_density_min_esd                     ? 
_refine.diff_density_rms                         ? 
_refine.diff_density_rms_esd                     ? 
_refine.entry_id                                 5CUA 
_refine.pdbx_refine_id                           'X-RAY DIFFRACTION' 
_refine.ls_abs_structure_details                 ? 
_refine.ls_abs_structure_Flack                   ? 
_refine.ls_abs_structure_Flack_esd               ? 
_refine.ls_abs_structure_Rogers                  ? 
_refine.ls_abs_structure_Rogers_esd              ? 
_refine.ls_d_res_high                            1.8900 
_refine.ls_d_res_low                             19.7200 
_refine.ls_extinction_coef                       ? 
_refine.ls_extinction_coef_esd                   ? 
_refine.ls_extinction_expression                 ? 
_refine.ls_extinction_method                     ? 
_refine.ls_goodness_of_fit_all                   ? 
_refine.ls_goodness_of_fit_all_esd               ? 
_refine.ls_goodness_of_fit_obs                   ? 
_refine.ls_goodness_of_fit_obs_esd               ? 
_refine.ls_hydrogen_treatment                    ? 
_refine.ls_matrix_type                           ? 
_refine.ls_number_constraints                    ? 
_refine.ls_number_parameters                     ? 
_refine.ls_number_reflns_all                     ? 
_refine.ls_number_reflns_obs                     18945 
_refine.ls_number_reflns_R_free                  758 
_refine.ls_number_reflns_R_work                  ? 
_refine.ls_number_restraints                     ? 
_refine.ls_percent_reflns_obs                    99.2500 
_refine.ls_percent_reflns_R_free                 4.0000 
_refine.ls_R_factor_all                          ? 
_refine.ls_R_factor_obs                          0.1953 
_refine.ls_R_factor_R_free                       0.2339 
_refine.ls_R_factor_R_free_error                 ? 
_refine.ls_R_factor_R_free_error_details         ? 
_refine.ls_R_factor_R_work                       0.1935 
_refine.ls_R_Fsqd_factor_obs                     ? 
_refine.ls_R_I_factor_obs                        ? 
_refine.ls_redundancy_reflns_all                 ? 
_refine.ls_redundancy_reflns_obs                 ? 
_refine.ls_restrained_S_all                      ? 
_refine.ls_restrained_S_obs                      ? 
_refine.ls_shift_over_esd_max                    ? 
_refine.ls_shift_over_esd_mean                   ? 
_refine.ls_structure_factor_coef                 ? 
_refine.ls_weighting_details                     ? 
_refine.ls_weighting_scheme                      ? 
_refine.ls_wR_factor_all                         ? 
_refine.ls_wR_factor_obs                         ? 
_refine.ls_wR_factor_R_free                      ? 
_refine.ls_wR_factor_R_work                      ? 
_refine.occupancy_max                            ? 
_refine.occupancy_min                            ? 
_refine.solvent_model_details                    'FLAT BULK SOLVENT MODEL' 
_refine.solvent_model_param_bsol                 ? 
_refine.solvent_model_param_ksol                 ? 
_refine.ls_R_factor_gt                           ? 
_refine.ls_goodness_of_fit_gt                    ? 
_refine.ls_goodness_of_fit_ref                   ? 
_refine.ls_shift_over_su_max                     ? 
_refine.ls_shift_over_su_max_lt                  ? 
_refine.ls_shift_over_su_mean                    ? 
_refine.ls_shift_over_su_mean_lt                 ? 
_refine.pdbx_ls_sigma_I                          ? 
_refine.pdbx_ls_sigma_F                          1.890 
_refine.pdbx_ls_sigma_Fsqd                       ? 
_refine.pdbx_data_cutoff_high_absF               ? 
_refine.pdbx_data_cutoff_high_rms_absF           ? 
_refine.pdbx_data_cutoff_low_absF                ? 
_refine.pdbx_isotropic_thermal_model             ? 
_refine.pdbx_ls_cross_valid_method               'FREE R-VALUE' 
_refine.pdbx_method_to_determine_struct          'MOLECULAR REPLACEMENT' 
_refine.pdbx_starting_model                      ? 
_refine.pdbx_stereochemistry_target_values       ML 
_refine.pdbx_R_Free_selection_details            ? 
_refine.pdbx_stereochem_target_val_spec_case     ? 
_refine.pdbx_overall_ESU_R                       ? 
_refine.pdbx_overall_ESU_R_Free                  ? 
_refine.pdbx_solvent_vdw_probe_radii             1.1100 
_refine.pdbx_solvent_ion_probe_radii             ? 
_refine.pdbx_solvent_shrinkage_radii             0.9000 
_refine.pdbx_real_space_R                        ? 
_refine.pdbx_density_correlation                 ? 
_refine.pdbx_pd_number_of_powder_patterns        ? 
_refine.pdbx_pd_number_of_points                 ? 
_refine.pdbx_pd_meas_number_of_points            ? 
_refine.pdbx_pd_proc_ls_prof_R_factor            ? 
_refine.pdbx_pd_proc_ls_prof_wR_factor           ? 
_refine.pdbx_pd_Marquardt_correlation_coeff      ? 
_refine.pdbx_pd_Fsqrd_R_factor                   ? 
_refine.pdbx_pd_ls_matrix_band_width             ? 
_refine.pdbx_overall_phase_error                 31.9100 
_refine.pdbx_overall_SU_R_free_Cruickshank_DPI   ? 
_refine.pdbx_overall_SU_R_free_Blow_DPI          ? 
_refine.pdbx_overall_SU_R_Blow_DPI               ? 
_refine.pdbx_TLS_residual_ADP_flag               ? 
_refine.pdbx_diffrn_id                           1 
_refine.overall_SU_B                             ? 
_refine.overall_SU_ML                            0.2500 
_refine.overall_SU_R_Cruickshank_DPI             ? 
_refine.overall_SU_R_free                        ? 
_refine.overall_FOM_free_R_set                   ? 
_refine.overall_FOM_work_R_set                   ? 
_refine.pdbx_average_fsc_overall                 ? 
_refine.pdbx_average_fsc_work                    ? 
_refine.pdbx_average_fsc_free                    ? 
# 
_refine_hist.cycle_id                         final 
_refine_hist.pdbx_refine_id                   'X-RAY DIFFRACTION' 
_refine_hist.d_res_high                       1.8900 
_refine_hist.d_res_low                        19.7200 
_refine_hist.pdbx_number_atoms_ligand         20 
_refine_hist.number_atoms_solvent             155 
_refine_hist.number_atoms_total               1105 
_refine_hist.pdbx_number_residues_total       115 
_refine_hist.pdbx_B_iso_mean_ligand           57.06 
_refine_hist.pdbx_B_iso_mean_solvent          46.79 
_refine_hist.pdbx_number_atoms_protein        930 
_refine_hist.pdbx_number_atoms_nucleic_acid   0 
# 
_struct.entry_id                     5CUA 
_struct.title                        
;Crystal structure of the bromodomain of bromodomain adjacent to zinc finger domain protein 2B (BAZ2B) in complex with 1-Acetyl-4-(4-hydroxyphenyl)piperazine (SGC - Diamond I04-1 fragment screening)
;
_struct.pdbx_model_details           ? 
_struct.pdbx_formula_weight          ? 
_struct.pdbx_formula_weight_method   ? 
_struct.pdbx_model_type_details      ? 
_struct.pdbx_CASP_flag               ? 
# 
_struct_keywords.entry_id        5CUA 
_struct_keywords.text            'Structural Genomics, Structural Genomics Consortium, SGC, transcription' 
_struct_keywords.pdbx_keywords   TRANSCRIPTION 
# 
loop_
_struct_asym.id 
_struct_asym.pdbx_blank_PDB_chainid_flag 
_struct_asym.pdbx_modified 
_struct_asym.entity_id 
_struct_asym.details 
A N N 1 ? 
B N N 2 ? 
C N N 3 ? 
D N N 4 ? 
# 
_struct_ref.id                         1 
_struct_ref.db_name                    UNP 
_struct_ref.db_code                    BAZ2B_HUMAN 
_struct_ref.pdbx_db_accession          Q9UIF8 
_struct_ref.pdbx_db_isoform            Q9UIF8-4 
_struct_ref.entity_id                  1 
_struct_ref.pdbx_seq_one_letter_code   
;SVKKPKRDDSKDLALCSMILTEMETHEDAWPFLLPVNLKLVPGYKKVIKKPMDFSTIREKLSSGQYPNLETFALDVRLVF
DNCETFNEDDSDIGRAGHNMRKYFEKKWTDTFKVS
;
_struct_ref.pdbx_align_begin           1858 
# 
_struct_ref_seq.align_id                      1 
_struct_ref_seq.ref_id                        1 
_struct_ref_seq.pdbx_PDB_id_code              5CUA 
_struct_ref_seq.pdbx_strand_id                A 
_struct_ref_seq.seq_align_beg                 6 
_struct_ref_seq.pdbx_seq_align_beg_ins_code   ? 
_struct_ref_seq.seq_align_end                 120 
_struct_ref_seq.pdbx_seq_align_end_ins_code   ? 
_struct_ref_seq.pdbx_db_accession             Q9UIF8 
_struct_ref_seq.db_align_beg                  1858 
_struct_ref_seq.pdbx_db_align_beg_ins_code    ? 
_struct_ref_seq.db_align_end                  1972 
_struct_ref_seq.pdbx_db_align_end_ins_code    ? 
_struct_ref_seq.pdbx_auth_seq_align_beg       1858 
_struct_ref_seq.pdbx_auth_seq_align_end       1972 
# 
loop_
_struct_ref_seq_dif.align_id 
_struct_ref_seq_dif.pdbx_pdb_id_code 
_struct_ref_seq_dif.mon_id 
_struct_ref_seq_dif.pdbx_pdb_strand_id 
_struct_ref_seq_dif.seq_num 
_struct_ref_seq_dif.pdbx_pdb_ins_code 
_struct_ref_seq_dif.pdbx_seq_db_name 
_struct_ref_seq_dif.pdbx_seq_db_accession_code 
_struct_ref_seq_dif.db_mon_id 
_struct_ref_seq_dif.pdbx_seq_db_seq_num 
_struct_ref_seq_dif.details 
_struct_ref_seq_dif.pdbx_auth_seq_num 
_struct_ref_seq_dif.pdbx_ordinal 
1 5CUA TYR A 1 ? UNP Q9UIF8 ? ? 'expression tag' 1853 1 
1 5CUA PHE A 2 ? UNP Q9UIF8 ? ? 'expression tag' 1854 2 
1 5CUA GLN A 3 ? UNP Q9UIF8 ? ? 'expression tag' 1855 3 
1 5CUA SER A 4 ? UNP Q9UIF8 ? ? 'expression tag' 1856 4 
1 5CUA MET A 5 ? UNP Q9UIF8 ? ? 'expression tag' 1857 5 
# 
_pdbx_struct_assembly.id                   1 
_pdbx_struct_assembly.details              author_and_software_defined_assembly 
_pdbx_struct_assembly.method_details       PISA 
_pdbx_struct_assembly.oligomeric_details   monomeric 
_pdbx_struct_assembly.oligomeric_count     1 
# 
loop_
_pdbx_struct_assembly_prop.biol_id 
_pdbx_struct_assembly_prop.type 
_pdbx_struct_assembly_prop.value 
_pdbx_struct_assembly_prop.details 
1 'ABSA (A^2)' 210  ? 
1 MORE         3    ? 
1 'SSA (A^2)'  7910 ? 
# 
_pdbx_struct_assembly_gen.assembly_id       1 
_pdbx_struct_assembly_gen.oper_expression   1 
_pdbx_struct_assembly_gen.asym_id_list      A,B,C,D 
# 
_pdbx_struct_oper_list.id                   1 
_pdbx_struct_oper_list.type                 'identity operation' 
_pdbx_struct_oper_list.name                 1_555 
_pdbx_struct_oper_list.symmetry_operation   x,y,z 
_pdbx_struct_oper_list.matrix[1][1]         1.0000000000 
_pdbx_struct_oper_list.matrix[1][2]         0.0000000000 
_pdbx_struct_oper_list.matrix[1][3]         0.0000000000 
_pdbx_struct_oper_list.vector[1]            0.0000000000 
_pdbx_struct_oper_list.matrix[2][1]         0.0000000000 
_pdbx_struct_oper_list.matrix[2][2]         1.0000000000 
_pdbx_struct_oper_list.matrix[2][3]         0.0000000000 
_pdbx_struct_oper_list.vector[2]            0.0000000000 
_pdbx_struct_oper_list.matrix[3][1]         0.0000000000 
_pdbx_struct_oper_list.matrix[3][2]         0.0000000000 
_pdbx_struct_oper_list.matrix[3][3]         1.0000000000 
_pdbx_struct_oper_list.vector[3]            0.0000000000 
# 
loop_
_struct_conf.conf_type_id 
_struct_conf.id 
_struct_conf.pdbx_PDB_helix_id 
_struct_conf.beg_label_comp_id 
_struct_conf.beg_label_asym_id 
_struct_conf.beg_label_seq_id 
_struct_conf.pdbx_beg_PDB_ins_code 
_struct_conf.end_label_comp_id 
_struct_conf.end_label_asym_id 
_struct_conf.end_label_seq_id 
_struct_conf.pdbx_end_PDB_ins_code 
_struct_conf.beg_auth_comp_id 
_struct_conf.beg_auth_asym_id 
_struct_conf.beg_auth_seq_id 
_struct_conf.end_auth_comp_id 
_struct_conf.end_auth_asym_id 
_struct_conf.end_auth_seq_id 
_struct_conf.pdbx_PDB_helix_class 
_struct_conf.details 
_struct_conf.pdbx_PDB_helix_length 
HELX_P HELX_P1 AA1 LYS A 16 ? THR A 30  ? LYS A 1868 THR A 1882 1 ? 15 
HELX_P HELX_P2 AA2 HIS A 31 ? TRP A 35  ? HIS A 1883 TRP A 1887 5 ? 5  
HELX_P HELX_P3 AA3 GLY A 48 ? ILE A 53  ? GLY A 1900 ILE A 1905 1 ? 6  
HELX_P HELX_P4 AA4 ASP A 58 ? SER A 68  ? ASP A 1910 SER A 1920 1 ? 11 
HELX_P HELX_P5 AA5 ASN A 73 ? ASN A 92  ? ASN A 1925 ASN A 1944 1 ? 20 
HELX_P HELX_P6 AA6 SER A 96 ? LYS A 118 ? SER A 1948 LYS A 1970 1 ? 23 
# 
_struct_conf_type.id          HELX_P 
_struct_conf_type.criteria    ? 
_struct_conf_type.reference   ? 
# 
loop_
_struct_site.id 
_struct_site.pdbx_evidence_code 
_struct_site.pdbx_auth_asym_id 
_struct_site.pdbx_auth_comp_id 
_struct_site.pdbx_auth_seq_id 
_struct_site.pdbx_auth_ins_code 
_struct_site.pdbx_num_residues 
_struct_site.details 
AC1 Software A EDO 2001 ? 3 'binding site for residue EDO A 2001' 
AC2 Software A 54U 2002 ? 4 'binding site for residue 54U A 2002' 
# 
loop_
_struct_site_gen.id 
_struct_site_gen.site_id 
_struct_site_gen.pdbx_num_res 
_struct_site_gen.label_comp_id 
_struct_site_gen.label_asym_id 
_struct_site_gen.label_seq_id 
_struct_site_gen.pdbx_auth_ins_code 
_struct_site_gen.auth_comp_id 
_struct_site_gen.auth_asym_id 
_struct_site_gen.auth_seq_id 
_struct_site_gen.label_atom_id 
_struct_site_gen.label_alt_id 
_struct_site_gen.symmetry 
_struct_site_gen.details 
1 AC1 3 MET A 23  ? MET A 1875 . ? 1_555 ? 
2 AC1 3 GLU A 27  ? GLU A 1879 . ? 1_555 ? 
3 AC1 3 THR A 116 ? THR A 1968 . ? 1_555 ? 
4 AC2 4 PRO A 36  ? PRO A 1888 . ? 1_555 ? 
5 AC2 4 ASN A 92  ? ASN A 1944 . ? 1_555 ? 
6 AC2 4 HOH D .   ? HOH A 2109 . ? 1_555 ? 
7 AC2 4 HOH D .   ? HOH A 2203 . ? 1_555 ? 
# 
_pdbx_validate_close_contact.id               1 
_pdbx_validate_close_contact.PDB_model_num    1 
_pdbx_validate_close_contact.auth_atom_id_1   OD1 
_pdbx_validate_close_contact.auth_asym_id_1   A 
_pdbx_validate_close_contact.auth_comp_id_1   ASP 
_pdbx_validate_close_contact.auth_seq_id_1    1967 
_pdbx_validate_close_contact.PDB_ins_code_1   ? 
_pdbx_validate_close_contact.label_alt_id_1   ? 
_pdbx_validate_close_contact.auth_atom_id_2   O 
_pdbx_validate_close_contact.auth_asym_id_2   A 
_pdbx_validate_close_contact.auth_comp_id_2   HOH 
_pdbx_validate_close_contact.auth_seq_id_2    2101 
_pdbx_validate_close_contact.PDB_ins_code_2   ? 
_pdbx_validate_close_contact.label_alt_id_2   ? 
_pdbx_validate_close_contact.dist             2.19 
# 
_pdbx_SG_project.id                    1 
_pdbx_SG_project.project_name          ? 
_pdbx_SG_project.full_name_of_center   'Structural Genomics Consortium' 
_pdbx_SG_project.initial_of_center     SGC 
# 
_phasing.method   MR 
# 
loop_
_pdbx_unobs_or_zero_occ_residues.id 
_pdbx_unobs_or_zero_occ_residues.PDB_model_num 
_pdbx_unobs_or_zero_occ_residues.polymer_flag 
_pdbx_unobs_or_zero_occ_residues.occupancy_flag 
_pdbx_unobs_or_zero_occ_residues.auth_asym_id 
_pdbx_unobs_or_zero_occ_residues.auth_comp_id 
_pdbx_unobs_or_zero_occ_residues.auth_seq_id 
_pdbx_unobs_or_zero_occ_residues.PDB_ins_code 
_pdbx_unobs_or_zero_occ_residues.label_asym_id 
_pdbx_unobs_or_zero_occ_residues.label_comp_id 
_pdbx_unobs_or_zero_occ_residues.label_seq_id 
1 1 Y 1 A TYR 1853 ? A TYR 1   
2 1 Y 1 A PHE 1854 ? A PHE 2   
3 1 Y 1 A GLN 1855 ? A GLN 3   
4 1 Y 1 A VAL 1971 ? A VAL 119 
5 1 Y 1 A SER 1972 ? A SER 120 
# 
loop_
_chem_comp_atom.comp_id 
_chem_comp_atom.atom_id 
_chem_comp_atom.type_symbol 
_chem_comp_atom.pdbx_aromatic_flag 
_chem_comp_atom.pdbx_stereo_config 
_chem_comp_atom.pdbx_ordinal 
54U C10  C Y N 1   
54U C13  C Y N 2   
54U C01  C N N 3   
54U C02  C N N 4   
54U N03  N N N 5   
54U C04  C N N 6   
54U C05  C N N 7   
54U N06  N N N 8   
54U C07  C N N 9   
54U C08  C N N 10  
54U C09  C Y N 11  
54U C11  C Y N 12  
54U C12  C Y N 13  
54U C14  C Y N 14  
54U O15  O N N 15  
54U O16  O N N 16  
54U H1   H N N 17  
54U H2   H N N 18  
54U H3   H N N 19  
54U H4   H N N 20  
54U H5   H N N 21  
54U H6   H N N 22  
54U H7   H N N 23  
54U H8   H N N 24  
54U H9   H N N 25  
54U H10  H N N 26  
54U H11  H N N 27  
54U H12  H N N 28  
54U H13  H N N 29  
54U H14  H N N 30  
54U H15  H N N 31  
54U H16  H N N 32  
ALA N    N N N 33  
ALA CA   C N S 34  
ALA C    C N N 35  
ALA O    O N N 36  
ALA CB   C N N 37  
ALA OXT  O N N 38  
ALA H    H N N 39  
ALA H2   H N N 40  
ALA HA   H N N 41  
ALA HB1  H N N 42  
ALA HB2  H N N 43  
ALA HB3  H N N 44  
ALA HXT  H N N 45  
ARG N    N N N 46  
ARG CA   C N S 47  
ARG C    C N N 48  
ARG O    O N N 49  
ARG CB   C N N 50  
ARG CG   C N N 51  
ARG CD   C N N 52  
ARG NE   N N N 53  
ARG CZ   C N N 54  
ARG NH1  N N N 55  
ARG NH2  N N N 56  
ARG OXT  O N N 57  
ARG H    H N N 58  
ARG H2   H N N 59  
ARG HA   H N N 60  
ARG HB2  H N N 61  
ARG HB3  H N N 62  
ARG HG2  H N N 63  
ARG HG3  H N N 64  
ARG HD2  H N N 65  
ARG HD3  H N N 66  
ARG HE   H N N 67  
ARG HH11 H N N 68  
ARG HH12 H N N 69  
ARG HH21 H N N 70  
ARG HH22 H N N 71  
ARG HXT  H N N 72  
ASN N    N N N 73  
ASN CA   C N S 74  
ASN C    C N N 75  
ASN O    O N N 76  
ASN CB   C N N 77  
ASN CG   C N N 78  
ASN OD1  O N N 79  
ASN ND2  N N N 80  
ASN OXT  O N N 81  
ASN H    H N N 82  
ASN H2   H N N 83  
ASN HA   H N N 84  
ASN HB2  H N N 85  
ASN HB3  H N N 86  
ASN HD21 H N N 87  
ASN HD22 H N N 88  
ASN HXT  H N N 89  
ASP N    N N N 90  
ASP CA   C N S 91  
ASP C    C N N 92  
ASP O    O N N 93  
ASP CB   C N N 94  
ASP CG   C N N 95  
ASP OD1  O N N 96  
ASP OD2  O N N 97  
ASP OXT  O N N 98  
ASP H    H N N 99  
ASP H2   H N N 100 
ASP HA   H N N 101 
ASP HB2  H N N 102 
ASP HB3  H N N 103 
ASP HD2  H N N 104 
ASP HXT  H N N 105 
CYS N    N N N 106 
CYS CA   C N R 107 
CYS C    C N N 108 
CYS O    O N N 109 
CYS CB   C N N 110 
CYS SG   S N N 111 
CYS OXT  O N N 112 
CYS H    H N N 113 
CYS H2   H N N 114 
CYS HA   H N N 115 
CYS HB2  H N N 116 
CYS HB3  H N N 117 
CYS HG   H N N 118 
CYS HXT  H N N 119 
EDO C1   C N N 120 
EDO O1   O N N 121 
EDO C2   C N N 122 
EDO O2   O N N 123 
EDO H11  H N N 124 
EDO H12  H N N 125 
EDO HO1  H N N 126 
EDO H21  H N N 127 
EDO H22  H N N 128 
EDO HO2  H N N 129 
GLN N    N N N 130 
GLN CA   C N S 131 
GLN C    C N N 132 
GLN O    O N N 133 
GLN CB   C N N 134 
GLN CG   C N N 135 
GLN CD   C N N 136 
GLN OE1  O N N 137 
GLN NE2  N N N 138 
GLN OXT  O N N 139 
GLN H    H N N 140 
GLN H2   H N N 141 
GLN HA   H N N 142 
GLN HB2  H N N 143 
GLN HB3  H N N 144 
GLN HG2  H N N 145 
GLN HG3  H N N 146 
GLN HE21 H N N 147 
GLN HE22 H N N 148 
GLN HXT  H N N 149 
GLU N    N N N 150 
GLU CA   C N S 151 
GLU C    C N N 152 
GLU O    O N N 153 
GLU CB   C N N 154 
GLU CG   C N N 155 
GLU CD   C N N 156 
GLU OE1  O N N 157 
GLU OE2  O N N 158 
GLU OXT  O N N 159 
GLU H    H N N 160 
GLU H2   H N N 161 
GLU HA   H N N 162 
GLU HB2  H N N 163 
GLU HB3  H N N 164 
GLU HG2  H N N 165 
GLU HG3  H N N 166 
GLU HE2  H N N 167 
GLU HXT  H N N 168 
GLY N    N N N 169 
GLY CA   C N N 170 
GLY C    C N N 171 
GLY O    O N N 172 
GLY OXT  O N N 173 
GLY H    H N N 174 
GLY H2   H N N 175 
GLY HA2  H N N 176 
GLY HA3  H N N 177 
GLY HXT  H N N 178 
HIS N    N N N 179 
HIS CA   C N S 180 
HIS C    C N N 181 
HIS O    O N N 182 
HIS CB   C N N 183 
HIS CG   C Y N 184 
HIS ND1  N Y N 185 
HIS CD2  C Y N 186 
HIS CE1  C Y N 187 
HIS NE2  N Y N 188 
HIS OXT  O N N 189 
HIS H    H N N 190 
HIS H2   H N N 191 
HIS HA   H N N 192 
HIS HB2  H N N 193 
HIS HB3  H N N 194 
HIS HD1  H N N 195 
HIS HD2  H N N 196 
HIS HE1  H N N 197 
HIS HE2  H N N 198 
HIS HXT  H N N 199 
HOH O    O N N 200 
HOH H1   H N N 201 
HOH H2   H N N 202 
ILE N    N N N 203 
ILE CA   C N S 204 
ILE C    C N N 205 
ILE O    O N N 206 
ILE CB   C N S 207 
ILE CG1  C N N 208 
ILE CG2  C N N 209 
ILE CD1  C N N 210 
ILE OXT  O N N 211 
ILE H    H N N 212 
ILE H2   H N N 213 
ILE HA   H N N 214 
ILE HB   H N N 215 
ILE HG12 H N N 216 
ILE HG13 H N N 217 
ILE HG21 H N N 218 
ILE HG22 H N N 219 
ILE HG23 H N N 220 
ILE HD11 H N N 221 
ILE HD12 H N N 222 
ILE HD13 H N N 223 
ILE HXT  H N N 224 
LEU N    N N N 225 
LEU CA   C N S 226 
LEU C    C N N 227 
LEU O    O N N 228 
LEU CB   C N N 229 
LEU CG   C N N 230 
LEU CD1  C N N 231 
LEU CD2  C N N 232 
LEU OXT  O N N 233 
LEU H    H N N 234 
LEU H2   H N N 235 
LEU HA   H N N 236 
LEU HB2  H N N 237 
LEU HB3  H N N 238 
LEU HG   H N N 239 
LEU HD11 H N N 240 
LEU HD12 H N N 241 
LEU HD13 H N N 242 
LEU HD21 H N N 243 
LEU HD22 H N N 244 
LEU HD23 H N N 245 
LEU HXT  H N N 246 
LYS N    N N N 247 
LYS CA   C N S 248 
LYS C    C N N 249 
LYS O    O N N 250 
LYS CB   C N N 251 
LYS CG   C N N 252 
LYS CD   C N N 253 
LYS CE   C N N 254 
LYS NZ   N N N 255 
LYS OXT  O N N 256 
LYS H    H N N 257 
LYS H2   H N N 258 
LYS HA   H N N 259 
LYS HB2  H N N 260 
LYS HB3  H N N 261 
LYS HG2  H N N 262 
LYS HG3  H N N 263 
LYS HD2  H N N 264 
LYS HD3  H N N 265 
LYS HE2  H N N 266 
LYS HE3  H N N 267 
LYS HZ1  H N N 268 
LYS HZ2  H N N 269 
LYS HZ3  H N N 270 
LYS HXT  H N N 271 
MET N    N N N 272 
MET CA   C N S 273 
MET C    C N N 274 
MET O    O N N 275 
MET CB   C N N 276 
MET CG   C N N 277 
MET SD   S N N 278 
MET CE   C N N 279 
MET OXT  O N N 280 
MET H    H N N 281 
MET H2   H N N 282 
MET HA   H N N 283 
MET HB2  H N N 284 
MET HB3  H N N 285 
MET HG2  H N N 286 
MET HG3  H N N 287 
MET HE1  H N N 288 
MET HE2  H N N 289 
MET HE3  H N N 290 
MET HXT  H N N 291 
PHE N    N N N 292 
PHE CA   C N S 293 
PHE C    C N N 294 
PHE O    O N N 295 
PHE CB   C N N 296 
PHE CG   C Y N 297 
PHE CD1  C Y N 298 
PHE CD2  C Y N 299 
PHE CE1  C Y N 300 
PHE CE2  C Y N 301 
PHE CZ   C Y N 302 
PHE OXT  O N N 303 
PHE H    H N N 304 
PHE H2   H N N 305 
PHE HA   H N N 306 
PHE HB2  H N N 307 
PHE HB3  H N N 308 
PHE HD1  H N N 309 
PHE HD2  H N N 310 
PHE HE1  H N N 311 
PHE HE2  H N N 312 
PHE HZ   H N N 313 
PHE HXT  H N N 314 
PRO N    N N N 315 
PRO CA   C N S 316 
PRO C    C N N 317 
PRO O    O N N 318 
PRO CB   C N N 319 
PRO CG   C N N 320 
PRO CD   C N N 321 
PRO OXT  O N N 322 
PRO H    H N N 323 
PRO HA   H N N 324 
PRO HB2  H N N 325 
PRO HB3  H N N 326 
PRO HG2  H N N 327 
PRO HG3  H N N 328 
PRO HD2  H N N 329 
PRO HD3  H N N 330 
PRO HXT  H N N 331 
SER N    N N N 332 
SER CA   C N S 333 
SER C    C N N 334 
SER O    O N N 335 
SER CB   C N N 336 
SER OG   O N N 337 
SER OXT  O N N 338 
SER H    H N N 339 
SER H2   H N N 340 
SER HA   H N N 341 
SER HB2  H N N 342 
SER HB3  H N N 343 
SER HG   H N N 344 
SER HXT  H N N 345 
THR N    N N N 346 
THR CA   C N S 347 
THR C    C N N 348 
THR O    O N N 349 
THR CB   C N R 350 
THR OG1  O N N 351 
THR CG2  C N N 352 
THR OXT  O N N 353 
THR H    H N N 354 
THR H2   H N N 355 
THR HA   H N N 356 
THR HB   H N N 357 
THR HG1  H N N 358 
THR HG21 H N N 359 
THR HG22 H N N 360 
THR HG23 H N N 361 
THR HXT  H N N 362 
TRP N    N N N 363 
TRP CA   C N S 364 
TRP C    C N N 365 
TRP O    O N N 366 
TRP CB   C N N 367 
TRP CG   C Y N 368 
TRP CD1  C Y N 369 
TRP CD2  C Y N 370 
TRP NE1  N Y N 371 
TRP CE2  C Y N 372 
TRP CE3  C Y N 373 
TRP CZ2  C Y N 374 
TRP CZ3  C Y N 375 
TRP CH2  C Y N 376 
TRP OXT  O N N 377 
TRP H    H N N 378 
TRP H2   H N N 379 
TRP HA   H N N 380 
TRP HB2  H N N 381 
TRP HB3  H N N 382 
TRP HD1  H N N 383 
TRP HE1  H N N 384 
TRP HE3  H N N 385 
TRP HZ2  H N N 386 
TRP HZ3  H N N 387 
TRP HH2  H N N 388 
TRP HXT  H N N 389 
TYR N    N N N 390 
TYR CA   C N S 391 
TYR C    C N N 392 
TYR O    O N N 393 
TYR CB   C N N 394 
TYR CG   C Y N 395 
TYR CD1  C Y N 396 
TYR CD2  C Y N 397 
TYR CE1  C Y N 398 
TYR CE2  C Y N 399 
TYR CZ   C Y N 400 
TYR OH   O N N 401 
TYR OXT  O N N 402 
TYR H    H N N 403 
TYR H2   H N N 404 
TYR HA   H N N 405 
TYR HB2  H N N 406 
TYR HB3  H N N 407 
TYR HD1  H N N 408 
TYR HD2  H N N 409 
TYR HE1  H N N 410 
TYR HE2  H N N 411 
TYR HH   H N N 412 
TYR HXT  H N N 413 
VAL N    N N N 414 
VAL CA   C N S 415 
VAL C    C N N 416 
VAL O    O N N 417 
VAL CB   C N N 418 
VAL CG1  C N N 419 
VAL CG2  C N N 420 
VAL OXT  O N N 421 
VAL H    H N N 422 
VAL H2   H N N 423 
VAL HA   H N N 424 
VAL HB   H N N 425 
VAL HG11 H N N 426 
VAL HG12 H N N 427 
VAL HG13 H N N 428 
VAL HG21 H N N 429 
VAL HG22 H N N 430 
VAL HG23 H N N 431 
VAL HXT  H N N 432 
# 
loop_
_chem_comp_bond.comp_id 
_chem_comp_bond.atom_id_1 
_chem_comp_bond.atom_id_2 
_chem_comp_bond.value_order 
_chem_comp_bond.pdbx_aromatic_flag 
_chem_comp_bond.pdbx_stereo_config 
_chem_comp_bond.pdbx_ordinal 
54U C11 C10  doub Y N 1   
54U C11 C12  sing Y N 2   
54U C10 C09  sing Y N 3   
54U C07 C08  sing N N 4   
54U C07 N06  sing N N 5   
54U O15 C12  sing N N 6   
54U C12 C13  doub Y N 7   
54U C08 N03  sing N N 8   
54U C09 N06  sing N N 9   
54U C09 C14  doub Y N 10  
54U C01 C02  sing N N 11  
54U N06 C05  sing N N 12  
54U N03 C02  sing N N 13  
54U N03 C04  sing N N 14  
54U C02 O16  doub N N 15  
54U C13 C14  sing Y N 16  
54U C05 C04  sing N N 17  
54U C10 H1   sing N N 18  
54U C13 H2   sing N N 19  
54U C01 H3   sing N N 20  
54U C01 H4   sing N N 21  
54U C01 H5   sing N N 22  
54U C04 H6   sing N N 23  
54U C05 H7   sing N N 24  
54U C07 H8   sing N N 25  
54U C07 H9   sing N N 26  
54U C08 H10  sing N N 27  
54U C08 H11  sing N N 28  
54U C11 H12  sing N N 29  
54U C14 H13  sing N N 30  
54U O15 H14  sing N N 31  
54U C04 H15  sing N N 32  
54U C05 H16  sing N N 33  
ALA N   CA   sing N N 34  
ALA N   H    sing N N 35  
ALA N   H2   sing N N 36  
ALA CA  C    sing N N 37  
ALA CA  CB   sing N N 38  
ALA CA  HA   sing N N 39  
ALA C   O    doub N N 40  
ALA C   OXT  sing N N 41  
ALA CB  HB1  sing N N 42  
ALA CB  HB2  sing N N 43  
ALA CB  HB3  sing N N 44  
ALA OXT HXT  sing N N 45  
ARG N   CA   sing N N 46  
ARG N   H    sing N N 47  
ARG N   H2   sing N N 48  
ARG CA  C    sing N N 49  
ARG CA  CB   sing N N 50  
ARG CA  HA   sing N N 51  
ARG C   O    doub N N 52  
ARG C   OXT  sing N N 53  
ARG CB  CG   sing N N 54  
ARG CB  HB2  sing N N 55  
ARG CB  HB3  sing N N 56  
ARG CG  CD   sing N N 57  
ARG CG  HG2  sing N N 58  
ARG CG  HG3  sing N N 59  
ARG CD  NE   sing N N 60  
ARG CD  HD2  sing N N 61  
ARG CD  HD3  sing N N 62  
ARG NE  CZ   sing N N 63  
ARG NE  HE   sing N N 64  
ARG CZ  NH1  sing N N 65  
ARG CZ  NH2  doub N N 66  
ARG NH1 HH11 sing N N 67  
ARG NH1 HH12 sing N N 68  
ARG NH2 HH21 sing N N 69  
ARG NH2 HH22 sing N N 70  
ARG OXT HXT  sing N N 71  
ASN N   CA   sing N N 72  
ASN N   H    sing N N 73  
ASN N   H2   sing N N 74  
ASN CA  C    sing N N 75  
ASN CA  CB   sing N N 76  
ASN CA  HA   sing N N 77  
ASN C   O    doub N N 78  
ASN C   OXT  sing N N 79  
ASN CB  CG   sing N N 80  
ASN CB  HB2  sing N N 81  
ASN CB  HB3  sing N N 82  
ASN CG  OD1  doub N N 83  
ASN CG  ND2  sing N N 84  
ASN ND2 HD21 sing N N 85  
ASN ND2 HD22 sing N N 86  
ASN OXT HXT  sing N N 87  
ASP N   CA   sing N N 88  
ASP N   H    sing N N 89  
ASP N   H2   sing N N 90  
ASP CA  C    sing N N 91  
ASP CA  CB   sing N N 92  
ASP CA  HA   sing N N 93  
ASP C   O    doub N N 94  
ASP C   OXT  sing N N 95  
ASP CB  CG   sing N N 96  
ASP CB  HB2  sing N N 97  
ASP CB  HB3  sing N N 98  
ASP CG  OD1  doub N N 99  
ASP CG  OD2  sing N N 100 
ASP OD2 HD2  sing N N 101 
ASP OXT HXT  sing N N 102 
CYS N   CA   sing N N 103 
CYS N   H    sing N N 104 
CYS N   H2   sing N N 105 
CYS CA  C    sing N N 106 
CYS CA  CB   sing N N 107 
CYS CA  HA   sing N N 108 
CYS C   O    doub N N 109 
CYS C   OXT  sing N N 110 
CYS CB  SG   sing N N 111 
CYS CB  HB2  sing N N 112 
CYS CB  HB3  sing N N 113 
CYS SG  HG   sing N N 114 
CYS OXT HXT  sing N N 115 
EDO C1  O1   sing N N 116 
EDO C1  C2   sing N N 117 
EDO C1  H11  sing N N 118 
EDO C1  H12  sing N N 119 
EDO O1  HO1  sing N N 120 
EDO C2  O2   sing N N 121 
EDO C2  H21  sing N N 122 
EDO C2  H22  sing N N 123 
EDO O2  HO2  sing N N 124 
GLN N   CA   sing N N 125 
GLN N   H    sing N N 126 
GLN N   H2   sing N N 127 
GLN CA  C    sing N N 128 
GLN CA  CB   sing N N 129 
GLN CA  HA   sing N N 130 
GLN C   O    doub N N 131 
GLN C   OXT  sing N N 132 
GLN CB  CG   sing N N 133 
GLN CB  HB2  sing N N 134 
GLN CB  HB3  sing N N 135 
GLN CG  CD   sing N N 136 
GLN CG  HG2  sing N N 137 
GLN CG  HG3  sing N N 138 
GLN CD  OE1  doub N N 139 
GLN CD  NE2  sing N N 140 
GLN NE2 HE21 sing N N 141 
GLN NE2 HE22 sing N N 142 
GLN OXT HXT  sing N N 143 
GLU N   CA   sing N N 144 
GLU N   H    sing N N 145 
GLU N   H2   sing N N 146 
GLU CA  C    sing N N 147 
GLU CA  CB   sing N N 148 
GLU CA  HA   sing N N 149 
GLU C   O    doub N N 150 
GLU C   OXT  sing N N 151 
GLU CB  CG   sing N N 152 
GLU CB  HB2  sing N N 153 
GLU CB  HB3  sing N N 154 
GLU CG  CD   sing N N 155 
GLU CG  HG2  sing N N 156 
GLU CG  HG3  sing N N 157 
GLU CD  OE1  doub N N 158 
GLU CD  OE2  sing N N 159 
GLU OE2 HE2  sing N N 160 
GLU OXT HXT  sing N N 161 
GLY N   CA   sing N N 162 
GLY N   H    sing N N 163 
GLY N   H2   sing N N 164 
GLY CA  C    sing N N 165 
GLY CA  HA2  sing N N 166 
GLY CA  HA3  sing N N 167 
GLY C   O    doub N N 168 
GLY C   OXT  sing N N 169 
GLY OXT HXT  sing N N 170 
HIS N   CA   sing N N 171 
HIS N   H    sing N N 172 
HIS N   H2   sing N N 173 
HIS CA  C    sing N N 174 
HIS CA  CB   sing N N 175 
HIS CA  HA   sing N N 176 
HIS C   O    doub N N 177 
HIS C   OXT  sing N N 178 
HIS CB  CG   sing N N 179 
HIS CB  HB2  sing N N 180 
HIS CB  HB3  sing N N 181 
HIS CG  ND1  sing Y N 182 
HIS CG  CD2  doub Y N 183 
HIS ND1 CE1  doub Y N 184 
HIS ND1 HD1  sing N N 185 
HIS CD2 NE2  sing Y N 186 
HIS CD2 HD2  sing N N 187 
HIS CE1 NE2  sing Y N 188 
HIS CE1 HE1  sing N N 189 
HIS NE2 HE2  sing N N 190 
HIS OXT HXT  sing N N 191 
HOH O   H1   sing N N 192 
HOH O   H2   sing N N 193 
ILE N   CA   sing N N 194 
ILE N   H    sing N N 195 
ILE N   H2   sing N N 196 
ILE CA  C    sing N N 197 
ILE CA  CB   sing N N 198 
ILE CA  HA   sing N N 199 
ILE C   O    doub N N 200 
ILE C   OXT  sing N N 201 
ILE CB  CG1  sing N N 202 
ILE CB  CG2  sing N N 203 
ILE CB  HB   sing N N 204 
ILE CG1 CD1  sing N N 205 
ILE CG1 HG12 sing N N 206 
ILE CG1 HG13 sing N N 207 
ILE CG2 HG21 sing N N 208 
ILE CG2 HG22 sing N N 209 
ILE CG2 HG23 sing N N 210 
ILE CD1 HD11 sing N N 211 
ILE CD1 HD12 sing N N 212 
ILE CD1 HD13 sing N N 213 
ILE OXT HXT  sing N N 214 
LEU N   CA   sing N N 215 
LEU N   H    sing N N 216 
LEU N   H2   sing N N 217 
LEU CA  C    sing N N 218 
LEU CA  CB   sing N N 219 
LEU CA  HA   sing N N 220 
LEU C   O    doub N N 221 
LEU C   OXT  sing N N 222 
LEU CB  CG   sing N N 223 
LEU CB  HB2  sing N N 224 
LEU CB  HB3  sing N N 225 
LEU CG  CD1  sing N N 226 
LEU CG  CD2  sing N N 227 
LEU CG  HG   sing N N 228 
LEU CD1 HD11 sing N N 229 
LEU CD1 HD12 sing N N 230 
LEU CD1 HD13 sing N N 231 
LEU CD2 HD21 sing N N 232 
LEU CD2 HD22 sing N N 233 
LEU CD2 HD23 sing N N 234 
LEU OXT HXT  sing N N 235 
LYS N   CA   sing N N 236 
LYS N   H    sing N N 237 
LYS N   H2   sing N N 238 
LYS CA  C    sing N N 239 
LYS CA  CB   sing N N 240 
LYS CA  HA   sing N N 241 
LYS C   O    doub N N 242 
LYS C   OXT  sing N N 243 
LYS CB  CG   sing N N 244 
LYS CB  HB2  sing N N 245 
LYS CB  HB3  sing N N 246 
LYS CG  CD   sing N N 247 
LYS CG  HG2  sing N N 248 
LYS CG  HG3  sing N N 249 
LYS CD  CE   sing N N 250 
LYS CD  HD2  sing N N 251 
LYS CD  HD3  sing N N 252 
LYS CE  NZ   sing N N 253 
LYS CE  HE2  sing N N 254 
LYS CE  HE3  sing N N 255 
LYS NZ  HZ1  sing N N 256 
LYS NZ  HZ2  sing N N 257 
LYS NZ  HZ3  sing N N 258 
LYS OXT HXT  sing N N 259 
MET N   CA   sing N N 260 
MET N   H    sing N N 261 
MET N   H2   sing N N 262 
MET CA  C    sing N N 263 
MET CA  CB   sing N N 264 
MET CA  HA   sing N N 265 
MET C   O    doub N N 266 
MET C   OXT  sing N N 267 
MET CB  CG   sing N N 268 
MET CB  HB2  sing N N 269 
MET CB  HB3  sing N N 270 
MET CG  SD   sing N N 271 
MET CG  HG2  sing N N 272 
MET CG  HG3  sing N N 273 
MET SD  CE   sing N N 274 
MET CE  HE1  sing N N 275 
MET CE  HE2  sing N N 276 
MET CE  HE3  sing N N 277 
MET OXT HXT  sing N N 278 
PHE N   CA   sing N N 279 
PHE N   H    sing N N 280 
PHE N   H2   sing N N 281 
PHE CA  C    sing N N 282 
PHE CA  CB   sing N N 283 
PHE CA  HA   sing N N 284 
PHE C   O    doub N N 285 
PHE C   OXT  sing N N 286 
PHE CB  CG   sing N N 287 
PHE CB  HB2  sing N N 288 
PHE CB  HB3  sing N N 289 
PHE CG  CD1  doub Y N 290 
PHE CG  CD2  sing Y N 291 
PHE CD1 CE1  sing Y N 292 
PHE CD1 HD1  sing N N 293 
PHE CD2 CE2  doub Y N 294 
PHE CD2 HD2  sing N N 295 
PHE CE1 CZ   doub Y N 296 
PHE CE1 HE1  sing N N 297 
PHE CE2 CZ   sing Y N 298 
PHE CE2 HE2  sing N N 299 
PHE CZ  HZ   sing N N 300 
PHE OXT HXT  sing N N 301 
PRO N   CA   sing N N 302 
PRO N   CD   sing N N 303 
PRO N   H    sing N N 304 
PRO CA  C    sing N N 305 
PRO CA  CB   sing N N 306 
PRO CA  HA   sing N N 307 
PRO C   O    doub N N 308 
PRO C   OXT  sing N N 309 
PRO CB  CG   sing N N 310 
PRO CB  HB2  sing N N 311 
PRO CB  HB3  sing N N 312 
PRO CG  CD   sing N N 313 
PRO CG  HG2  sing N N 314 
PRO CG  HG3  sing N N 315 
PRO CD  HD2  sing N N 316 
PRO CD  HD3  sing N N 317 
PRO OXT HXT  sing N N 318 
SER N   CA   sing N N 319 
SER N   H    sing N N 320 
SER N   H2   sing N N 321 
SER CA  C    sing N N 322 
SER CA  CB   sing N N 323 
SER CA  HA   sing N N 324 
SER C   O    doub N N 325 
SER C   OXT  sing N N 326 
SER CB  OG   sing N N 327 
SER CB  HB2  sing N N 328 
SER CB  HB3  sing N N 329 
SER OG  HG   sing N N 330 
SER OXT HXT  sing N N 331 
THR N   CA   sing N N 332 
THR N   H    sing N N 333 
THR N   H2   sing N N 334 
THR CA  C    sing N N 335 
THR CA  CB   sing N N 336 
THR CA  HA   sing N N 337 
THR C   O    doub N N 338 
THR C   OXT  sing N N 339 
THR CB  OG1  sing N N 340 
THR CB  CG2  sing N N 341 
THR CB  HB   sing N N 342 
THR OG1 HG1  sing N N 343 
THR CG2 HG21 sing N N 344 
THR CG2 HG22 sing N N 345 
THR CG2 HG23 sing N N 346 
THR OXT HXT  sing N N 347 
TRP N   CA   sing N N 348 
TRP N   H    sing N N 349 
TRP N   H2   sing N N 350 
TRP CA  C    sing N N 351 
TRP CA  CB   sing N N 352 
TRP CA  HA   sing N N 353 
TRP C   O    doub N N 354 
TRP C   OXT  sing N N 355 
TRP CB  CG   sing N N 356 
TRP CB  HB2  sing N N 357 
TRP CB  HB3  sing N N 358 
TRP CG  CD1  doub Y N 359 
TRP CG  CD2  sing Y N 360 
TRP CD1 NE1  sing Y N 361 
TRP CD1 HD1  sing N N 362 
TRP CD2 CE2  doub Y N 363 
TRP CD2 CE3  sing Y N 364 
TRP NE1 CE2  sing Y N 365 
TRP NE1 HE1  sing N N 366 
TRP CE2 CZ2  sing Y N 367 
TRP CE3 CZ3  doub Y N 368 
TRP CE3 HE3  sing N N 369 
TRP CZ2 CH2  doub Y N 370 
TRP CZ2 HZ2  sing N N 371 
TRP CZ3 CH2  sing Y N 372 
TRP CZ3 HZ3  sing N N 373 
TRP CH2 HH2  sing N N 374 
TRP OXT HXT  sing N N 375 
TYR N   CA   sing N N 376 
TYR N   H    sing N N 377 
TYR N   H2   sing N N 378 
TYR CA  C    sing N N 379 
TYR CA  CB   sing N N 380 
TYR CA  HA   sing N N 381 
TYR C   O    doub N N 382 
TYR C   OXT  sing N N 383 
TYR CB  CG   sing N N 384 
TYR CB  HB2  sing N N 385 
TYR CB  HB3  sing N N 386 
TYR CG  CD1  doub Y N 387 
TYR CG  CD2  sing Y N 388 
TYR CD1 CE1  sing Y N 389 
TYR CD1 HD1  sing N N 390 
TYR CD2 CE2  doub Y N 391 
TYR CD2 HD2  sing N N 392 
TYR CE1 CZ   doub Y N 393 
TYR CE1 HE1  sing N N 394 
TYR CE2 CZ   sing Y N 395 
TYR CE2 HE2  sing N N 396 
TYR CZ  OH   sing N N 397 
TYR OH  HH   sing N N 398 
TYR OXT HXT  sing N N 399 
VAL N   CA   sing N N 400 
VAL N   H    sing N N 401 
VAL N   H2   sing N N 402 
VAL CA  C    sing N N 403 
VAL CA  CB   sing N N 404 
VAL CA  HA   sing N N 405 
VAL C   O    doub N N 406 
VAL C   OXT  sing N N 407 
VAL CB  CG1  sing N N 408 
VAL CB  CG2  sing N N 409 
VAL CB  HB   sing N N 410 
VAL CG1 HG11 sing N N 411 
VAL CG1 HG12 sing N N 412 
VAL CG1 HG13 sing N N 413 
VAL CG2 HG21 sing N N 414 
VAL CG2 HG22 sing N N 415 
VAL CG2 HG23 sing N N 416 
VAL OXT HXT  sing N N 417 
# 
_atom_sites.entry_id                    5CUA 
_atom_sites.fract_transf_matrix[1][1]   -0.00287379 
_atom_sites.fract_transf_matrix[1][2]   0.00569416 
_atom_sites.fract_transf_matrix[1][3]   -0.01038582 
_atom_sites.fract_transf_matrix[2][1]   -0.00380130 
_atom_sites.fract_transf_matrix[2][2]   -0.00875764 
_atom_sites.fract_transf_matrix[2][3]   -0.00374966 
_atom_sites.fract_transf_matrix[3][1]   -0.01540781 
_atom_sites.fract_transf_matrix[3][2]   0.00393801 
_atom_sites.fract_transf_matrix[3][3]   0.00642247 
_atom_sites.fract_transf_vector[1]      0.284497 
_atom_sites.fract_transf_vector[2]      0.293986 
_atom_sites.fract_transf_vector[3]      0.462881 
# 
loop_
_atom_type.symbol 
C 
N 
O 
S 
# 
loop_
_atom_site.group_PDB 
_atom_site.id 
_atom_site.type_symbol 
_atom_site.label_atom_id 
_atom_site.label_alt_id 
_atom_site.label_comp_id 
_atom_site.label_asym_id 
_atom_site.label_entity_id 
_atom_site.label_seq_id 
_atom_site.pdbx_PDB_ins_code 
_atom_site.Cartn_x 
_atom_site.Cartn_y 
_atom_site.Cartn_z 
_atom_site.occupancy 
_atom_site.B_iso_or_equiv 
_atom_site.pdbx_formal_charge 
_atom_site.auth_seq_id 
_atom_site.auth_comp_id 
_atom_site.auth_asym_id 
_atom_site.auth_atom_id 
_atom_site.pdbx_PDB_model_num 
ATOM   1    N N   . SER A 1 4   ? 5.721   18.712  -24.543 1.00 41.10 ? 1856 SER A N   1 
ATOM   2    C CA  . SER A 1 4   ? 6.497   18.163  -25.652 1.00 42.46 ? 1856 SER A CA  1 
ATOM   3    C C   . SER A 1 4   ? 7.904   18.771  -25.645 1.00 42.67 ? 1856 SER A C   1 
ATOM   4    O O   . SER A 1 4   ? 8.228   19.559  -24.760 1.00 41.51 ? 1856 SER A O   1 
ATOM   5    C CB  . SER A 1 4   ? 5.782   18.425  -26.983 1.00 34.34 ? 1856 SER A CB  1 
ATOM   6    O OG  . SER A 1 4   ? 5.797   19.801  -27.318 1.00 35.37 ? 1856 SER A OG  1 
ATOM   7    N N   . MET A 1 5   ? 8.723   18.407  -26.631 1.00 39.31 ? 1857 MET A N   1 
ATOM   8    C CA  . MET A 1 5   ? 10.120  18.837  -26.715 1.00 39.15 ? 1857 MET A CA  1 
ATOM   9    C C   . MET A 1 5   ? 10.330  20.338  -26.499 1.00 40.97 ? 1857 MET A C   1 
ATOM   10   O O   . MET A 1 5   ? 9.853   21.170  -27.285 1.00 36.16 ? 1857 MET A O   1 
ATOM   11   C CB  . MET A 1 5   ? 10.712  18.441  -28.082 1.00 39.56 ? 1857 MET A CB  1 
ATOM   12   C CG  . MET A 1 5   ? 12.238  18.316  -28.096 1.00 36.91 ? 1857 MET A CG  1 
ATOM   13   S SD  . MET A 1 5   ? 13.004  18.109  -29.737 1.00 34.72 ? 1857 MET A SD  1 
ATOM   14   C CE  . MET A 1 5   ? 11.991  16.804  -30.403 1.00 35.07 ? 1857 MET A CE  1 
ATOM   15   N N   . SER A 1 6   ? 11.059  20.670  -25.433 1.00 38.46 ? 1858 SER A N   1 
ATOM   16   C CA  . SER A 1 6   ? 11.349  22.059  -25.060 1.00 40.11 ? 1858 SER A CA  1 
ATOM   17   C C   . SER A 1 6   ? 10.093  22.840  -24.670 1.00 43.21 ? 1858 SER A C   1 
ATOM   18   O O   . SER A 1 6   ? 10.051  24.069  -24.792 1.00 47.52 ? 1858 SER A O   1 
ATOM   19   C CB  . SER A 1 6   ? 12.066  22.799  -26.191 1.00 43.73 ? 1858 SER A CB  1 
ATOM   20   O OG  . SER A 1 6   ? 13.259  22.135  -26.565 1.00 42.32 ? 1858 SER A OG  1 
ATOM   21   N N   . VAL A 1 7   ? 9.070   22.134  -24.206 1.00 40.06 ? 1859 VAL A N   1 
ATOM   22   C CA  . VAL A 1 7   ? 7.858   22.785  -23.716 1.00 44.86 ? 1859 VAL A CA  1 
ATOM   23   C C   . VAL A 1 7   ? 7.475   22.123  -22.401 1.00 44.16 ? 1859 VAL A C   1 
ATOM   24   O O   . VAL A 1 7   ? 6.794   21.096  -22.389 1.00 43.34 ? 1859 VAL A O   1 
ATOM   25   C CB  . VAL A 1 7   ? 6.686   22.695  -24.743 1.00 42.03 ? 1859 VAL A CB  1 
ATOM   26   C CG1 . VAL A 1 7   ? 5.400   23.310  -24.170 1.00 42.49 ? 1859 VAL A CG1 1 
ATOM   27   C CG2 . VAL A 1 7   ? 7.060   23.395  -26.022 1.00 37.76 ? 1859 VAL A CG2 1 
ATOM   28   N N   . LYS A 1 8   ? 7.940   22.700  -21.294 1.00 50.21 ? 1860 LYS A N   1 
ATOM   29   C CA  . LYS A 1 8   ? 7.779   22.075  -19.985 1.00 50.67 ? 1860 LYS A CA  1 
ATOM   30   C C   . LYS A 1 8   ? 6.584   22.623  -19.208 1.00 45.87 ? 1860 LYS A C   1 
ATOM   31   O O   . LYS A 1 8   ? 6.408   23.833  -19.105 1.00 42.97 ? 1860 LYS A O   1 
ATOM   32   C CB  . LYS A 1 8   ? 9.066   22.252  -19.159 1.00 54.58 ? 1860 LYS A CB  1 
ATOM   33   C CG  . LYS A 1 8   ? 9.594   23.681  -19.103 1.00 56.62 ? 1860 LYS A CG  1 
ATOM   34   C CD  . LYS A 1 8   ? 10.798  23.871  -18.174 1.00 63.60 ? 1860 LYS A CD  1 
ATOM   35   C CE  . LYS A 1 8   ? 11.448  25.250  -18.367 1.00 63.10 ? 1860 LYS A CE  1 
ATOM   36   N NZ  . LYS A 1 8   ? 11.677  25.590  -19.815 1.00 58.99 ? 1860 LYS A NZ  1 
ATOM   37   N N   . LYS A 1 9   ? 5.767   21.714  -18.685 1.00 48.02 ? 1861 LYS A N   1 
ATOM   38   C CA  . LYS A 1 9   ? 4.751   22.035  -17.693 1.00 49.33 ? 1861 LYS A CA  1 
ATOM   39   C C   . LYS A 1 9   ? 5.453   22.452  -16.395 1.00 52.22 ? 1861 LYS A C   1 
ATOM   40   O O   . LYS A 1 9   ? 6.533   21.944  -16.095 1.00 53.73 ? 1861 LYS A O   1 
ATOM   41   C CB  . LYS A 1 9   ? 3.837   20.824  -17.468 1.00 50.21 ? 1861 LYS A CB  1 
ATOM   42   C CG  . LYS A 1 9   ? 2.526   21.144  -16.761 1.00 54.73 ? 1861 LYS A CG  1 
ATOM   43   C CD  . LYS A 1 9   ? 1.651   19.911  -16.534 1.00 53.07 ? 1861 LYS A CD  1 
ATOM   44   C CE  . LYS A 1 9   ? 1.536   19.049  -17.780 1.00 54.04 ? 1861 LYS A CE  1 
ATOM   45   N NZ  . LYS A 1 9   ? 0.330   18.157  -17.707 1.00 60.03 ? 1861 LYS A NZ  1 
ATOM   46   N N   . PRO A 1 10  ? 4.864   23.391  -15.631 1.00 52.98 ? 1862 PRO A N   1 
ATOM   47   C CA  . PRO A 1 10  ? 5.507   23.799  -14.374 1.00 54.72 ? 1862 PRO A CA  1 
ATOM   48   C C   . PRO A 1 10  ? 5.705   22.637  -13.392 1.00 57.96 ? 1862 PRO A C   1 
ATOM   49   O O   . PRO A 1 10  ? 4.845   21.759  -13.278 1.00 54.97 ? 1862 PRO A O   1 
ATOM   50   C CB  . PRO A 1 10  ? 4.540   24.843  -13.813 1.00 55.51 ? 1862 PRO A CB  1 
ATOM   51   C CG  . PRO A 1 10  ? 3.930   25.450  -15.033 1.00 52.02 ? 1862 PRO A CG  1 
ATOM   52   C CD  . PRO A 1 10  ? 3.749   24.288  -15.983 1.00 53.50 ? 1862 PRO A CD  1 
ATOM   53   N N   . LYS A 1 11  ? 6.842   22.652  -12.700 1.00 59.23 ? 1863 LYS A N   1 
ATOM   54   C CA  . LYS A 1 11  ? 7.297   21.508  -11.904 1.00 67.59 ? 1863 LYS A CA  1 
ATOM   55   C C   . LYS A 1 11  ? 6.718   21.475  -10.484 1.00 62.79 ? 1863 LYS A C   1 
ATOM   56   O O   . LYS A 1 11  ? 7.026   22.339  -9.663  1.00 63.84 ? 1863 LYS A O   1 
ATOM   57   C CB  . LYS A 1 11  ? 8.833   21.501  -11.834 1.00 63.50 ? 1863 LYS A CB  1 
ATOM   58   N N   . ARG A 1 12  ? 5.884   20.475  -10.203 1.00 59.54 ? 1864 ARG A N   1 
ATOM   59   C CA  . ARG A 1 12  ? 5.426   20.218  -8.837  1.00 59.61 ? 1864 ARG A CA  1 
ATOM   60   C C   . ARG A 1 12  ? 6.606   19.839  -7.928  1.00 55.56 ? 1864 ARG A C   1 
ATOM   61   O O   . ARG A 1 12  ? 7.463   19.049  -8.323  1.00 55.43 ? 1864 ARG A O   1 
ATOM   62   C CB  . ARG A 1 12  ? 4.377   19.110  -8.835  1.00 59.61 ? 1864 ARG A CB  1 
ATOM   63   C CG  . ARG A 1 12  ? 3.937   18.704  -7.455  1.00 54.08 ? 1864 ARG A CG  1 
ATOM   64   C CD  . ARG A 1 12  ? 3.198   17.365  -7.420  1.00 53.17 ? 1864 ARG A CD  1 
ATOM   65   N NE  . ARG A 1 12  ? 3.091   16.927  -6.031  1.00 48.83 ? 1864 ARG A NE  1 
ATOM   66   C CZ  . ARG A 1 12  ? 3.980   16.133  -5.438  1.00 49.60 ? 1864 ARG A CZ  1 
ATOM   67   N NH1 . ARG A 1 12  ? 5.003   15.650  -6.129  1.00 45.18 ? 1864 ARG A NH1 1 
ATOM   68   N NH2 . ARG A 1 12  ? 3.836   15.805  -4.161  1.00 45.55 ? 1864 ARG A NH2 1 
ATOM   69   N N   . ASP A 1 13  ? 6.670   20.413  -6.726  1.00 54.99 ? 1865 ASP A N   1 
ATOM   70   C CA  . ASP A 1 13  ? 7.779   20.130  -5.803  1.00 55.54 ? 1865 ASP A CA  1 
ATOM   71   C C   . ASP A 1 13  ? 7.644   18.726  -5.192  1.00 51.36 ? 1865 ASP A C   1 
ATOM   72   O O   . ASP A 1 13  ? 6.686   18.446  -4.468  1.00 47.41 ? 1865 ASP A O   1 
ATOM   73   C CB  . ASP A 1 13  ? 7.849   21.194  -4.695  1.00 54.57 ? 1865 ASP A CB  1 
ATOM   74   C CG  . ASP A 1 13  ? 9.044   20.998  -3.759  1.00 56.08 ? 1865 ASP A CG  1 
ATOM   75   O OD1 . ASP A 1 13  ? 9.976   20.245  -4.114  1.00 55.62 ? 1865 ASP A OD1 1 
ATOM   76   O OD2 . ASP A 1 13  ? 9.062   21.615  -2.670  1.00 61.92 ? 1865 ASP A OD2 1 
ATOM   77   N N   . ASP A 1 14  ? 8.607   17.853  -5.479  1.00 47.10 ? 1866 ASP A N   1 
ATOM   78   C CA  . ASP A 1 14  ? 8.506   16.451  -5.073  1.00 50.85 ? 1866 ASP A CA  1 
ATOM   79   C C   . ASP A 1 14  ? 9.577   16.044  -4.062  1.00 47.53 ? 1866 ASP A C   1 
ATOM   80   O O   . ASP A 1 14  ? 9.740   14.855  -3.761  1.00 44.38 ? 1866 ASP A O   1 
ATOM   81   C CB  . ASP A 1 14  ? 8.601   15.540  -6.299  1.00 47.72 ? 1866 ASP A CB  1 
ATOM   82   C CG  . ASP A 1 14  ? 9.948   15.631  -6.982  1.00 49.38 ? 1866 ASP A CG  1 
ATOM   83   O OD1 . ASP A 1 14  ? 10.685  16.607  -6.733  1.00 53.66 ? 1866 ASP A OD1 1 
ATOM   84   O OD2 . ASP A 1 14  ? 10.273  14.726  -7.771  1.00 54.77 ? 1866 ASP A OD2 1 
ATOM   85   N N   . SER A 1 15  ? 10.306  17.030  -3.549  1.00 46.82 ? 1867 SER A N   1 
ATOM   86   C CA  . SER A 1 15  ? 11.481  16.763  -2.721  1.00 47.16 ? 1867 SER A CA  1 
ATOM   87   C C   . SER A 1 15  ? 11.143  16.121  -1.375  1.00 41.90 ? 1867 SER A C   1 
ATOM   88   O O   . SER A 1 15  ? 11.988  15.457  -0.777  1.00 46.10 ? 1867 SER A O   1 
ATOM   89   C CB  . SER A 1 15  ? 12.267  18.058  -2.493  1.00 46.98 ? 1867 SER A CB  1 
ATOM   90   O OG  . SER A 1 15  ? 11.413  19.093  -2.037  1.00 51.18 ? 1867 SER A OG  1 
ATOM   91   N N   . LYS A 1 16  ? 9.913   16.303  -0.909  1.00 44.32 ? 1868 LYS A N   1 
ATOM   92   C CA  . LYS A 1 16  ? 9.514   15.752  0.382   1.00 44.18 ? 1868 LYS A CA  1 
ATOM   93   C C   . LYS A 1 16  ? 8.675   14.480  0.257   1.00 40.45 ? 1868 LYS A C   1 
ATOM   94   O O   . LYS A 1 16  ? 8.190   13.969  1.259   1.00 40.24 ? 1868 LYS A O   1 
ATOM   95   C CB  . LYS A 1 16  ? 8.737   16.796  1.189   1.00 45.32 ? 1868 LYS A CB  1 
ATOM   96   C CG  . LYS A 1 16  ? 9.575   18.010  1.607   1.00 49.91 ? 1868 LYS A CG  1 
ATOM   97   C CD  . LYS A 1 16  ? 8.782   18.937  2.515   1.00 52.45 ? 1868 LYS A CD  1 
ATOM   98   N N   . ASP A 1 17  ? 8.504   13.970  -0.960  1.00 40.63 ? 1869 ASP A N   1 
ATOM   99   C CA  . ASP A 1 17  ? 7.613   12.826  -1.176  1.00 38.14 ? 1869 ASP A CA  1 
ATOM   100  C C   . ASP A 1 17  ? 8.068   11.598  -0.391  1.00 37.01 ? 1869 ASP A C   1 
ATOM   101  O O   . ASP A 1 17  ? 7.253   10.930  0.253   1.00 33.62 ? 1869 ASP A O   1 
ATOM   102  C CB  . ASP A 1 17  ? 7.507   12.492  -2.675  1.00 37.50 ? 1869 ASP A CB  1 
ATOM   103  C CG  . ASP A 1 17  ? 6.691   13.527  -3.451  1.00 37.42 ? 1869 ASP A CG  1 
ATOM   104  O OD1 . ASP A 1 17  ? 6.149   14.454  -2.814  1.00 37.86 ? 1869 ASP A OD1 1 
ATOM   105  O OD2 . ASP A 1 17  ? 6.575   13.416  -4.696  1.00 42.08 ? 1869 ASP A OD2 1 
ATOM   106  N N   . LEU A 1 18  ? 9.368   11.326  -0.432  1.00 36.08 ? 1870 LEU A N   1 
ATOM   107  C CA  . LEU A 1 18  ? 9.938   10.156  0.224   1.00 39.71 ? 1870 LEU A CA  1 
ATOM   108  C C   . LEU A 1 18  ? 9.638   10.167  1.716   1.00 39.46 ? 1870 LEU A C   1 
ATOM   109  O O   . LEU A 1 18  ? 9.148   9.177   2.265   1.00 38.68 ? 1870 LEU A O   1 
ATOM   110  C CB  . LEU A 1 18  ? 11.445  10.086  -0.019  1.00 40.07 ? 1870 LEU A CB  1 
ATOM   111  C CG  . LEU A 1 18  ? 12.185  8.870   0.549   1.00 44.01 ? 1870 LEU A CG  1 
ATOM   112  C CD1 . LEU A 1 18  ? 11.671  7.571   -0.062  1.00 36.54 ? 1870 LEU A CD1 1 
ATOM   113  C CD2 . LEU A 1 18  ? 13.678  9.011   0.298   1.00 43.08 ? 1870 LEU A CD2 1 
ATOM   114  N N   . ALA A 1 19  ? 9.901   11.299  2.354   1.00 37.31 ? 1871 ALA A N   1 
ATOM   115  C CA  . ALA A 1 19  ? 9.657   11.469  3.780   1.00 36.82 ? 1871 ALA A CA  1 
ATOM   116  C C   . ALA A 1 19  ? 8.188   11.343  4.132   1.00 37.60 ? 1871 ALA A C   1 
ATOM   117  O O   . ALA A 1 19  ? 7.836   10.744  5.151   1.00 38.48 ? 1871 ALA A O   1 
ATOM   118  C CB  . ALA A 1 19  ? 10.189  12.827  4.245   1.00 36.14 ? 1871 ALA A CB  1 
ATOM   119  N N   . LEU A 1 20  ? 7.329   11.932  3.303   1.00 33.61 ? 1872 LEU A N   1 
ATOM   120  C CA  . LEU A 1 20  ? 5.885   11.882  3.525   1.00 36.13 ? 1872 LEU A CA  1 
ATOM   121  C C   . LEU A 1 20  ? 5.265   10.483  3.322   1.00 34.72 ? 1872 LEU A C   1 
ATOM   122  O O   . LEU A 1 20  ? 4.375   10.080  4.081   1.00 36.74 ? 1872 LEU A O   1 
ATOM   123  C CB  . LEU A 1 20  ? 5.186   12.890  2.619   1.00 35.84 ? 1872 LEU A CB  1 
ATOM   124  C CG  . LEU A 1 20  ? 5.492   14.347  2.986   1.00 40.38 ? 1872 LEU A CG  1 
ATOM   125  C CD1 . LEU A 1 20  ? 5.074   15.294  1.866   1.00 39.99 ? 1872 LEU A CD1 1 
ATOM   126  C CD2 . LEU A 1 20  ? 4.792   14.705  4.275   1.00 37.56 ? 1872 LEU A CD2 1 
ATOM   127  N N   . CYS A 1 21  ? 5.713   9.751   2.309   1.00 30.90 ? 1873 CYS A N   1 
ATOM   128  C CA  . CYS A 1 21  ? 5.243   8.369   2.132   1.00 31.64 ? 1873 CYS A CA  1 
ATOM   129  C C   . CYS A 1 21  ? 5.680   7.477   3.290   1.00 32.10 ? 1873 CYS A C   1 
ATOM   130  O O   . CYS A 1 21  ? 4.920   6.603   3.724   1.00 30.08 ? 1873 CYS A O   1 
ATOM   131  C CB  . CYS A 1 21  ? 5.750   7.775   0.824   1.00 29.19 ? 1873 CYS A CB  1 
ATOM   132  S SG  . CYS A 1 21  ? 4.958   8.481   -0.654  1.00 32.30 ? 1873 CYS A SG  1 
ATOM   133  N N   . SER A 1 22  ? 6.902   7.692   3.776   1.00 34.29 ? 1874 SER A N   1 
ATOM   134  C CA  . SER A 1 22  ? 7.406   6.954   4.940   1.00 35.78 ? 1874 SER A CA  1 
ATOM   135  C C   . SER A 1 22  ? 6.540   7.217   6.189   1.00 34.90 ? 1874 SER A C   1 
ATOM   136  O O   . SER A 1 22  ? 6.264   6.291   6.965   1.00 35.92 ? 1874 SER A O   1 
ATOM   137  C CB  . SER A 1 22  ? 8.873   7.313   5.202   1.00 35.69 ? 1874 SER A CB  1 
ATOM   138  O OG  . SER A 1 22  ? 9.369   6.668   6.360   1.00 41.10 ? 1874 SER A OG  1 
ATOM   139  N N   . MET A 1 23  ? 6.113   8.464   6.388   1.00 33.80 ? 1875 MET A N   1 
ATOM   140  C CA  . MET A 1 23  ? 5.245   8.810   7.517   1.00 38.26 ? 1875 MET A CA  1 
ATOM   141  C C   . MET A 1 23  ? 3.875   8.151   7.412   1.00 36.83 ? 1875 MET A C   1 
ATOM   142  O O   . MET A 1 23  ? 3.346   7.632   8.395   1.00 35.67 ? 1875 MET A O   1 
ATOM   143  C CB  . MET A 1 23  ? 5.070   10.328  7.631   1.00 37.88 ? 1875 MET A CB  1 
ATOM   144  C CG  . MET A 1 23  ? 6.292   11.042  8.190   1.00 52.93 ? 1875 MET A CG  1 
ATOM   145  S SD  . MET A 1 23  ? 6.116   12.846  8.304   1.00 63.87 ? 1875 MET A SD  1 
ATOM   146  C CE  . MET A 1 23  ? 4.738   12.998  9.443   1.00 58.28 ? 1875 MET A CE  1 
ATOM   147  N N   . ILE A 1 24  ? 3.293   8.192   6.220   1.00 32.57 ? 1876 ILE A N   1 
ATOM   148  C CA  . ILE A 1 24  ? 2.009   7.548   5.968   1.00 32.49 ? 1876 ILE A CA  1 
ATOM   149  C C   . ILE A 1 24  ? 2.131   6.032   6.194   1.00 33.04 ? 1876 ILE A C   1 
ATOM   150  O O   . ILE A 1 24  ? 1.263   5.410   6.817   1.00 32.01 ? 1876 ILE A O   1 
ATOM   151  C CB  . ILE A 1 24  ? 1.512   7.850   4.538   1.00 32.00 ? 1876 ILE A CB  1 
ATOM   152  C CG1 . ILE A 1 24  ? 1.217   9.343   4.393   1.00 32.64 ? 1876 ILE A CG1 1 
ATOM   153  C CG2 . ILE A 1 24  ? 0.249   7.055   4.223   1.00 31.16 ? 1876 ILE A CG2 1 
ATOM   154  C CD1 . ILE A 1 24  ? 0.787   9.756   2.983   1.00 33.45 ? 1876 ILE A CD1 1 
ATOM   155  N N   . LEU A 1 25  ? 3.233   5.454   5.732   1.00 30.69 ? 1877 LEU A N   1 
ATOM   156  C CA  . LEU A 1 25  ? 3.443   4.022   5.901   1.00 33.07 ? 1877 LEU A CA  1 
ATOM   157  C C   . LEU A 1 25  ? 3.557   3.691   7.385   1.00 32.74 ? 1877 LEU A C   1 
ATOM   158  O O   . LEU A 1 25  ? 2.994   2.699   7.832   1.00 27.68 ? 1877 LEU A O   1 
ATOM   159  C CB  . LEU A 1 25  ? 4.679   3.538   5.145   1.00 30.08 ? 1877 LEU A CB  1 
ATOM   160  C CG  . LEU A 1 25  ? 4.873   2.013   5.086   1.00 29.23 ? 1877 LEU A CG  1 
ATOM   161  C CD1 . LEU A 1 25  ? 3.661   1.312   4.523   1.00 27.25 ? 1877 LEU A CD1 1 
ATOM   162  C CD2 . LEU A 1 25  ? 6.104   1.673   4.262   1.00 30.78 ? 1877 LEU A CD2 1 
ATOM   163  N N   . THR A 1 26  ? 4.244   4.548   8.149   1.00 31.71 ? 1878 THR A N   1 
ATOM   164  C CA  . THR A 1 26  ? 4.395   4.331   9.595   1.00 33.10 ? 1878 THR A CA  1 
ATOM   165  C C   . THR A 1 26  ? 3.053   4.351   10.301  1.00 34.50 ? 1878 THR A C   1 
ATOM   166  O O   . THR A 1 26  ? 2.773   3.504   11.163  1.00 35.67 ? 1878 THR A O   1 
ATOM   167  C CB  . THR A 1 26  ? 5.307   5.382   10.258  1.00 36.20 ? 1878 THR A CB  1 
ATOM   168  O OG1 . THR A 1 26  ? 6.645   5.224   9.785   1.00 34.13 ? 1878 THR A OG1 1 
ATOM   169  C CG2 . THR A 1 26  ? 5.288   5.209   11.776  1.00 37.16 ? 1878 THR A CG2 1 
ATOM   170  N N   . GLU A 1 27  ? 2.213   5.308   9.933   1.00 30.33 ? 1879 GLU A N   1 
ATOM   171  C CA  . GLU A 1 27  ? 0.882   5.392   10.505  1.00 32.16 ? 1879 GLU A CA  1 
ATOM   172  C C   . GLU A 1 27  ? 0.041   4.164   10.155  1.00 34.73 ? 1879 GLU A C   1 
ATOM   173  O O   . GLU A 1 27  ? -0.760  3.704   10.964  1.00 32.33 ? 1879 GLU A O   1 
ATOM   174  C CB  . GLU A 1 27  ? 0.184   6.675   10.043  1.00 36.68 ? 1879 GLU A CB  1 
ATOM   175  C CG  . GLU A 1 27  ? 0.806   7.911   10.665  1.00 41.86 ? 1879 GLU A CG  1 
ATOM   176  C CD  . GLU A 1 27  ? 0.445   9.212   9.968   1.00 52.09 ? 1879 GLU A CD  1 
ATOM   177  O OE1 . GLU A 1 27  ? -0.339  9.198   8.997   1.00 52.00 ? 1879 GLU A OE1 1 
ATOM   178  O OE2 . GLU A 1 27  ? 0.977   10.260  10.394  1.00 63.25 ? 1879 GLU A OE2 1 
ATOM   179  N N   . MET A 1 28  ? 0.207   3.630   8.955   1.00 30.79 ? 1880 MET A N   1 
ATOM   180  C CA  . MET A 1 28  ? -0.546  2.433   8.617   1.00 32.51 ? 1880 MET A CA  1 
ATOM   181  C C   . MET A 1 28  ? 0.018   1.208   9.347   1.00 31.59 ? 1880 MET A C   1 
ATOM   182  O O   . MET A 1 28  ? -0.742  0.373   9.838   1.00 33.24 ? 1880 MET A O   1 
ATOM   183  C CB  . MET A 1 28  ? -0.576  2.251   7.106   1.00 32.49 ? 1880 MET A CB  1 
ATOM   184  C CG  . MET A 1 28  ? -1.638  3.170   6.427   1.00 30.42 ? 1880 MET A CG  1 
ATOM   185  S SD  . MET A 1 28  ? -1.845  2.616   4.757   1.00 49.68 ? 1880 MET A SD  1 
ATOM   186  C CE  . MET A 1 28  ? -0.143  2.536   4.216   1.00 36.97 ? 1880 MET A CE  1 
ATOM   187  N N   . GLU A 1 29  ? 1.341   1.128   9.472   1.00 33.33 ? 1881 GLU A N   1 
ATOM   188  C CA  . GLU A 1 29  ? 1.983   0.038   10.213  1.00 33.67 ? 1881 GLU A CA  1 
ATOM   189  C C   . GLU A 1 29  ? 1.518   -0.060  11.673  1.00 37.84 ? 1881 GLU A C   1 
ATOM   190  O O   . GLU A 1 29  ? 1.476   -1.155  12.244  1.00 36.04 ? 1881 GLU A O   1 
ATOM   191  C CB  . GLU A 1 29  ? 3.511   0.194   10.179  1.00 33.22 ? 1881 GLU A CB  1 
ATOM   192  C CG  . GLU A 1 29  ? 4.182   -0.291  8.900   1.00 32.34 ? 1881 GLU A CG  1 
ATOM   193  C CD  . GLU A 1 29  ? 5.597   0.264   8.718   1.00 35.44 ? 1881 GLU A CD  1 
ATOM   194  O OE1 . GLU A 1 29  ? 5.944   1.292   9.333   1.00 39.12 ? 1881 GLU A OE1 1 
ATOM   195  O OE2 . GLU A 1 29  ? 6.368   -0.314  7.931   1.00 38.19 ? 1881 GLU A OE2 1 
ATOM   196  N N   . THR A 1 30  ? 1.168   1.074   12.276  1.00 37.17 ? 1882 THR A N   1 
ATOM   197  C CA  . THR A 1 30  ? 0.838   1.106   13.705  1.00 37.11 ? 1882 THR A CA  1 
ATOM   198  C C   . THR A 1 30  ? -0.674  1.147   13.978  1.00 38.83 ? 1882 THR A C   1 
ATOM   199  O O   . THR A 1 30  ? -1.101  1.171   15.133  1.00 41.74 ? 1882 THR A O   1 
ATOM   200  C CB  . THR A 1 30  ? 1.527   2.316   14.416  1.00 36.23 ? 1882 THR A CB  1 
ATOM   201  O OG1 . THR A 1 30  ? 1.076   3.547   13.844  1.00 39.76 ? 1882 THR A OG1 1 
ATOM   202  C CG2 . THR A 1 30  ? 3.015   2.240   14.260  1.00 37.43 ? 1882 THR A CG2 1 
ATOM   203  N N   . HIS A 1 31  ? -1.487  1.144   12.923  1.00 30.56 ? 1883 HIS A N   1 
ATOM   204  C CA  . HIS A 1 31  ? -2.945  1.047   13.060  1.00 32.61 ? 1883 HIS A CA  1 
ATOM   205  C C   . HIS A 1 31  ? -3.312  -0.335  13.640  1.00 39.42 ? 1883 HIS A C   1 
ATOM   206  O O   . HIS A 1 31  ? -2.724  -1.351  13.256  1.00 37.88 ? 1883 HIS A O   1 
ATOM   207  C CB  . HIS A 1 31  ? -3.598  1.284   11.689  1.00 33.04 ? 1883 HIS A CB  1 
ATOM   208  C CG  . HIS A 1 31  ? -5.093  1.431   11.710  1.00 35.86 ? 1883 HIS A CG  1 
ATOM   209  N ND1 . HIS A 1 31  ? -5.930  0.509   12.303  1.00 34.74 ? 1883 HIS A ND1 1 
ATOM   210  C CD2 . HIS A 1 31  ? -5.899  2.363   11.148  1.00 32.75 ? 1883 HIS A CD2 1 
ATOM   211  C CE1 . HIS A 1 31  ? -7.185  0.883   12.129  1.00 35.07 ? 1883 HIS A CE1 1 
ATOM   212  N NE2 . HIS A 1 31  ? -7.196  2.003   11.426  1.00 38.05 ? 1883 HIS A NE2 1 
ATOM   213  N N   . GLU A 1 32  ? -4.268  -0.389  14.567  1.00 39.67 ? 1884 GLU A N   1 
ATOM   214  C CA  . GLU A 1 32  ? -4.564  -1.663  15.225  1.00 39.09 ? 1884 GLU A CA  1 
ATOM   215  C C   . GLU A 1 32  ? -5.152  -2.692  14.259  1.00 36.58 ? 1884 GLU A C   1 
ATOM   216  O O   . GLU A 1 32  ? -5.045  -3.892  14.500  1.00 36.87 ? 1884 GLU A O   1 
ATOM   217  C CB  . GLU A 1 32  ? -5.496  -1.473  16.441  1.00 41.39 ? 1884 GLU A CB  1 
ATOM   218  C CG  . GLU A 1 32  ? -6.971  -1.336  16.136  1.00 40.43 ? 1884 GLU A CG  1 
ATOM   219  C CD  . GLU A 1 32  ? -7.875  -1.490  17.379  1.00 52.24 ? 1884 GLU A CD  1 
ATOM   220  O OE1 . GLU A 1 32  ? -8.296  -2.635  17.682  1.00 50.26 ? 1884 GLU A OE1 1 
ATOM   221  O OE2 . GLU A 1 32  ? -8.188  -0.468  18.036  1.00 53.40 ? 1884 GLU A OE2 1 
ATOM   222  N N   . ASP A 1 33  ? -5.746  -2.252  13.154  1.00 33.25 ? 1885 ASP A N   1 
ATOM   223  C CA  . ASP A 1 33  ? -6.258  -3.225  12.194  1.00 32.88 ? 1885 ASP A CA  1 
ATOM   224  C C   . ASP A 1 33  ? -5.219  -3.586  11.112  1.00 31.69 ? 1885 ASP A C   1 
ATOM   225  O O   . ASP A 1 33  ? -5.565  -4.193  10.108  1.00 32.06 ? 1885 ASP A O   1 
ATOM   226  C CB  . ASP A 1 33  ? -7.551  -2.728  11.524  1.00 32.58 ? 1885 ASP A CB  1 
ATOM   227  C CG  . ASP A 1 33  ? -8.732  -2.577  12.513  1.00 38.05 ? 1885 ASP A CG  1 
ATOM   228  O OD1 . ASP A 1 33  ? -8.666  -3.071  13.663  1.00 36.26 ? 1885 ASP A OD1 1 
ATOM   229  O OD2 . ASP A 1 33  ? -9.742  -1.956  12.129  1.00 36.67 ? 1885 ASP A OD2 1 
ATOM   230  N N   . ALA A 1 34  ? -3.952  -3.256  11.320  1.00 29.53 ? 1886 ALA A N   1 
ATOM   231  C CA  . ALA A 1 34  ? -2.934  -3.566  10.312  1.00 31.93 ? 1886 ALA A CA  1 
ATOM   232  C C   . ALA A 1 34  ? -2.420  -5.015  10.354  1.00 33.02 ? 1886 ALA A C   1 
ATOM   233  O O   . ALA A 1 34  ? -1.670  -5.430  9.468   1.00 28.32 ? 1886 ALA A O   1 
ATOM   234  C CB  . ALA A 1 34  ? -1.762  -2.619  10.453  1.00 32.71 ? 1886 ALA A CB  1 
ATOM   235  N N   . TRP A 1 35  ? -2.803  -5.786  11.374  1.00 34.35 ? 1887 TRP A N   1 
ATOM   236  C CA  . TRP A 1 35  ? -2.155  -7.085  11.594  1.00 36.83 ? 1887 TRP A CA  1 
ATOM   237  C C   . TRP A 1 35  ? -2.281  -8.110  10.442  1.00 31.67 ? 1887 TRP A C   1 
ATOM   238  O O   . TRP A 1 35  ? -1.383  -8.931  10.277  1.00 34.49 ? 1887 TRP A O   1 
ATOM   239  C CB  . TRP A 1 35  ? -2.662  -7.721  12.900  1.00 36.59 ? 1887 TRP A CB  1 
ATOM   240  C CG  . TRP A 1 35  ? -4.133  -7.857  12.963  1.00 34.30 ? 1887 TRP A CG  1 
ATOM   241  C CD1 . TRP A 1 35  ? -5.010  -6.955  13.484  1.00 36.20 ? 1887 TRP A CD1 1 
ATOM   242  C CD2 . TRP A 1 35  ? -4.920  -8.960  12.486  1.00 34.55 ? 1887 TRP A CD2 1 
ATOM   243  N NE1 . TRP A 1 35  ? -6.291  -7.420  13.350  1.00 38.02 ? 1887 TRP A NE1 1 
ATOM   244  C CE2 . TRP A 1 35  ? -6.265  -8.644  12.740  1.00 36.67 ? 1887 TRP A CE2 1 
ATOM   245  C CE3 . TRP A 1 35  ? -4.614  -10.170 11.857  1.00 35.82 ? 1887 TRP A CE3 1 
ATOM   246  C CZ2 . TRP A 1 35  ? -7.310  -9.499  12.387  1.00 37.50 ? 1887 TRP A CZ2 1 
ATOM   247  C CZ3 . TRP A 1 35  ? -5.657  -11.021 11.512  1.00 37.74 ? 1887 TRP A CZ3 1 
ATOM   248  C CH2 . TRP A 1 35  ? -6.986  -10.680 11.781  1.00 37.93 ? 1887 TRP A CH2 1 
ATOM   249  N N   . PRO A 1 36  ? -3.361  -8.069  9.630   1.00 28.03 ? 1888 PRO A N   1 
ATOM   250  C CA  . PRO A 1 36  ? -3.308  -9.061  8.545   1.00 31.03 ? 1888 PRO A CA  1 
ATOM   251  C C   . PRO A 1 36  ? -2.295  -8.725  7.444   1.00 32.13 ? 1888 PRO A C   1 
ATOM   252  O O   . PRO A 1 36  ? -2.059  -9.581  6.588   1.00 28.73 ? 1888 PRO A O   1 
ATOM   253  C CB  . PRO A 1 36  ? -4.730  -9.031  7.950   1.00 30.87 ? 1888 PRO A CB  1 
ATOM   254  C CG  . PRO A 1 36  ? -5.574  -8.279  8.941   1.00 34.98 ? 1888 PRO A CG  1 
ATOM   255  C CD  . PRO A 1 36  ? -4.637  -7.334  9.630   1.00 31.83 ? 1888 PRO A CD  1 
ATOM   256  N N   . PHE A 1 37  ? -1.738  -7.510  7.470   1.00 30.89 ? 1889 PHE A N   1 
ATOM   257  C CA  . PHE A 1 37  ? -1.019  -6.949  6.322   1.00 29.46 ? 1889 PHE A CA  1 
ATOM   258  C C   . PHE A 1 37  ? 0.449   -6.651  6.621   1.00 29.76 ? 1889 PHE A C   1 
ATOM   259  O O   . PHE A 1 37  ? 1.185   -6.201  5.746   1.00 30.97 ? 1889 PHE A O   1 
ATOM   260  C CB  . PHE A 1 37  ? -1.733  -5.668  5.838   1.00 29.71 ? 1889 PHE A CB  1 
ATOM   261  C CG  . PHE A 1 37  ? -3.226  -5.825  5.710   1.00 29.36 ? 1889 PHE A CG  1 
ATOM   262  C CD1 . PHE A 1 37  ? -3.767  -6.712  4.773   1.00 30.08 ? 1889 PHE A CD1 1 
ATOM   263  C CD2 . PHE A 1 37  ? -4.091  -5.117  6.529   1.00 26.66 ? 1889 PHE A CD2 1 
ATOM   264  C CE1 . PHE A 1 37  ? -5.145  -6.891  4.665   1.00 27.08 ? 1889 PHE A CE1 1 
ATOM   265  C CE2 . PHE A 1 37  ? -5.481  -5.280  6.420   1.00 28.17 ? 1889 PHE A CE2 1 
ATOM   266  C CZ  . PHE A 1 37  ? -6.005  -6.166  5.490   1.00 28.80 ? 1889 PHE A CZ  1 
ATOM   267  N N   . LEU A 1 38  ? 0.886   -6.921  7.849   1.00 27.92 ? 1890 LEU A N   1 
ATOM   268  C CA  . LEU A 1 38  ? 2.246   -6.586  8.260   1.00 30.80 ? 1890 LEU A CA  1 
ATOM   269  C C   . LEU A 1 38  ? 3.339   -7.433  7.568   1.00 29.82 ? 1890 LEU A C   1 
ATOM   270  O O   . LEU A 1 38  ? 4.425   -6.934  7.304   1.00 33.65 ? 1890 LEU A O   1 
ATOM   271  C CB  . LEU A 1 38  ? 2.378   -6.707  9.785   1.00 31.97 ? 1890 LEU A CB  1 
ATOM   272  C CG  . LEU A 1 38  ? 1.524   -5.715  10.589  1.00 34.36 ? 1890 LEU A CG  1 
ATOM   273  C CD1 . LEU A 1 38  ? 1.654   -5.949  12.077  1.00 35.10 ? 1890 LEU A CD1 1 
ATOM   274  C CD2 . LEU A 1 38  ? 1.872   -4.261  10.261  1.00 33.43 ? 1890 LEU A CD2 1 
ATOM   275  N N   . LEU A 1 39  ? 3.047   -8.698  7.282   1.00 31.72 ? 1891 LEU A N   1 
ATOM   276  C CA  . LEU A 1 39  ? 4.027   -9.617  6.701   1.00 32.10 ? 1891 LEU A CA  1 
ATOM   277  C C   . LEU A 1 39  ? 3.463   -10.316 5.463   1.00 32.91 ? 1891 LEU A C   1 
ATOM   278  O O   . LEU A 1 39  ? 2.236   -10.363 5.281   1.00 31.16 ? 1891 LEU A O   1 
ATOM   279  C CB  . LEU A 1 39  ? 4.462   -10.645 7.755   1.00 35.84 ? 1891 LEU A CB  1 
ATOM   280  C CG  . LEU A 1 39  ? 5.187   -10.134 9.003   1.00 33.90 ? 1891 LEU A CG  1 
ATOM   281  C CD1 . LEU A 1 39  ? 5.440   -11.284 9.999   1.00 37.51 ? 1891 LEU A CD1 1 
ATOM   282  C CD2 . LEU A 1 39  ? 6.492   -9.477  8.624   1.00 33.39 ? 1891 LEU A CD2 1 
ATOM   283  N N   . PRO A 1 40  ? 4.340   -10.859 4.600   1.00 31.72 ? 1892 PRO A N   1 
ATOM   284  C CA  . PRO A 1 40  ? 3.821   -11.618 3.457   1.00 32.95 ? 1892 PRO A CA  1 
ATOM   285  C C   . PRO A 1 40  ? 2.976   -12.796 3.910   1.00 34.08 ? 1892 PRO A C   1 
ATOM   286  O O   . PRO A 1 40  ? 3.303   -13.431 4.912   1.00 34.12 ? 1892 PRO A O   1 
ATOM   287  C CB  . PRO A 1 40  ? 5.081   -12.114 2.744   1.00 31.79 ? 1892 PRO A CB  1 
ATOM   288  C CG  . PRO A 1 40  ? 6.190   -11.277 3.268   1.00 34.19 ? 1892 PRO A CG  1 
ATOM   289  C CD  . PRO A 1 40  ? 5.814   -10.889 4.654   1.00 32.50 ? 1892 PRO A CD  1 
ATOM   290  N N   . VAL A 1 41  ? 1.890   -13.054 3.192   1.00 33.77 ? 1893 VAL A N   1 
ATOM   291  C CA  . VAL A 1 41  ? 1.075   -14.246 3.417   1.00 35.03 ? 1893 VAL A CA  1 
ATOM   292  C C   . VAL A 1 41  ? 1.919   -15.481 3.156   1.00 39.08 ? 1893 VAL A C   1 
ATOM   293  O O   . VAL A 1 41  ? 2.640   -15.535 2.160   1.00 33.81 ? 1893 VAL A O   1 
ATOM   294  C CB  . VAL A 1 41  ? -0.165  -14.262 2.501   1.00 38.48 ? 1893 VAL A CB  1 
ATOM   295  C CG1 . VAL A 1 41  ? -0.899  -15.614 2.579   1.00 38.27 ? 1893 VAL A CG1 1 
ATOM   296  C CG2 . VAL A 1 41  ? -1.096  -13.106 2.852   1.00 34.26 ? 1893 VAL A CG2 1 
ATOM   297  N N   . ASN A 1 42  ? 1.848   -16.457 4.060   1.00 37.68 ? 1894 ASN A N   1 
ATOM   298  C CA  . ASN A 1 42  ? 2.651   -17.676 3.943   1.00 43.23 ? 1894 ASN A CA  1 
ATOM   299  C C   . ASN A 1 42  ? 2.102   -18.591 2.853   1.00 42.01 ? 1894 ASN A C   1 
ATOM   300  O O   . ASN A 1 42  ? 1.099   -19.284 3.050   1.00 42.32 ? 1894 ASN A O   1 
ATOM   301  C CB  . ASN A 1 42  ? 2.703   -18.414 5.294   1.00 42.76 ? 1894 ASN A CB  1 
ATOM   302  C CG  . ASN A 1 42  ? 3.781   -19.494 5.340   1.00 51.42 ? 1894 ASN A CG  1 
ATOM   303  O OD1 . ASN A 1 42  ? 4.112   -20.118 4.322   1.00 51.83 ? 1894 ASN A OD1 1 
ATOM   304  N ND2 . ASN A 1 42  ? 4.333   -19.719 6.526   1.00 49.70 ? 1894 ASN A ND2 1 
ATOM   305  N N   . LEU A 1 43  ? 2.759   -18.588 1.701   1.00 38.09 ? 1895 LEU A N   1 
ATOM   306  C CA  . LEU A 1 43  ? 2.223   -19.262 0.524   1.00 43.24 ? 1895 LEU A CA  1 
ATOM   307  C C   . LEU A 1 43  ? 2.235   -20.778 0.677   1.00 48.83 ? 1895 LEU A C   1 
ATOM   308  O O   . LEU A 1 43  ? 1.543   -21.487 -0.054  1.00 49.10 ? 1895 LEU A O   1 
ATOM   309  C CB  . LEU A 1 43  ? 3.001   -18.852 -0.732  1.00 41.06 ? 1895 LEU A CB  1 
ATOM   310  C CG  . LEU A 1 43  ? 2.926   -17.367 -1.088  1.00 43.15 ? 1895 LEU A CG  1 
ATOM   311  C CD1 . LEU A 1 43  ? 3.672   -17.077 -2.388  1.00 40.67 ? 1895 LEU A CD1 1 
ATOM   312  C CD2 . LEU A 1 43  ? 1.465   -16.906 -1.169  1.00 39.10 ? 1895 LEU A CD2 1 
ATOM   313  N N   . LYS A 1 44  ? 3.007   -21.273 1.637   1.00 49.78 ? 1896 LYS A N   1 
ATOM   314  C CA  . LYS A 1 44  ? 3.093   -22.708 1.852   1.00 51.73 ? 1896 LYS A CA  1 
ATOM   315  C C   . LYS A 1 44  ? 2.018   -23.187 2.820   1.00 52.70 ? 1896 LYS A C   1 
ATOM   316  O O   . LYS A 1 44  ? 1.646   -24.359 2.799   1.00 54.02 ? 1896 LYS A O   1 
ATOM   317  C CB  . LYS A 1 44  ? 4.481   -23.093 2.368   1.00 52.67 ? 1896 LYS A CB  1 
ATOM   318  C CG  . LYS A 1 44  ? 5.555   -23.063 1.297   1.00 58.17 ? 1896 LYS A CG  1 
ATOM   319  C CD  . LYS A 1 44  ? 6.592   -24.144 1.547   1.00 65.92 ? 1896 LYS A CD  1 
ATOM   320  C CE  . LYS A 1 44  ? 7.412   -23.856 2.797   1.00 66.38 ? 1896 LYS A CE  1 
ATOM   321  N NZ  . LYS A 1 44  ? 8.705   -23.178 2.479   1.00 70.21 ? 1896 LYS A NZ  1 
ATOM   322  N N   . LEU A 1 45  ? 1.504   -22.287 3.654   1.00 47.75 ? 1897 LEU A N   1 
ATOM   323  C CA  . LEU A 1 45  ? 0.538   -22.685 4.669   1.00 46.83 ? 1897 LEU A CA  1 
ATOM   324  C C   . LEU A 1 45  ? -0.881  -22.221 4.375   1.00 46.89 ? 1897 LEU A C   1 
ATOM   325  O O   . LEU A 1 45  ? -1.812  -22.616 5.071   1.00 50.20 ? 1897 LEU A O   1 
ATOM   326  C CB  . LEU A 1 45  ? 0.959   -22.165 6.044   1.00 47.64 ? 1897 LEU A CB  1 
ATOM   327  C CG  . LEU A 1 45  ? 2.330   -22.602 6.578   1.00 56.53 ? 1897 LEU A CG  1 
ATOM   328  C CD1 . LEU A 1 45  ? 2.498   -22.156 8.022   1.00 49.52 ? 1897 LEU A CD1 1 
ATOM   329  C CD2 . LEU A 1 45  ? 2.547   -24.115 6.447   1.00 54.58 ? 1897 LEU A CD2 1 
ATOM   330  N N   . VAL A 1 46  ? -1.061  -21.380 3.363   1.00 44.00 ? 1898 VAL A N   1 
ATOM   331  C CA  . VAL A 1 46  ? -2.396  -20.867 3.068   1.00 40.13 ? 1898 VAL A CA  1 
ATOM   332  C C   . VAL A 1 46  ? -2.877  -21.359 1.705   1.00 45.40 ? 1898 VAL A C   1 
ATOM   333  O O   . VAL A 1 46  ? -2.374  -20.936 0.657   1.00 42.15 ? 1898 VAL A O   1 
ATOM   334  C CB  . VAL A 1 46  ? -2.444  -19.326 3.114   1.00 45.87 ? 1898 VAL A CB  1 
ATOM   335  C CG1 . VAL A 1 46  ? -3.849  -18.825 2.767   1.00 41.28 ? 1898 VAL A CG1 1 
ATOM   336  C CG2 . VAL A 1 46  ? -2.011  -18.827 4.489   1.00 44.17 ? 1898 VAL A CG2 1 
ATOM   337  N N   . PRO A 1 47  ? -3.840  -22.291 1.722   1.00 45.42 ? 1899 PRO A N   1 
ATOM   338  C CA  . PRO A 1 47  ? -4.379  -22.920 0.509   1.00 43.38 ? 1899 PRO A CA  1 
ATOM   339  C C   . PRO A 1 47  ? -5.015  -21.907 -0.433  1.00 40.82 ? 1899 PRO A C   1 
ATOM   340  O O   . PRO A 1 47  ? -5.741  -21.006 -0.001  1.00 41.94 ? 1899 PRO A O   1 
ATOM   341  C CB  . PRO A 1 47  ? -5.433  -23.899 1.053   1.00 47.99 ? 1899 PRO A CB  1 
ATOM   342  C CG  . PRO A 1 47  ? -5.020  -24.164 2.465   1.00 49.86 ? 1899 PRO A CG  1 
ATOM   343  C CD  . PRO A 1 47  ? -4.389  -22.887 2.955   1.00 46.55 ? 1899 PRO A CD  1 
ATOM   344  N N   . GLY A 1 48  ? -4.739  -22.054 -1.719  1.00 38.03 ? 1900 GLY A N   1 
ATOM   345  C CA  . GLY A 1 48  ? -5.312  -21.161 -2.702  1.00 38.26 ? 1900 GLY A CA  1 
ATOM   346  C C   . GLY A 1 48  ? -4.515  -19.895 -2.992  1.00 38.15 ? 1900 GLY A C   1 
ATOM   347  O O   . GLY A 1 48  ? -4.559  -19.410 -4.122  1.00 36.43 ? 1900 GLY A O   1 
ATOM   348  N N   . TYR A 1 49  ? -3.780  -19.369 -2.006  1.00 40.77 ? 1901 TYR A N   1 
ATOM   349  C CA  . TYR A 1 49  ? -3.245  -18.001 -2.133  1.00 39.35 ? 1901 TYR A CA  1 
ATOM   350  C C   . TYR A 1 49  ? -2.262  -17.836 -3.296  1.00 38.72 ? 1901 TYR A C   1 
ATOM   351  O O   . TYR A 1 49  ? -2.383  -16.893 -4.090  1.00 38.00 ? 1901 TYR A O   1 
ATOM   352  C CB  . TYR A 1 49  ? -2.583  -17.525 -0.821  1.00 39.62 ? 1901 TYR A CB  1 
ATOM   353  C CG  . TYR A 1 49  ? -2.681  -16.010 -0.675  1.00 34.44 ? 1901 TYR A CG  1 
ATOM   354  C CD1 . TYR A 1 49  ? -3.813  -15.416 -0.132  1.00 35.17 ? 1901 TYR A CD1 1 
ATOM   355  C CD2 . TYR A 1 49  ? -1.661  -15.185 -1.118  1.00 33.82 ? 1901 TYR A CD2 1 
ATOM   356  C CE1 . TYR A 1 49  ? -3.918  -14.019 -0.022  1.00 37.98 ? 1901 TYR A CE1 1 
ATOM   357  C CE2 . TYR A 1 49  ? -1.747  -13.802 -1.015  1.00 36.48 ? 1901 TYR A CE2 1 
ATOM   358  C CZ  . TYR A 1 49  ? -2.875  -13.219 -0.469  1.00 37.51 ? 1901 TYR A CZ  1 
ATOM   359  O OH  . TYR A 1 49  ? -2.957  -11.834 -0.372  1.00 36.16 ? 1901 TYR A OH  1 
ATOM   360  N N   . LYS A 1 50  ? -1.310  -18.755 -3.419  1.00 41.72 ? 1902 LYS A N   1 
ATOM   361  C CA  . LYS A 1 50  ? -0.313  -18.672 -4.484  1.00 40.17 ? 1902 LYS A CA  1 
ATOM   362  C C   . LYS A 1 50  ? -0.951  -18.649 -5.880  1.00 40.99 ? 1902 LYS A C   1 
ATOM   363  O O   . LYS A 1 50  ? -0.535  -17.879 -6.759  1.00 41.26 ? 1902 LYS A O   1 
ATOM   364  C CB  . LYS A 1 50  ? 0.676   -19.842 -4.372  1.00 45.16 ? 1902 LYS A CB  1 
ATOM   365  C CG  . LYS A 1 50  ? 1.973   -19.639 -5.153  1.00 48.28 ? 1902 LYS A CG  1 
ATOM   366  C CD  . LYS A 1 50  ? 2.952   -20.792 -4.925  1.00 48.77 ? 1902 LYS A CD  1 
ATOM   367  C CE  . LYS A 1 50  ? 4.333   -20.483 -5.488  1.00 53.99 ? 1902 LYS A CE  1 
ATOM   368  N NZ  . LYS A 1 50  ? 4.331   -20.507 -6.978  1.00 55.63 ? 1902 LYS A NZ  1 
ATOM   369  N N   . LYS A 1 51  ? -1.976  -19.470 -6.077  1.00 40.44 ? 1903 LYS A N   1 
ATOM   370  C CA  . LYS A 1 51  ? -2.566  -19.619 -7.402  1.00 40.28 ? 1903 LYS A CA  1 
ATOM   371  C C   . LYS A 1 51  ? -3.515  -18.477 -7.729  1.00 40.90 ? 1903 LYS A C   1 
ATOM   372  O O   . LYS A 1 51  ? -3.536  -17.988 -8.856  1.00 41.96 ? 1903 LYS A O   1 
ATOM   373  C CB  . LYS A 1 51  ? -3.296  -20.969 -7.510  1.00 43.40 ? 1903 LYS A CB  1 
ATOM   374  C CG  . LYS A 1 51  ? -3.959  -21.230 -8.855  1.00 41.39 ? 1903 LYS A CG  1 
ATOM   375  C CD  . LYS A 1 51  ? -2.942  -21.230 -9.995  1.00 42.72 ? 1903 LYS A CD  1 
ATOM   376  C CE  . LYS A 1 51  ? -3.586  -21.578 -11.334 1.00 41.62 ? 1903 LYS A CE  1 
ATOM   377  N NZ  . LYS A 1 51  ? -3.852  -23.030 -11.455 1.00 42.58 ? 1903 LYS A NZ  1 
ATOM   378  N N   . VAL A 1 52  ? -4.297  -18.047 -6.741  1.00 37.50 ? 1904 VAL A N   1 
ATOM   379  C CA  . VAL A 1 52  ? -5.318  -17.031 -6.962  1.00 37.84 ? 1904 VAL A CA  1 
ATOM   380  C C   . VAL A 1 52  ? -4.775  -15.595 -7.042  1.00 39.53 ? 1904 VAL A C   1 
ATOM   381  O O   . VAL A 1 52  ? -5.178  -14.822 -7.921  1.00 38.65 ? 1904 VAL A O   1 
ATOM   382  C CB  . VAL A 1 52  ? -6.395  -17.110 -5.849  1.00 40.09 ? 1904 VAL A CB  1 
ATOM   383  C CG1 . VAL A 1 52  ? -7.351  -15.923 -5.918  1.00 36.13 ? 1904 VAL A CG1 1 
ATOM   384  C CG2 . VAL A 1 52  ? -7.165  -18.419 -5.968  1.00 39.26 ? 1904 VAL A CG2 1 
ATOM   385  N N   . ILE A 1 53  ? -3.862  -15.247 -6.137  1.00 38.09 ? 1905 ILE A N   1 
ATOM   386  C CA  . ILE A 1 53  ? -3.345  -13.875 -6.022  1.00 36.91 ? 1905 ILE A CA  1 
ATOM   387  C C   . ILE A 1 53  ? -2.033  -13.719 -6.798  1.00 35.55 ? 1905 ILE A C   1 
ATOM   388  O O   . ILE A 1 53  ? -0.966  -14.125 -6.334  1.00 37.89 ? 1905 ILE A O   1 
ATOM   389  C CB  . ILE A 1 53  ? -3.117  -13.475 -4.532  1.00 38.62 ? 1905 ILE A CB  1 
ATOM   390  C CG1 . ILE A 1 53  ? -4.391  -13.655 -3.705  1.00 36.20 ? 1905 ILE A CG1 1 
ATOM   391  C CG2 . ILE A 1 53  ? -2.567  -12.031 -4.414  1.00 32.37 ? 1905 ILE A CG2 1 
ATOM   392  C CD1 . ILE A 1 53  ? -5.554  -12.756 -4.110  1.00 33.95 ? 1905 ILE A CD1 1 
ATOM   393  N N   . LYS A 1 54  ? -2.118  -13.121 -7.980  1.00 37.72 ? 1906 LYS A N   1 
ATOM   394  C CA  . LYS A 1 54  ? -0.979  -13.090 -8.896  1.00 42.32 ? 1906 LYS A CA  1 
ATOM   395  C C   . LYS A 1 54  ? 0.166   -12.182 -8.434  1.00 42.35 ? 1906 LYS A C   1 
ATOM   396  O O   . LYS A 1 54  ? 1.330   -12.449 -8.736  1.00 40.07 ? 1906 LYS A O   1 
ATOM   397  C CB  . LYS A 1 54  ? -1.456  -12.664 -10.282 1.00 46.88 ? 1906 LYS A CB  1 
ATOM   398  C CG  . LYS A 1 54  ? -2.565  -13.566 -10.837 1.00 49.70 ? 1906 LYS A CG  1 
ATOM   399  C CD  . LYS A 1 54  ? -2.152  -15.038 -10.810 1.00 48.59 ? 1906 LYS A CD  1 
ATOM   400  C CE  . LYS A 1 54  ? -3.290  -15.941 -11.275 1.00 53.58 ? 1906 LYS A CE  1 
ATOM   401  N NZ  . LYS A 1 54  ? -2.824  -17.354 -11.469 1.00 56.97 ? 1906 LYS A NZ  1 
ATOM   402  N N   . LYS A 1 55  ? -0.160  -11.119 -7.703  1.00 37.92 ? 1907 LYS A N   1 
ATOM   403  C CA  . LYS A 1 55  ? 0.862   -10.219 -7.170  1.00 37.04 ? 1907 LYS A CA  1 
ATOM   404  C C   . LYS A 1 55  ? 0.659   -9.952  -5.679  1.00 32.62 ? 1907 LYS A C   1 
ATOM   405  O O   . LYS A 1 55  ? -0.015  -8.993  -5.298  1.00 32.15 ? 1907 LYS A O   1 
ATOM   406  C CB  . LYS A 1 55  ? 0.866   -8.894  -7.931  1.00 37.83 ? 1907 LYS A CB  1 
ATOM   407  C CG  . LYS A 1 55  ? 1.062   -9.027  -9.432  1.00 48.55 ? 1907 LYS A CG  1 
ATOM   408  C CD  . LYS A 1 55  ? 0.740   -7.707  -10.134 1.00 54.22 ? 1907 LYS A CD  1 
ATOM   409  C CE  . LYS A 1 55  ? 0.851   -7.815  -11.656 1.00 65.22 ? 1907 LYS A CE  1 
ATOM   410  N NZ  . LYS A 1 55  ? 0.567   -6.507  -12.330 1.00 74.29 ? 1907 LYS A NZ  1 
ATOM   411  N N   . PRO A 1 56  ? 1.221   -10.816 -4.826  1.00 32.80 ? 1908 PRO A N   1 
ATOM   412  C CA  . PRO A 1 56  ? 1.150   -10.541 -3.389  1.00 33.03 ? 1908 PRO A CA  1 
ATOM   413  C C   . PRO A 1 56  ? 1.854   -9.230  -3.018  1.00 32.06 ? 1908 PRO A C   1 
ATOM   414  O O   . PRO A 1 56  ? 2.845   -8.851  -3.666  1.00 29.98 ? 1908 PRO A O   1 
ATOM   415  C CB  . PRO A 1 56  ? 1.871   -11.748 -2.764  1.00 28.67 ? 1908 PRO A CB  1 
ATOM   416  C CG  . PRO A 1 56  ? 1.735   -12.848 -3.813  1.00 33.44 ? 1908 PRO A CG  1 
ATOM   417  C CD  . PRO A 1 56  ? 1.875   -12.105 -5.118  1.00 33.98 ? 1908 PRO A CD  1 
ATOM   418  N N   . MET A 1 57  ? 1.342   -8.546  -1.997  1.00 31.59 ? 1909 MET A N   1 
ATOM   419  C CA  . MET A 1 57  ? 1.994   -7.351  -1.460  1.00 29.69 ? 1909 MET A CA  1 
ATOM   420  C C   . MET A 1 57  ? 1.596   -7.208  0.005   1.00 26.23 ? 1909 MET A C   1 
ATOM   421  O O   . MET A 1 57  ? 0.499   -7.633  0.395   1.00 26.90 ? 1909 MET A O   1 
ATOM   422  C CB  . MET A 1 57  ? 1.615   -6.098  -2.277  1.00 25.88 ? 1909 MET A CB  1 
ATOM   423  C CG  . MET A 1 57  ? 2.418   -4.818  -1.932  1.00 26.33 ? 1909 MET A CG  1 
ATOM   424  S SD  . MET A 1 57  ? 4.223   -5.069  -1.907  1.00 29.88 ? 1909 MET A SD  1 
ATOM   425  C CE  . MET A 1 57  ? 4.540   -5.708  -3.548  1.00 29.46 ? 1909 MET A CE  1 
ATOM   426  N N   . ASP A 1 58  ? 2.496   -6.644  0.813   1.00 26.28 ? 1910 ASP A N   1 
ATOM   427  C CA  . ASP A 1 58  ? 2.290   -6.454  2.245   1.00 25.26 ? 1910 ASP A CA  1 
ATOM   428  C C   . ASP A 1 58  ? 3.104   -5.237  2.707   1.00 27.15 ? 1910 ASP A C   1 
ATOM   429  O O   . ASP A 1 58  ? 3.989   -4.775  1.977   1.00 27.94 ? 1910 ASP A O   1 
ATOM   430  C CB  . ASP A 1 58  ? 2.702   -7.700  3.033   1.00 25.59 ? 1910 ASP A CB  1 
ATOM   431  C CG  . ASP A 1 58  ? 4.200   -7.919  3.003   1.00 28.51 ? 1910 ASP A CG  1 
ATOM   432  O OD1 . ASP A 1 58  ? 4.714   -8.427  1.984   1.00 32.04 ? 1910 ASP A OD1 1 
ATOM   433  O OD2 . ASP A 1 58  ? 4.863   -7.565  3.985   1.00 32.77 ? 1910 ASP A OD2 1 
ATOM   434  N N   . PHE A 1 59  ? 2.835   -4.740  3.919   1.00 24.85 ? 1911 PHE A N   1 
ATOM   435  C CA  . PHE A 1 59  ? 3.463   -3.502  4.390   1.00 26.07 ? 1911 PHE A CA  1 
ATOM   436  C C   . PHE A 1 59  ? 4.977   -3.644  4.542   1.00 30.01 ? 1911 PHE A C   1 
ATOM   437  O O   . PHE A 1 59  ? 5.704   -2.716  4.234   1.00 27.12 ? 1911 PHE A O   1 
ATOM   438  C CB  . PHE A 1 59  ? 2.862   -3.029  5.729   1.00 27.05 ? 1911 PHE A CB  1 
ATOM   439  C CG  . PHE A 1 59  ? 1.413   -2.571  5.645   1.00 28.52 ? 1911 PHE A CG  1 
ATOM   440  C CD1 . PHE A 1 59  ? 0.796   -2.364  4.424   1.00 27.61 ? 1911 PHE A CD1 1 
ATOM   441  C CD2 . PHE A 1 59  ? 0.677   -2.332  6.801   1.00 29.75 ? 1911 PHE A CD2 1 
ATOM   442  C CE1 . PHE A 1 59  ? -0.540  -1.945  4.358   1.00 31.79 ? 1911 PHE A CE1 1 
ATOM   443  C CE2 . PHE A 1 59  ? -0.656  -1.910  6.745   1.00 27.43 ? 1911 PHE A CE2 1 
ATOM   444  C CZ  . PHE A 1 59  ? -1.262  -1.720  5.516   1.00 30.86 ? 1911 PHE A CZ  1 
ATOM   445  N N   . SER A 1 60  ? 5.466   -4.787  5.013   1.00 28.05 ? 1912 SER A N   1 
ATOM   446  C CA  . SER A 1 60  ? 6.910   -4.924  5.207   1.00 30.34 ? 1912 SER A CA  1 
ATOM   447  C C   . SER A 1 60  ? 7.671   -4.921  3.877   1.00 33.72 ? 1912 SER A C   1 
ATOM   448  O O   . SER A 1 60  ? 8.798   -4.400  3.809   1.00 33.13 ? 1912 SER A O   1 
ATOM   449  C CB  . SER A 1 60  ? 7.238   -6.193  6.018   1.00 29.77 ? 1912 SER A CB  1 
ATOM   450  O OG  . SER A 1 60  ? 7.082   -7.372  5.240   1.00 34.75 ? 1912 SER A OG  1 
ATOM   451  N N   . THR A 1 61  ? 7.040   -5.447  2.823   1.00 28.19 ? 1913 THR A N   1 
ATOM   452  C CA  . THR A 1 61  ? 7.629   -5.480  1.490   1.00 30.59 ? 1913 THR A CA  1 
ATOM   453  C C   . THR A 1 61  ? 7.638   -4.070  0.890   1.00 31.71 ? 1913 THR A C   1 
ATOM   454  O O   . THR A 1 61  ? 8.623   -3.651  0.278   1.00 27.88 ? 1913 THR A O   1 
ATOM   455  C CB  . THR A 1 61  ? 6.877   -6.440  0.548   1.00 32.14 ? 1913 THR A CB  1 
ATOM   456  O OG1 . THR A 1 61  ? 6.992   -7.788  1.032   1.00 31.21 ? 1913 THR A OG1 1 
ATOM   457  C CG2 . THR A 1 61  ? 7.472   -6.388  -0.864  1.00 29.90 ? 1913 THR A CG2 1 
ATOM   458  N N   . ILE A 1 62  ? 6.552   -3.338  1.102   1.00 27.07 ? 1914 ILE A N   1 
ATOM   459  C CA  . ILE A 1 62  ? 6.497   -1.922  0.756   1.00 28.80 ? 1914 ILE A CA  1 
ATOM   460  C C   . ILE A 1 62  ? 7.571   -1.114  1.495   1.00 28.82 ? 1914 ILE A C   1 
ATOM   461  O O   . ILE A 1 62  ? 8.218   -0.265  0.897   1.00 28.94 ? 1914 ILE A O   1 
ATOM   462  C CB  . ILE A 1 62  ? 5.093   -1.349  1.059   1.00 28.79 ? 1914 ILE A CB  1 
ATOM   463  C CG1 . ILE A 1 62  ? 4.046   -2.068  0.195   1.00 22.98 ? 1914 ILE A CG1 1 
ATOM   464  C CG2 . ILE A 1 62  ? 5.089   0.177   0.892   1.00 27.08 ? 1914 ILE A CG2 1 
ATOM   465  C CD1 . ILE A 1 62  ? 2.580   -1.759  0.565   1.00 26.50 ? 1914 ILE A CD1 1 
ATOM   466  N N   . ARG A 1 63  ? 7.771   -1.375  2.788   1.00 27.58 ? 1915 ARG A N   1 
ATOM   467  C CA  . ARG A 1 63  ? 8.782   -0.651  3.571   1.00 30.63 ? 1915 ARG A CA  1 
ATOM   468  C C   . ARG A 1 63  ? 10.198  -0.899  3.029   1.00 32.83 ? 1915 ARG A C   1 
ATOM   469  O O   . ARG A 1 63  ? 11.023  0.032   2.925   1.00 30.57 ? 1915 ARG A O   1 
ATOM   470  C CB  . ARG A 1 63  ? 8.704   -1.052  5.053   1.00 31.38 ? 1915 ARG A CB  1 
ATOM   471  C CG  . ARG A 1 63  ? 9.845   -0.545  5.936   1.00 34.52 ? 1915 ARG A CG  1 
ATOM   472  C CD  . ARG A 1 63  ? 9.847   0.964   6.097   1.00 33.01 ? 1915 ARG A CD  1 
ATOM   473  N NE  . ARG A 1 63  ? 8.762   1.473   6.932   1.00 31.07 ? 1915 ARG A NE  1 
ATOM   474  C CZ  . ARG A 1 63  ? 8.447   2.764   7.020   1.00 34.27 ? 1915 ARG A CZ  1 
ATOM   475  N NH1 . ARG A 1 63  ? 9.132   3.668   6.332   1.00 32.20 ? 1915 ARG A NH1 1 
ATOM   476  N NH2 . ARG A 1 63  ? 7.451   3.159   7.788   1.00 35.62 ? 1915 ARG A NH2 1 
ATOM   477  N N   . GLU A 1 64  ? 10.471  -2.141  2.664   1.00 31.82 ? 1916 GLU A N   1 
ATOM   478  C CA  . GLU A 1 64  ? 11.768  -2.508  2.095   1.00 32.25 ? 1916 GLU A CA  1 
ATOM   479  C C   . GLU A 1 64  ? 12.006  -1.803  0.759   1.00 36.20 ? 1916 GLU A C   1 
ATOM   480  O O   . GLU A 1 64  ? 13.099  -1.285  0.499   1.00 32.76 ? 1916 GLU A O   1 
ATOM   481  C CB  . GLU A 1 64  ? 11.864  -4.022  1.894   1.00 32.07 ? 1916 GLU A CB  1 
ATOM   482  C CG  . GLU A 1 64  ? 13.240  -4.496  1.393   1.00 41.46 ? 1916 GLU A CG  1 
ATOM   483  C CD  . GLU A 1 64  ? 14.388  -4.168  2.360   1.00 46.57 ? 1916 GLU A CD  1 
ATOM   484  O OE1 . GLU A 1 64  ? 14.174  -4.180  3.598   1.00 47.81 ? 1916 GLU A OE1 1 
ATOM   485  O OE2 . GLU A 1 64  ? 15.512  -3.886  1.879   1.00 47.30 ? 1916 GLU A OE2 1 
ATOM   486  N N   . LYS A 1 65  ? 10.982  -1.802  -0.088  1.00 33.49 ? 1917 LYS A N   1 
ATOM   487  C CA  . LYS A 1 65  ? 11.082  -1.154  -1.392  1.00 33.31 ? 1917 LYS A CA  1 
ATOM   488  C C   . LYS A 1 65  ? 11.284  0.367   -1.262  1.00 31.73 ? 1917 LYS A C   1 
ATOM   489  O O   . LYS A 1 65  ? 12.077  0.955   -2.006  1.00 35.60 ? 1917 LYS A O   1 
ATOM   490  C CB  . LYS A 1 65  ? 9.846   -1.474  -2.241  1.00 31.26 ? 1917 LYS A CB  1 
ATOM   491  C CG  . LYS A 1 65  ? 9.816   -2.900  -2.780  1.00 32.95 ? 1917 LYS A CG  1 
ATOM   492  C CD  . LYS A 1 65  ? 8.533   -3.221  -3.518  1.00 30.71 ? 1917 LYS A CD  1 
ATOM   493  C CE  . LYS A 1 65  ? 8.400   -2.421  -4.801  1.00 33.15 ? 1917 LYS A CE  1 
ATOM   494  N NZ  . LYS A 1 65  ? 7.361   -3.048  -5.680  1.00 29.89 ? 1917 LYS A NZ  1 
ATOM   495  N N   . LEU A 1 66  ? 10.579  1.003   -0.329  1.00 32.48 ? 1918 LEU A N   1 
ATOM   496  C CA  . LEU A 1 66  ? 10.729  2.444   -0.095  1.00 32.91 ? 1918 LEU A CA  1 
ATOM   497  C C   . LEU A 1 66  ? 12.138  2.774   0.422   1.00 37.54 ? 1918 LEU A C   1 
ATOM   498  O O   . LEU A 1 66  ? 12.732  3.772   0.015   1.00 40.28 ? 1918 LEU A O   1 
ATOM   499  C CB  . LEU A 1 66  ? 9.676   2.949   0.904   1.00 31.45 ? 1918 LEU A CB  1 
ATOM   500  C CG  . LEU A 1 66  ? 9.420   4.441   1.121   1.00 33.78 ? 1918 LEU A CG  1 
ATOM   501  C CD1 . LEU A 1 66  ? 8.979   5.132   -0.173  1.00 28.77 ? 1918 LEU A CD1 1 
ATOM   502  C CD2 . LEU A 1 66  ? 8.371   4.675   2.213   1.00 32.14 ? 1918 LEU A CD2 1 
ATOM   503  N N   . SER A 1 67  ? 12.671  1.935   1.308   1.00 35.41 ? 1919 SER A N   1 
ATOM   504  C CA  . SER A 1 67  ? 13.980  2.166   1.932   1.00 35.47 ? 1919 SER A CA  1 
ATOM   505  C C   . SER A 1 67  ? 15.168  1.944   0.993   1.00 35.28 ? 1919 SER A C   1 
ATOM   506  O O   . SER A 1 67  ? 16.302  2.299   1.331   1.00 38.64 ? 1919 SER A O   1 
ATOM   507  C CB  . SER A 1 67  ? 14.149  1.262   3.162   1.00 36.05 ? 1919 SER A CB  1 
ATOM   508  O OG  . SER A 1 67  ? 13.338  1.694   4.240   1.00 42.46 ? 1919 SER A OG  1 
ATOM   509  N N   . SER A 1 68  ? 14.916  1.353   -0.171  1.00 33.51 ? 1920 SER A N   1 
ATOM   510  C CA  . SER A 1 68  ? 15.978  0.986   -1.090  1.00 32.71 ? 1920 SER A CA  1 
ATOM   511  C C   . SER A 1 68  ? 15.802  1.571   -2.498  1.00 32.74 ? 1920 SER A C   1 
ATOM   512  O O   . SER A 1 68  ? 16.343  1.028   -3.456  1.00 34.62 ? 1920 SER A O   1 
ATOM   513  C CB  . SER A 1 68  ? 16.085  -0.539  -1.190  1.00 37.02 ? 1920 SER A CB  1 
ATOM   514  O OG  . SER A 1 68  ? 14.863  -1.123  -1.638  1.00 33.02 ? 1920 SER A OG  1 
ATOM   515  N N   . GLY A 1 69  ? 15.052  2.663   -2.633  1.00 29.78 ? 1921 GLY A N   1 
ATOM   516  C CA  . GLY A 1 69  ? 14.941  3.331   -3.932  1.00 27.93 ? 1921 GLY A CA  1 
ATOM   517  C C   . GLY A 1 69  ? 14.212  2.571   -5.019  1.00 32.04 ? 1921 GLY A C   1 
ATOM   518  O O   . GLY A 1 69  ? 14.480  2.759   -6.215  1.00 32.67 ? 1921 GLY A O   1 
ATOM   519  N N   . GLN A 1 70  ? 13.262  1.719   -4.639  1.00 30.95 ? 1922 GLN A N   1 
ATOM   520  C CA  . GLN A 1 70  ? 12.563  0.926   -5.640  1.00 32.77 ? 1922 GLN A CA  1 
ATOM   521  C C   . GLN A 1 70  ? 11.228  1.540   -6.088  1.00 32.73 ? 1922 GLN A C   1 
ATOM   522  O O   . GLN A 1 70  ? 10.589  1.002   -6.993  1.00 34.87 ? 1922 GLN A O   1 
ATOM   523  C CB  . GLN A 1 70  ? 12.348  -0.508  -5.135  1.00 34.41 ? 1922 GLN A CB  1 
ATOM   524  C CG  . GLN A 1 70  ? 13.683  -1.244  -4.886  1.00 38.19 ? 1922 GLN A CG  1 
ATOM   525  C CD  . GLN A 1 70  ? 13.526  -2.716  -4.532  1.00 35.35 ? 1922 GLN A CD  1 
ATOM   526  O OE1 . GLN A 1 70  ? 12.998  -3.507  -5.309  1.00 38.98 ? 1922 GLN A OE1 1 
ATOM   527  N NE2 . GLN A 1 70  ? 13.987  -3.084  -3.344  1.00 39.10 ? 1922 GLN A NE2 1 
ATOM   528  N N   . TYR A 1 71  ? 10.808  2.655   -5.485  1.00 33.03 ? 1923 TYR A N   1 
ATOM   529  C CA  . TYR A 1 71  ? 9.684   3.431   -6.048  1.00 31.92 ? 1923 TYR A CA  1 
ATOM   530  C C   . TYR A 1 71  ? 10.199  4.655   -6.803  1.00 35.53 ? 1923 TYR A C   1 
ATOM   531  O O   . TYR A 1 71  ? 10.836  5.533   -6.217  1.00 32.67 ? 1923 TYR A O   1 
ATOM   532  C CB  . TYR A 1 71  ? 8.688   3.876   -4.961  1.00 30.12 ? 1923 TYR A CB  1 
ATOM   533  C CG  . TYR A 1 71  ? 7.973   2.704   -4.310  1.00 28.00 ? 1923 TYR A CG  1 
ATOM   534  C CD1 . TYR A 1 71  ? 7.131   1.885   -5.043  1.00 28.97 ? 1923 TYR A CD1 1 
ATOM   535  C CD2 . TYR A 1 71  ? 8.178   2.403   -2.962  1.00 30.47 ? 1923 TYR A CD2 1 
ATOM   536  C CE1 . TYR A 1 71  ? 6.496   0.786   -4.456  1.00 31.74 ? 1923 TYR A CE1 1 
ATOM   537  C CE2 . TYR A 1 71  ? 7.553   1.328   -2.369  1.00 28.80 ? 1923 TYR A CE2 1 
ATOM   538  C CZ  . TYR A 1 71  ? 6.715   0.518   -3.118  1.00 28.78 ? 1923 TYR A CZ  1 
ATOM   539  O OH  . TYR A 1 71  ? 6.107   -0.568  -2.523  1.00 30.43 ? 1923 TYR A OH  1 
ATOM   540  N N   . PRO A 1 72  ? 9.927   4.711   -8.117  1.00 35.29 ? 1924 PRO A N   1 
ATOM   541  C CA  . PRO A 1 72  ? 10.347  5.833   -8.958  1.00 39.20 ? 1924 PRO A CA  1 
ATOM   542  C C   . PRO A 1 72  ? 9.640   7.127   -8.580  1.00 41.47 ? 1924 PRO A C   1 
ATOM   543  O O   . PRO A 1 72  ? 10.230  8.203   -8.712  1.00 39.06 ? 1924 PRO A O   1 
ATOM   544  C CB  . PRO A 1 72  ? 9.939   5.390   -10.369 1.00 40.93 ? 1924 PRO A CB  1 
ATOM   545  C CG  . PRO A 1 72  ? 9.829   3.906   -10.292 1.00 40.86 ? 1924 PRO A CG  1 
ATOM   546  C CD  . PRO A 1 72  ? 9.348   3.609   -8.905  1.00 35.39 ? 1924 PRO A CD  1 
ATOM   547  N N   . ASN A 1 73  ? 8.392   7.020   -8.118  1.00 38.04 ? 1925 ASN A N   1 
ATOM   548  C CA  . ASN A 1 73  ? 7.589   8.194   -7.773  1.00 38.82 ? 1925 ASN A CA  1 
ATOM   549  C C   . ASN A 1 73  ? 6.450   7.887   -6.799  1.00 38.81 ? 1925 ASN A C   1 
ATOM   550  O O   . ASN A 1 73  ? 6.197   6.722   -6.475  1.00 33.95 ? 1925 ASN A O   1 
ATOM   551  C CB  . ASN A 1 73  ? 7.001   8.820   -9.045  1.00 35.60 ? 1925 ASN A CB  1 
ATOM   552  C CG  . ASN A 1 73  ? 6.138   7.850   -9.816  1.00 39.78 ? 1925 ASN A CG  1 
ATOM   553  O OD1 . ASN A 1 73  ? 5.173   7.297   -9.291  1.00 39.81 ? 1925 ASN A OD1 1 
ATOM   554  N ND2 . ASN A 1 73  ? 6.504   7.605   -11.055 1.00 37.73 ? 1925 ASN A ND2 1 
ATOM   555  N N   . LEU A 1 74  ? 5.774   8.952   -6.367  1.00 34.29 ? 1926 LEU A N   1 
ATOM   556  C CA  . LEU A 1 74  ? 4.534   8.910   -5.585  1.00 39.59 ? 1926 LEU A CA  1 
ATOM   557  C C   . LEU A 1 74  ? 3.545   7.822   -5.949  1.00 37.82 ? 1926 LEU A C   1 
ATOM   558  O O   . LEU A 1 74  ? 3.034   7.092   -5.085  1.00 32.43 ? 1926 LEU A O   1 
ATOM   559  C CB  . LEU A 1 74  ? 3.771   10.242  -5.731  1.00 43.76 ? 1926 LEU A CB  1 
ATOM   560  C CG  . LEU A 1 74  ? 3.983   11.249  -4.625  1.00 45.05 ? 1926 LEU A CG  1 
ATOM   561  C CD1 . LEU A 1 74  ? 2.808   12.217  -4.558  1.00 41.17 ? 1926 LEU A CD1 1 
ATOM   562  C CD2 . LEU A 1 74  ? 4.189   10.506  -3.332  1.00 45.60 ? 1926 LEU A CD2 1 
ATOM   563  N N   . GLU A 1 75  ? 3.205   7.778   -7.226  1.00 35.13 ? 1927 GLU A N   1 
ATOM   564  C CA  . GLU A 1 75  ? 2.094   6.967   -7.659  1.00 36.11 ? 1927 GLU A CA  1 
ATOM   565  C C   . GLU A 1 75  ? 2.411   5.484   -7.606  1.00 36.69 ? 1927 GLU A C   1 
ATOM   566  O O   . GLU A 1 75  ? 1.513   4.683   -7.359  1.00 33.02 ? 1927 GLU A O   1 
ATOM   567  C CB  . GLU A 1 75  ? 1.665   7.367   -9.068  1.00 38.07 ? 1927 GLU A CB  1 
ATOM   568  C CG  . GLU A 1 75  ? 1.304   8.860   -9.194  1.00 44.37 ? 1927 GLU A CG  1 
ATOM   569  C CD  . GLU A 1 75  ? 0.115   9.295   -8.305  1.00 53.78 ? 1927 GLU A CD  1 
ATOM   570  O OE1 . GLU A 1 75  ? -0.677  8.418   -7.856  1.00 51.73 ? 1927 GLU A OE1 1 
ATOM   571  O OE2 . GLU A 1 75  ? -0.029  10.521  -8.050  1.00 51.77 ? 1927 GLU A OE2 1 
ATOM   572  N N   . THR A 1 76  ? 3.669   5.108   -7.828  1.00 33.92 ? 1928 THR A N   1 
ATOM   573  C CA  . THR A 1 76  ? 4.016   3.693   -7.783  1.00 32.78 ? 1928 THR A CA  1 
ATOM   574  C C   . THR A 1 76  ? 3.906   3.191   -6.346  1.00 29.23 ? 1928 THR A C   1 
ATOM   575  O O   . THR A 1 76  ? 3.555   2.035   -6.116  1.00 29.68 ? 1928 THR A O   1 
ATOM   576  C CB  . THR A 1 76  ? 5.437   3.410   -8.345  1.00 36.42 ? 1928 THR A CB  1 
ATOM   577  O OG1 . THR A 1 76  ? 6.418   4.145   -7.603  1.00 35.12 ? 1928 THR A OG1 1 
ATOM   578  C CG2 . THR A 1 76  ? 5.530   3.810   -9.815  1.00 35.08 ? 1928 THR A CG2 1 
ATOM   579  N N   . PHE A 1 77  ? 4.202   4.064   -5.387  1.00 29.39 ? 1929 PHE A N   1 
ATOM   580  C CA  . PHE A 1 77  ? 4.021   3.735   -3.971  1.00 31.41 ? 1929 PHE A CA  1 
ATOM   581  C C   . PHE A 1 77  ? 2.532   3.508   -3.680  1.00 29.71 ? 1929 PHE A C   1 
ATOM   582  O O   . PHE A 1 77  ? 2.140   2.488   -3.118  1.00 25.46 ? 1929 PHE A O   1 
ATOM   583  C CB  . PHE A 1 77  ? 4.591   4.849   -3.087  1.00 28.33 ? 1929 PHE A CB  1 
ATOM   584  C CG  . PHE A 1 77  ? 4.233   4.723   -1.625  1.00 26.53 ? 1929 PHE A CG  1 
ATOM   585  C CD1 . PHE A 1 77  ? 4.937   3.861   -0.797  1.00 29.25 ? 1929 PHE A CD1 1 
ATOM   586  C CD2 . PHE A 1 77  ? 3.194   5.468   -1.088  1.00 27.14 ? 1929 PHE A CD2 1 
ATOM   587  C CE1 . PHE A 1 77  ? 4.601   3.748   0.537   1.00 25.32 ? 1929 PHE A CE1 1 
ATOM   588  C CE2 . PHE A 1 77  ? 2.855   5.372   0.243   1.00 32.34 ? 1929 PHE A CE2 1 
ATOM   589  C CZ  . PHE A 1 77  ? 3.567   4.501   1.064   1.00 28.70 ? 1929 PHE A CZ  1 
ATOM   590  N N   . ALA A 1 78  ? 1.691   4.435   -4.111  1.00 28.11 ? 1930 ALA A N   1 
ATOM   591  C CA  . ALA A 1 78  ? 0.255   4.286   -3.898  1.00 29.40 ? 1930 ALA A CA  1 
ATOM   592  C C   . ALA A 1 78  ? -0.337  3.029   -4.575  1.00 28.14 ? 1930 ALA A C   1 
ATOM   593  O O   . ALA A 1 78  ? -1.266  2.419   -4.035  1.00 28.18 ? 1930 ALA A O   1 
ATOM   594  C CB  . ALA A 1 78  ? -0.473  5.556   -4.383  1.00 28.56 ? 1930 ALA A CB  1 
ATOM   595  N N   . LEU A 1 79  ? 0.180   2.649   -5.745  1.00 28.89 ? 1931 LEU A N   1 
ATOM   596  C CA  . LEU A 1 79  ? -0.294  1.434   -6.428  1.00 31.64 ? 1931 LEU A CA  1 
ATOM   597  C C   . LEU A 1 79  ? -0.048  0.174   -5.588  1.00 30.32 ? 1931 LEU A C   1 
ATOM   598  O O   . LEU A 1 79  ? -0.908  -0.711  -5.519  1.00 29.48 ? 1931 LEU A O   1 
ATOM   599  C CB  . LEU A 1 79  ? 0.377   1.273   -7.797  1.00 30.93 ? 1931 LEU A CB  1 
ATOM   600  C CG  . LEU A 1 79  ? -0.043  2.280   -8.878  1.00 37.35 ? 1931 LEU A CG  1 
ATOM   601  C CD1 . LEU A 1 79  ? 0.783   2.085   -10.145 1.00 38.96 ? 1931 LEU A CD1 1 
ATOM   602  C CD2 . LEU A 1 79  ? -1.532  2.137   -9.175  1.00 40.14 ? 1931 LEU A CD2 1 
ATOM   603  N N   . ASP A 1 80  ? 1.124   0.097   -4.956  1.00 30.55 ? 1932 ASP A N   1 
ATOM   604  C CA  . ASP A 1 80  ? 1.438   -1.041  -4.083  1.00 30.03 ? 1932 ASP A CA  1 
ATOM   605  C C   . ASP A 1 80  ? 0.595   -1.067  -2.804  1.00 28.12 ? 1932 ASP A C   1 
ATOM   606  O O   . ASP A 1 80  ? 0.207   -2.140  -2.361  1.00 27.52 ? 1932 ASP A O   1 
ATOM   607  C CB  . ASP A 1 80  ? 2.926   -1.047  -3.708  1.00 26.74 ? 1932 ASP A CB  1 
ATOM   608  C CG  . ASP A 1 80  ? 3.755   -1.969  -4.600  1.00 30.55 ? 1932 ASP A CG  1 
ATOM   609  O OD1 . ASP A 1 80  ? 3.195   -2.562  -5.549  1.00 32.82 ? 1932 ASP A OD1 1 
ATOM   610  O OD2 . ASP A 1 80  ? 4.970   -2.108  -4.349  1.00 30.75 ? 1932 ASP A OD2 1 
ATOM   611  N N   . VAL A 1 81  ? 0.347   0.089   -2.184  1.00 27.42 ? 1933 VAL A N   1 
ATOM   612  C CA  . VAL A 1 81  ? -0.529  0.119   -1.010  1.00 28.19 ? 1933 VAL A CA  1 
ATOM   613  C C   . VAL A 1 81  ? -1.945  -0.378  -1.393  1.00 29.81 ? 1933 VAL A C   1 
ATOM   614  O O   . VAL A 1 81  ? -2.531  -1.233  -0.723  1.00 27.82 ? 1933 VAL A O   1 
ATOM   615  C CB  . VAL A 1 81  ? -0.621  1.541   -0.376  1.00 24.92 ? 1933 VAL A CB  1 
ATOM   616  C CG1 . VAL A 1 81  ? -1.666  1.576   0.756   1.00 26.50 ? 1933 VAL A CG1 1 
ATOM   617  C CG2 . VAL A 1 81  ? 0.748   2.016   0.138   1.00 28.39 ? 1933 VAL A CG2 1 
ATOM   618  N N   . ARG A 1 82  ? -2.490  0.145   -2.485  1.00 26.93 ? 1934 ARG A N   1 
ATOM   619  C CA  . ARG A 1 82  ? -3.818  -0.257  -2.928  1.00 28.50 ? 1934 ARG A CA  1 
ATOM   620  C C   . ARG A 1 82  ? -3.869  -1.750  -3.259  1.00 29.94 ? 1934 ARG A C   1 
ATOM   621  O O   . ARG A 1 82  ? -4.885  -2.409  -3.015  1.00 29.89 ? 1934 ARG A O   1 
ATOM   622  C CB  . ARG A 1 82  ? -4.250  0.599   -4.128  1.00 27.97 ? 1934 ARG A CB  1 
ATOM   623  C CG  . ARG A 1 82  ? -4.611  2.038   -3.696  1.00 31.44 ? 1934 ARG A CG  1 
ATOM   624  C CD  . ARG A 1 82  ? -4.776  3.040   -4.849  1.00 28.14 ? 1934 ARG A CD  1 
ATOM   625  N NE  . ARG A 1 82  ? -4.960  4.379   -4.294  1.00 32.47 ? 1934 ARG A NE  1 
ATOM   626  C CZ  . ARG A 1 82  ? -4.581  5.514   -4.877  1.00 34.76 ? 1934 ARG A CZ  1 
ATOM   627  N NH1 . ARG A 1 82  ? -3.996  5.501   -6.067  1.00 31.27 ? 1934 ARG A NH1 1 
ATOM   628  N NH2 . ARG A 1 82  ? -4.793  6.670   -4.263  1.00 35.50 ? 1934 ARG A NH2 1 
ATOM   629  N N   . LEU A 1 83  ? -2.758  -2.285  -3.769  1.00 31.99 ? 1935 LEU A N   1 
ATOM   630  C CA  . LEU A 1 83  ? -2.681  -3.691  -4.153  1.00 26.38 ? 1935 LEU A CA  1 
ATOM   631  C C   . LEU A 1 83  ? -2.887  -4.572  -2.929  1.00 30.46 ? 1935 LEU A C   1 
ATOM   632  O O   . LEU A 1 83  ? -3.541  -5.616  -3.015  1.00 26.39 ? 1935 LEU A O   1 
ATOM   633  C CB  . LEU A 1 83  ? -1.335  -3.994  -4.828  1.00 30.11 ? 1935 LEU A CB  1 
ATOM   634  C CG  . LEU A 1 83  ? -0.935  -5.436  -5.155  1.00 31.26 ? 1935 LEU A CG  1 
ATOM   635  C CD1 . LEU A 1 83  ? -1.990  -6.164  -6.014  1.00 32.02 ? 1935 LEU A CD1 1 
ATOM   636  C CD2 . LEU A 1 83  ? 0.463   -5.492  -5.819  1.00 29.42 ? 1935 LEU A CD2 1 
ATOM   637  N N   . VAL A 1 84  ? -2.347  -4.145  -1.786  1.00 24.25 ? 1936 VAL A N   1 
ATOM   638  C CA  . VAL A 1 84  ? -2.595  -4.867  -0.538  1.00 24.46 ? 1936 VAL A CA  1 
ATOM   639  C C   . VAL A 1 84  ? -4.107  -5.023  -0.296  1.00 30.32 ? 1936 VAL A C   1 
ATOM   640  O O   . VAL A 1 84  ? -4.598  -6.114  0.014   1.00 31.14 ? 1936 VAL A O   1 
ATOM   641  C CB  . VAL A 1 84  ? -1.960  -4.149  0.665   1.00 25.75 ? 1936 VAL A CB  1 
ATOM   642  C CG1 . VAL A 1 84  ? -2.292  -4.901  1.960   1.00 26.01 ? 1936 VAL A CG1 1 
ATOM   643  C CG2 . VAL A 1 84  ? -0.435  -4.026  0.489   1.00 22.99 ? 1936 VAL A CG2 1 
ATOM   644  N N   . PHE A 1 85  ? -4.859  -3.946  -0.492  1.00 28.31 ? 1937 PHE A N   1 
ATOM   645  C CA  . PHE A 1 85  ? -6.272  -3.975  -0.143  1.00 30.21 ? 1937 PHE A CA  1 
ATOM   646  C C   . PHE A 1 85  ? -7.120  -4.637  -1.232  1.00 31.06 ? 1937 PHE A C   1 
ATOM   647  O O   . PHE A 1 85  ? -8.113  -5.312  -0.934  1.00 33.48 ? 1937 PHE A O   1 
ATOM   648  C CB  . PHE A 1 85  ? -6.740  -2.549  0.178   1.00 32.14 ? 1937 PHE A CB  1 
ATOM   649  C CG  . PHE A 1 85  ? -5.923  -1.895  1.268   1.00 29.92 ? 1937 PHE A CG  1 
ATOM   650  C CD1 . PHE A 1 85  ? -5.522  -2.635  2.383   1.00 27.58 ? 1937 PHE A CD1 1 
ATOM   651  C CD2 . PHE A 1 85  ? -5.505  -0.583  1.158   1.00 29.28 ? 1937 PHE A CD2 1 
ATOM   652  C CE1 . PHE A 1 85  ? -4.751  -2.061  3.366   1.00 29.91 ? 1937 PHE A CE1 1 
ATOM   653  C CE2 . PHE A 1 85  ? -4.739  0.009   2.148   1.00 27.40 ? 1937 PHE A CE2 1 
ATOM   654  C CZ  . PHE A 1 85  ? -4.348  -0.732  3.254   1.00 29.79 ? 1937 PHE A CZ  1 
ATOM   655  N N   . ASP A 1 86  ? -6.697  -4.493  -2.483  1.00 32.94 ? 1938 ASP A N   1 
ATOM   656  C CA  . ASP A 1 86  ? -7.338  -5.202  -3.586  1.00 33.79 ? 1938 ASP A CA  1 
ATOM   657  C C   . ASP A 1 86  ? -7.178  -6.716  -3.472  1.00 32.48 ? 1938 ASP A C   1 
ATOM   658  O O   . ASP A 1 86  ? -8.131  -7.450  -3.712  1.00 31.08 ? 1938 ASP A O   1 
ATOM   659  C CB  . ASP A 1 86  ? -6.783  -4.728  -4.930  1.00 30.43 ? 1938 ASP A CB  1 
ATOM   660  C CG  . ASP A 1 86  ? -7.261  -3.334  -5.301  1.00 34.95 ? 1938 ASP A CG  1 
ATOM   661  O OD1 . ASP A 1 86  ? -8.238  -2.848  -4.694  1.00 35.64 ? 1938 ASP A OD1 1 
ATOM   662  O OD2 . ASP A 1 86  ? -6.658  -2.724  -6.209  1.00 38.84 ? 1938 ASP A OD2 1 
ATOM   663  N N   . ASN A 1 87  ? -5.980  -7.180  -3.108  1.00 33.15 ? 1939 ASN A N   1 
ATOM   664  C CA  . ASN A 1 87  ? -5.756  -8.603  -2.858  1.00 31.57 ? 1939 ASN A CA  1 
ATOM   665  C C   . ASN A 1 87  ? -6.615  -9.117  -1.704  1.00 36.91 ? 1939 ASN A C   1 
ATOM   666  O O   . ASN A 1 87  ? -7.138  -10.244 -1.755  1.00 35.04 ? 1939 ASN A O   1 
ATOM   667  C CB  . ASN A 1 87  ? -4.284  -8.890  -2.549  1.00 29.61 ? 1939 ASN A CB  1 
ATOM   668  C CG  . ASN A 1 87  ? -3.379  -8.758  -3.769  1.00 31.33 ? 1939 ASN A CG  1 
ATOM   669  O OD1 . ASN A 1 87  ? -3.844  -8.717  -4.907  1.00 33.35 ? 1939 ASN A OD1 1 
ATOM   670  N ND2 . ASN A 1 87  ? -2.071  -8.703  -3.529  1.00 29.88 ? 1939 ASN A ND2 1 
ATOM   671  N N   . CYS A 1 88  ? -6.742  -8.301  -0.658  1.00 32.00 ? 1940 CYS A N   1 
ATOM   672  C CA  . CYS A 1 88  ? -7.538  -8.671  0.518   1.00 34.10 ? 1940 CYS A CA  1 
ATOM   673  C C   . CYS A 1 88  ? -9.013  -8.860  0.160   1.00 33.24 ? 1940 CYS A C   1 
ATOM   674  O O   . CYS A 1 88  ? -9.656  -9.798  0.645   1.00 37.50 ? 1940 CYS A O   1 
ATOM   675  C CB  . CYS A 1 88  ? -7.393  -7.618  1.627   1.00 32.66 ? 1940 CYS A CB  1 
ATOM   676  S SG  . CYS A 1 88  ? -8.360  -7.920  3.155   1.00 31.10 ? 1940 CYS A SG  1 
ATOM   677  N N   . GLU A 1 89  ? -9.542  -7.990  -0.702  1.00 34.53 ? 1941 GLU A N   1 
ATOM   678  C CA  . GLU A 1 89  ? -10.931 -8.119  -1.150  1.00 38.25 ? 1941 GLU A CA  1 
ATOM   679  C C   . GLU A 1 89  ? -11.158 -9.349  -2.023  1.00 38.89 ? 1941 GLU A C   1 
ATOM   680  O O   . GLU A 1 89  ? -12.239 -9.952  -2.000  1.00 41.99 ? 1941 GLU A O   1 
ATOM   681  C CB  . GLU A 1 89  ? -11.373 -6.884  -1.927  1.00 34.65 ? 1941 GLU A CB  1 
ATOM   682  C CG  . GLU A 1 89  ? -11.683 -5.709  -1.066  1.00 40.38 ? 1941 GLU A CG  1 
ATOM   683  C CD  . GLU A 1 89  ? -12.623 -4.733  -1.744  1.00 46.10 ? 1941 GLU A CD  1 
ATOM   684  O OE1 . GLU A 1 89  ? -13.649 -5.184  -2.295  1.00 47.58 ? 1941 GLU A OE1 1 
ATOM   685  O OE2 . GLU A 1 89  ? -12.338 -3.516  -1.721  1.00 46.09 ? 1941 GLU A OE2 1 
ATOM   686  N N   . THR A 1 90  ? -10.147 -9.708  -2.804  1.00 36.24 ? 1942 THR A N   1 
ATOM   687  C CA  . THR A 1 90  ? -10.234 -10.857 -3.687  1.00 36.64 ? 1942 THR A CA  1 
ATOM   688  C C   . THR A 1 90  ? -10.344 -12.170 -2.912  1.00 39.66 ? 1942 THR A C   1 
ATOM   689  O O   . THR A 1 90  ? -11.077 -13.070 -3.316  1.00 38.54 ? 1942 THR A O   1 
ATOM   690  C CB  . THR A 1 90  ? -9.025  -10.920 -4.631  1.00 35.99 ? 1942 THR A CB  1 
ATOM   691  O OG1 . THR A 1 90  ? -9.082  -9.812  -5.546  1.00 39.59 ? 1942 THR A OG1 1 
ATOM   692  C CG2 . THR A 1 90  ? -9.032  -12.214 -5.427  1.00 39.61 ? 1942 THR A CG2 1 
ATOM   693  N N   . PHE A 1 91  ? -9.659  -12.258 -1.776  1.00 36.57 ? 1943 PHE A N   1 
ATOM   694  C CA  . PHE A 1 91  ? -9.508  -13.527 -1.070  1.00 38.79 ? 1943 PHE A CA  1 
ATOM   695  C C   . PHE A 1 91  ? -10.398 -13.662 0.182   1.00 39.40 ? 1943 PHE A C   1 
ATOM   696  O O   . PHE A 1 91  ? -10.595 -14.772 0.701   1.00 39.22 ? 1943 PHE A O   1 
ATOM   697  C CB  . PHE A 1 91  ? -8.034  -13.722 -0.685  1.00 36.36 ? 1943 PHE A CB  1 
ATOM   698  C CG  . PHE A 1 91  ? -7.647  -15.153 -0.425  1.00 33.17 ? 1943 PHE A CG  1 
ATOM   699  C CD1 . PHE A 1 91  ? -7.359  -16.009 -1.477  1.00 39.14 ? 1943 PHE A CD1 1 
ATOM   700  C CD2 . PHE A 1 91  ? -7.535  -15.632 0.865   1.00 36.53 ? 1943 PHE A CD2 1 
ATOM   701  C CE1 . PHE A 1 91  ? -6.983  -17.333 -1.249  1.00 39.75 ? 1943 PHE A CE1 1 
ATOM   702  C CE2 . PHE A 1 91  ? -7.162  -16.948 1.105   1.00 37.88 ? 1943 PHE A CE2 1 
ATOM   703  C CZ  . PHE A 1 91  ? -6.886  -17.800 0.044   1.00 35.92 ? 1943 PHE A CZ  1 
ATOM   704  N N   . ASN A 1 92  ? -10.940 -12.547 0.661   1.00 35.79 ? 1944 ASN A N   1 
ATOM   705  C CA  . ASN A 1 92  ? -11.708 -12.545 1.906   1.00 41.57 ? 1944 ASN A CA  1 
ATOM   706  C C   . ASN A 1 92  ? -13.138 -12.016 1.730   1.00 41.08 ? 1944 ASN A C   1 
ATOM   707  O O   . ASN A 1 92  ? -13.388 -11.100 0.936   1.00 38.26 ? 1944 ASN A O   1 
ATOM   708  C CB  . ASN A 1 92  ? -10.991 -11.717 2.980   1.00 37.11 ? 1944 ASN A CB  1 
ATOM   709  C CG  . ASN A 1 92  ? -9.582  -12.212 3.271   1.00 39.06 ? 1944 ASN A CG  1 
ATOM   710  O OD1 . ASN A 1 92  ? -9.377  -13.033 4.158   1.00 38.25 ? 1944 ASN A OD1 1 
ATOM   711  N ND2 . ASN A 1 92  ? -8.600  -11.685 2.541   1.00 35.93 ? 1944 ASN A ND2 1 
ATOM   712  N N   . GLU A 1 93  ? -14.074 -12.611 2.461   1.00 40.96 ? 1945 GLU A N   1 
ATOM   713  C CA  . GLU A 1 93  ? -15.450 -12.118 2.488   1.00 45.10 ? 1945 GLU A CA  1 
ATOM   714  C C   . GLU A 1 93  ? -15.496 -10.751 3.169   1.00 41.91 ? 1945 GLU A C   1 
ATOM   715  O O   . GLU A 1 93  ? -14.768 -10.527 4.142   1.00 41.51 ? 1945 GLU A O   1 
ATOM   716  C CB  A GLU A 1 93  ? -16.361 -13.097 3.241   0.48 45.30 ? 1945 GLU A CB  1 
ATOM   717  C CB  B GLU A 1 93  ? -16.379 -13.109 3.199   0.52 45.30 ? 1945 GLU A CB  1 
ATOM   718  C CG  A GLU A 1 93  ? -16.301 -14.538 2.759   0.48 45.80 ? 1945 GLU A CG  1 
ATOM   719  C CG  B GLU A 1 93  ? -16.673 -14.388 2.408   0.52 45.80 ? 1945 GLU A CG  1 
ATOM   720  C CD  A GLU A 1 93  ? -16.733 -15.530 3.826   0.48 46.95 ? 1945 GLU A CD  1 
ATOM   721  C CD  B GLU A 1 93  ? -17.655 -14.183 1.259   0.52 45.38 ? 1945 GLU A CD  1 
ATOM   722  O OE1 A GLU A 1 93  ? -17.950 -15.642 4.081   0.48 47.18 ? 1945 GLU A OE1 1 
ATOM   723  O OE1 B GLU A 1 93  ? -18.226 -13.080 1.131   0.52 46.85 ? 1945 GLU A OE1 1 
ATOM   724  O OE2 A GLU A 1 93  ? -15.853 -16.198 4.413   0.48 47.49 ? 1945 GLU A OE2 1 
ATOM   725  O OE2 B GLU A 1 93  ? -17.854 -15.131 0.476   0.52 48.31 ? 1945 GLU A OE2 1 
ATOM   726  N N   . ASP A 1 94  ? -16.346 -9.847  2.670   1.00 43.97 ? 1946 ASP A N   1 
ATOM   727  C CA  . ASP A 1 94  ? -16.516 -8.536  3.299   1.00 45.00 ? 1946 ASP A CA  1 
ATOM   728  C C   . ASP A 1 94  ? -16.919 -8.724  4.760   1.00 45.73 ? 1946 ASP A C   1 
ATOM   729  O O   . ASP A 1 94  ? -16.471 -7.993  5.635   1.00 46.08 ? 1946 ASP A O   1 
ATOM   730  C CB  . ASP A 1 94  ? -17.563 -7.675  2.576   1.00 43.13 ? 1946 ASP A CB  1 
ATOM   731  C CG  . ASP A 1 94  ? -17.197 -7.368  1.124   1.00 49.75 ? 1946 ASP A CG  1 
ATOM   732  O OD1 . ASP A 1 94  ? -15.998 -7.268  0.783   1.00 45.63 ? 1946 ASP A OD1 1 
ATOM   733  O OD2 . ASP A 1 94  ? -18.125 -7.211  0.308   1.00 50.12 ? 1946 ASP A OD2 1 
ATOM   734  N N   . ASP A 1 95  ? -17.746 -9.727  5.029   1.00 51.47 ? 1947 ASP A N   1 
ATOM   735  C CA  . ASP A 1 95  ? -18.167 -10.000 6.401   1.00 51.71 ? 1947 ASP A CA  1 
ATOM   736  C C   . ASP A 1 95  ? -17.258 -11.038 7.066   1.00 55.96 ? 1947 ASP A C   1 
ATOM   737  O O   . ASP A 1 95  ? -17.644 -12.196 7.274   1.00 59.08 ? 1947 ASP A O   1 
ATOM   738  C CB  . ASP A 1 95  ? -19.618 -10.475 6.431   1.00 58.38 ? 1947 ASP A CB  1 
ATOM   739  C CG  . ASP A 1 95  ? -20.178 -10.543 7.841   1.00 63.58 ? 1947 ASP A CG  1 
ATOM   740  O OD1 . ASP A 1 95  ? -19.679 -9.811  8.727   1.00 64.47 ? 1947 ASP A OD1 1 
ATOM   741  O OD2 . ASP A 1 95  ? -21.113 -11.340 8.065   1.00 74.67 ? 1947 ASP A OD2 1 
ATOM   742  N N   . SER A 1 96  ? -16.037 -10.608 7.366   1.00 52.08 ? 1948 SER A N   1 
ATOM   743  C CA  . SER A 1 96  ? -15.053 -11.387 8.111   1.00 46.68 ? 1948 SER A CA  1 
ATOM   744  C C   . SER A 1 96  ? -14.135 -10.371 8.751   1.00 43.72 ? 1948 SER A C   1 
ATOM   745  O O   . SER A 1 96  ? -14.101 -9.221  8.311   1.00 42.95 ? 1948 SER A O   1 
ATOM   746  C CB  . SER A 1 96  ? -14.274 -12.344 7.212   1.00 46.30 ? 1948 SER A CB  1 
ATOM   747  O OG  . SER A 1 96  ? -13.462 -11.639 6.285   1.00 43.84 ? 1948 SER A OG  1 
ATOM   748  N N   . ASP A 1 97  ? -13.402 -10.771 9.781   1.00 42.70 ? 1949 ASP A N   1 
ATOM   749  C CA  . ASP A 1 97  ? -12.490 -9.843  10.442  1.00 44.39 ? 1949 ASP A CA  1 
ATOM   750  C C   . ASP A 1 97  ? -11.449 -9.269  9.474   1.00 39.15 ? 1949 ASP A C   1 
ATOM   751  O O   . ASP A 1 97  ? -11.216 -8.055  9.460   1.00 34.89 ? 1949 ASP A O   1 
ATOM   752  C CB  . ASP A 1 97  ? -11.787 -10.512 11.623  1.00 43.17 ? 1949 ASP A CB  1 
ATOM   753  C CG  . ASP A 1 97  ? -12.749 -10.909 12.737  1.00 48.22 ? 1949 ASP A CG  1 
ATOM   754  O OD1 . ASP A 1 97  ? -12.913 -12.125 12.967  1.00 49.61 ? 1949 ASP A OD1 1 
ATOM   755  O OD2 . ASP A 1 97  ? -13.335 -10.013 13.385  1.00 47.83 ? 1949 ASP A OD2 1 
ATOM   756  N N   . ILE A 1 98  ? -10.833 -10.134 8.668   1.00 37.80 ? 1950 ILE A N   1 
ATOM   757  C CA  . ILE A 1 98  ? -9.801  -9.687  7.739   1.00 39.82 ? 1950 ILE A CA  1 
ATOM   758  C C   . ILE A 1 98  ? -10.418 -8.803  6.664   1.00 36.77 ? 1950 ILE A C   1 
ATOM   759  O O   . ILE A 1 98  ? -9.857  -7.763  6.311   1.00 33.65 ? 1950 ILE A O   1 
ATOM   760  C CB  . ILE A 1 98  ? -9.052  -10.877 7.101   1.00 40.80 ? 1950 ILE A CB  1 
ATOM   761  C CG1 . ILE A 1 98  ? -8.228  -11.607 8.171   1.00 37.56 ? 1950 ILE A CG1 1 
ATOM   762  C CG2 . ILE A 1 98  ? -8.119  -10.414 5.979   1.00 33.94 ? 1950 ILE A CG2 1 
ATOM   763  C CD1 . ILE A 1 98  ? -7.538  -12.848 7.642   1.00 41.70 ? 1950 ILE A CD1 1 
ATOM   764  N N   . GLY A 1 99  ? -11.589 -9.196  6.173   1.00 36.00 ? 1951 GLY A N   1 
ATOM   765  C CA  . GLY A 1 99  ? -12.295 -8.413  5.174   1.00 35.16 ? 1951 GLY A CA  1 
ATOM   766  C C   . GLY A 1 99  ? -12.652 -7.012  5.654   1.00 36.27 ? 1951 GLY A C   1 
ATOM   767  O O   . GLY A 1 99  ? -12.475 -6.038  4.923   1.00 35.99 ? 1951 GLY A O   1 
ATOM   768  N N   . ARG A 1 100 ? -13.141 -6.910  6.885   1.00 38.85 ? 1952 ARG A N   1 
ATOM   769  C CA  . ARG A 1 100 ? -13.418 -5.612  7.496   1.00 37.75 ? 1952 ARG A CA  1 
ATOM   770  C C   . ARG A 1 100 ? -12.137 -4.818  7.764   1.00 34.49 ? 1952 ARG A C   1 
ATOM   771  O O   . ARG A 1 100 ? -12.126 -3.599  7.602   1.00 32.11 ? 1952 ARG A O   1 
ATOM   772  C CB  . ARG A 1 100 ? -14.199 -5.771  8.803   1.00 40.08 ? 1952 ARG A CB  1 
ATOM   773  C CG  . ARG A 1 100 ? -15.694 -5.993  8.628   1.00 46.85 ? 1952 ARG A CG  1 
ATOM   774  C CD  . ARG A 1 100 ? -16.444 -5.896  9.970   1.00 50.76 ? 1952 ARG A CD  1 
ATOM   775  N NE  . ARG A 1 100 ? -16.161 -7.005  10.878  1.00 49.63 ? 1952 ARG A NE  1 
ATOM   776  C CZ  . ARG A 1 100 ? -16.760 -8.192  10.813  1.00 51.78 ? 1952 ARG A CZ  1 
ATOM   777  N NH1 . ARG A 1 100 ? -16.440 -9.146  11.679  1.00 49.87 ? 1952 ARG A NH1 1 
ATOM   778  N NH2 . ARG A 1 100 ? -17.670 -8.432  9.874   1.00 53.67 ? 1952 ARG A NH2 1 
ATOM   779  N N   . ALA A 1 101 ? -11.068 -5.494  8.186   1.00 33.78 ? 1953 ALA A N   1 
ATOM   780  C CA  . ALA A 1 101 ? -9.787  -4.819  8.389   1.00 33.13 ? 1953 ALA A CA  1 
ATOM   781  C C   . ALA A 1 101 ? -9.327  -4.145  7.093   1.00 31.13 ? 1953 ALA A C   1 
ATOM   782  O O   . ALA A 1 101 ? -8.854  -3.012  7.112   1.00 31.67 ? 1953 ALA A O   1 
ATOM   783  C CB  . ALA A 1 101 ? -8.740  -5.791  8.884   1.00 35.09 ? 1953 ALA A CB  1 
ATOM   784  N N   . GLY A 1 102 ? -9.482  -4.852  5.976   1.00 27.62 ? 1954 GLY A N   1 
ATOM   785  C CA  . GLY A 1 102 ? -9.086  -4.348  4.676   1.00 33.70 ? 1954 GLY A CA  1 
ATOM   786  C C   . GLY A 1 102 ? -9.822  -3.077  4.296   1.00 31.94 ? 1954 GLY A C   1 
ATOM   787  O O   . GLY A 1 102 ? -9.200  -2.097  3.857   1.00 29.98 ? 1954 GLY A O   1 
ATOM   788  N N   . HIS A 1 103 ? -11.145 -3.083  4.482   1.00 33.04 ? 1955 HIS A N   1 
ATOM   789  C CA  . HIS A 1 103 ? -11.968 -1.928  4.127   1.00 35.90 ? 1955 HIS A CA  1 
ATOM   790  C C   . HIS A 1 103 ? -11.601 -0.736  5.005   1.00 33.74 ? 1955 HIS A C   1 
ATOM   791  O O   . HIS A 1 103 ? -11.497 0.380   4.525   1.00 31.85 ? 1955 HIS A O   1 
ATOM   792  C CB  . HIS A 1 103 ? -13.455 -2.264  4.264   1.00 38.88 ? 1955 HIS A CB  1 
ATOM   793  C CG  . HIS A 1 103 ? -14.017 -3.006  3.084   1.00 42.95 ? 1955 HIS A CG  1 
ATOM   794  N ND1 . HIS A 1 103 ? -13.414 -4.111  2.519   1.00 55.05 ? 1955 HIS A ND1 1 
ATOM   795  C CD2 . HIS A 1 103 ? -15.146 -2.801  2.369   1.00 57.63 ? 1955 HIS A CD2 1 
ATOM   796  C CE1 . HIS A 1 103 ? -14.145 -4.550  1.507   1.00 47.55 ? 1955 HIS A CE1 1 
ATOM   797  N NE2 . HIS A 1 103 ? -15.196 -3.771  1.394   1.00 56.14 ? 1955 HIS A NE2 1 
ATOM   798  N N   . ASN A 1 104 ? -11.392 -0.973  6.301   1.00 30.98 ? 1956 ASN A N   1 
ATOM   799  C CA  . ASN A 1 104 ? -10.982 0.081   7.243   1.00 32.72 ? 1956 ASN A CA  1 
ATOM   800  C C   . ASN A 1 104 ? -9.624  0.724   6.901   1.00 34.40 ? 1956 ASN A C   1 
ATOM   801  O O   . ASN A 1 104 ? -9.471  1.951   6.935   1.00 31.27 ? 1956 ASN A O   1 
ATOM   802  C CB  . ASN A 1 104 ? -10.906 -0.481  8.664   1.00 30.13 ? 1956 ASN A CB  1 
ATOM   803  C CG  . ASN A 1 104 ? -12.287 -0.725  9.298   1.00 34.43 ? 1956 ASN A CG  1 
ATOM   804  O OD1 . ASN A 1 104 ? -13.344 -0.433  8.726   1.00 36.34 ? 1956 ASN A OD1 1 
ATOM   805  N ND2 . ASN A 1 104 ? -12.268 -1.261  10.501  1.00 31.07 ? 1956 ASN A ND2 1 
ATOM   806  N N   . MET A 1 105 ? -8.631  -0.116  6.616   1.00 28.57 ? 1957 MET A N   1 
ATOM   807  C CA  . MET A 1 105 ? -7.289  0.353   6.265   1.00 27.38 ? 1957 MET A CA  1 
ATOM   808  C C   . MET A 1 105 ? -7.266  1.117   4.940   1.00 26.63 ? 1957 MET A C   1 
ATOM   809  O O   . MET A 1 105 ? -6.521  2.075   4.801   1.00 32.02 ? 1957 MET A O   1 
ATOM   810  C CB  . MET A 1 105 ? -6.299  -0.814  6.181   1.00 30.18 ? 1957 MET A CB  1 
ATOM   811  C CG  . MET A 1 105 ? -5.999  -1.525  7.503   1.00 28.96 ? 1957 MET A CG  1 
ATOM   812  S SD  . MET A 1 105 ? -5.332  -0.456  8.797   1.00 40.05 ? 1957 MET A SD  1 
ATOM   813  C CE  . MET A 1 105 ? -3.809  0.175   8.085   1.00 34.17 ? 1957 MET A CE  1 
ATOM   814  N N   . ARG A 1 106 ? -8.057  0.686   3.973   1.00 27.33 ? 1958 ARG A N   1 
ATOM   815  C CA  . ARG A 1 106 ? -8.108  1.409   2.700   1.00 29.91 ? 1958 ARG A CA  1 
ATOM   816  C C   . ARG A 1 106 ? -8.659  2.819   2.928   1.00 34.30 ? 1958 ARG A C   1 
ATOM   817  O O   . ARG A 1 106 ? -8.058  3.804   2.498   1.00 30.48 ? 1958 ARG A O   1 
ATOM   818  C CB  . ARG A 1 106 ? -8.964  0.673   1.681   1.00 32.77 ? 1958 ARG A CB  1 
ATOM   819  C CG  . ARG A 1 106 ? -8.930  1.316   0.319   1.00 35.10 ? 1958 ARG A CG  1 
ATOM   820  C CD  . ARG A 1 106 ? -10.086 0.876   -0.559  1.00 34.86 ? 1958 ARG A CD  1 
ATOM   821  N NE  . ARG A 1 106 ? -10.056 -0.538  -0.922  1.00 35.48 ? 1958 ARG A NE  1 
ATOM   822  C CZ  . ARG A 1 106 ? -9.376  -1.035  -1.954  1.00 35.50 ? 1958 ARG A CZ  1 
ATOM   823  N NH1 . ARG A 1 106 ? -8.622  -0.240  -2.712  1.00 35.79 ? 1958 ARG A NH1 1 
ATOM   824  N NH2 . ARG A 1 106 ? -9.439  -2.330  -2.228  1.00 30.40 ? 1958 ARG A NH2 1 
ATOM   825  N N   . LYS A 1 107 ? -9.790  2.903   3.629   1.00 31.09 ? 1959 LYS A N   1 
ATOM   826  C CA  . LYS A 1 107 ? -10.387 4.196   3.965   1.00 36.12 ? 1959 LYS A CA  1 
ATOM   827  C C   . LYS A 1 107 ? -9.382  5.092   4.705   1.00 34.90 ? 1959 LYS A C   1 
ATOM   828  O O   . LYS A 1 107 ? -9.223  6.262   4.377   1.00 34.32 ? 1959 LYS A O   1 
ATOM   829  C CB  . LYS A 1 107 ? -11.657 3.995   4.805   1.00 35.83 ? 1959 LYS A CB  1 
ATOM   830  C CG  . LYS A 1 107 ? -12.460 5.266   5.026   1.00 40.74 ? 1959 LYS A CG  1 
ATOM   831  C CD  . LYS A 1 107 ? -13.246 5.645   3.763   1.00 50.40 ? 1959 LYS A CD  1 
ATOM   832  C CE  . LYS A 1 107 ? -14.008 6.969   3.930   1.00 51.66 ? 1959 LYS A CE  1 
ATOM   833  N NZ  . LYS A 1 107 ? -14.718 7.371   2.670   1.00 61.13 ? 1959 LYS A NZ  1 
ATOM   834  N N   . TYR A 1 108 ? -8.693  4.532   5.697   1.00 29.72 ? 1960 TYR A N   1 
ATOM   835  C CA  . TYR A 1 108 ? -7.654  5.242   6.433   1.00 31.65 ? 1960 TYR A CA  1 
ATOM   836  C C   . TYR A 1 108 ? -6.547  5.790   5.517   1.00 34.79 ? 1960 TYR A C   1 
ATOM   837  O O   . TYR A 1 108 ? -6.137  6.954   5.643   1.00 31.77 ? 1960 TYR A O   1 
ATOM   838  C CB  . TYR A 1 108 ? -7.061  4.302   7.481   1.00 29.18 ? 1960 TYR A CB  1 
ATOM   839  C CG  . TYR A 1 108 ? -6.123  4.914   8.488   1.00 31.87 ? 1960 TYR A CG  1 
ATOM   840  C CD1 . TYR A 1 108 ? -6.595  5.785   9.476   1.00 38.12 ? 1960 TYR A CD1 1 
ATOM   841  C CD2 . TYR A 1 108 ? -4.777  4.585   8.496   1.00 34.18 ? 1960 TYR A CD2 1 
ATOM   842  C CE1 . TYR A 1 108 ? -5.741  6.328   10.420  1.00 34.81 ? 1960 TYR A CE1 1 
ATOM   843  C CE2 . TYR A 1 108 ? -3.914  5.128   9.434   1.00 36.39 ? 1960 TYR A CE2 1 
ATOM   844  C CZ  . TYR A 1 108 ? -4.402  5.996   10.394  1.00 38.21 ? 1960 TYR A CZ  1 
ATOM   845  O OH  . TYR A 1 108 ? -3.536  6.533   11.325  1.00 44.13 ? 1960 TYR A OH  1 
ATOM   846  N N   . PHE A 1 109 ? -6.059  4.952   4.600   1.00 31.22 ? 1961 PHE A N   1 
ATOM   847  C CA  . PHE A 1 109 ? -4.968  5.357   3.713   1.00 32.37 ? 1961 PHE A CA  1 
ATOM   848  C C   . PHE A 1 109 ? -5.390  6.493   2.810   1.00 31.07 ? 1961 PHE A C   1 
ATOM   849  O O   . PHE A 1 109 ? -4.663  7.473   2.659   1.00 34.17 ? 1961 PHE A O   1 
ATOM   850  C CB  . PHE A 1 109 ? -4.484  4.193   2.838   1.00 31.84 ? 1961 PHE A CB  1 
ATOM   851  C CG  . PHE A 1 109 ? -3.575  4.616   1.709   1.00 31.31 ? 1961 PHE A CG  1 
ATOM   852  C CD1 . PHE A 1 109 ? -2.283  5.071   1.971   1.00 31.26 ? 1961 PHE A CD1 1 
ATOM   853  C CD2 . PHE A 1 109 ? -4.005  4.558   0.377   1.00 31.91 ? 1961 PHE A CD2 1 
ATOM   854  C CE1 . PHE A 1 109 ? -1.424  5.470   0.923   1.00 30.33 ? 1961 PHE A CE1 1 
ATOM   855  C CE2 . PHE A 1 109 ? -3.151  4.944   -0.678  1.00 30.91 ? 1961 PHE A CE2 1 
ATOM   856  C CZ  . PHE A 1 109 ? -1.865  5.401   -0.403  1.00 31.03 ? 1961 PHE A CZ  1 
ATOM   857  N N   . GLU A 1 110 ? -6.557  6.348   2.203   1.00 31.33 ? 1962 GLU A N   1 
ATOM   858  C CA  . GLU A 1 110 ? -6.963  7.262   1.152   1.00 34.01 ? 1962 GLU A CA  1 
ATOM   859  C C   . GLU A 1 110 ? -7.182  8.679   1.684   1.00 38.11 ? 1962 GLU A C   1 
ATOM   860  O O   . GLU A 1 110 ? -6.966  9.656   0.967   1.00 36.45 ? 1962 GLU A O   1 
ATOM   861  C CB  . GLU A 1 110 ? -8.220  6.750   0.455   1.00 33.74 ? 1962 GLU A CB  1 
ATOM   862  C CG  . GLU A 1 110 ? -8.036  5.454   -0.346  1.00 34.75 ? 1962 GLU A CG  1 
ATOM   863  C CD  . GLU A 1 110 ? -7.042  5.563   -1.509  1.00 36.16 ? 1962 GLU A CD  1 
ATOM   864  O OE1 . GLU A 1 110 ? -6.552  6.676   -1.816  1.00 37.85 ? 1962 GLU A OE1 1 
ATOM   865  O OE2 . GLU A 1 110 ? -6.749  4.522   -2.130  1.00 33.84 ? 1962 GLU A OE2 1 
ATOM   866  N N   . LYS A 1 111 ? -7.604  8.789   2.938   1.00 36.76 ? 1963 LYS A N   1 
ATOM   867  C CA  . LYS A 1 111 ? -7.733  10.090  3.578   1.00 36.29 ? 1963 LYS A CA  1 
ATOM   868  C C   . LYS A 1 111 ? -6.366  10.720  3.860   1.00 39.63 ? 1963 LYS A C   1 
ATOM   869  O O   . LYS A 1 111 ? -6.169  11.909  3.600   1.00 42.82 ? 1963 LYS A O   1 
ATOM   870  C CB  . LYS A 1 111 ? -8.541  9.962   4.873   1.00 41.44 ? 1963 LYS A CB  1 
ATOM   871  C CG  . LYS A 1 111 ? -8.251  11.049  5.898   1.00 45.55 ? 1963 LYS A CG  1 
ATOM   872  C CD  . LYS A 1 111 ? -9.468  11.877  6.179   1.00 48.61 ? 1963 LYS A CD  1 
ATOM   873  C CE  . LYS A 1 111 ? -9.215  12.860  7.321   1.00 52.21 ? 1963 LYS A CE  1 
ATOM   874  N NZ  . LYS A 1 111 ? -9.488  14.253  6.856   1.00 51.54 ? 1963 LYS A NZ  1 
ATOM   875  N N   . LYS A 1 112 ? -5.424  9.942   4.395   1.00 36.68 ? 1964 LYS A N   1 
ATOM   876  C CA  . LYS A 1 112 ? -4.063  10.442  4.584   1.00 40.17 ? 1964 LYS A CA  1 
ATOM   877  C C   . LYS A 1 112 ? -3.461  10.865  3.254   1.00 38.36 ? 1964 LYS A C   1 
ATOM   878  O O   . LYS A 1 112 ? -2.704  11.818  3.205   1.00 40.49 ? 1964 LYS A O   1 
ATOM   879  C CB  . LYS A 1 112 ? -3.142  9.398   5.218   1.00 40.99 ? 1964 LYS A CB  1 
ATOM   880  C CG  . LYS A 1 112 ? -3.605  8.841   6.536   1.00 42.96 ? 1964 LYS A CG  1 
ATOM   881  C CD  . LYS A 1 112 ? -3.210  9.746   7.672   1.00 51.07 ? 1964 LYS A CD  1 
ATOM   882  C CE  . LYS A 1 112 ? -3.452  9.064   9.000   1.00 48.47 ? 1964 LYS A CE  1 
ATOM   883  N NZ  . LYS A 1 112 ? -3.190  10.009  10.107  1.00 58.75 ? 1964 LYS A NZ  1 
ATOM   884  N N   . TRP A 1 113 ? -3.790  10.139  2.186   1.00 34.17 ? 1965 TRP A N   1 
ATOM   885  C CA  . TRP A 1 113 ? -3.226  10.409  0.870   1.00 35.94 ? 1965 TRP A CA  1 
ATOM   886  C C   . TRP A 1 113 ? -3.732  11.746  0.331   1.00 41.71 ? 1965 TRP A C   1 
ATOM   887  O O   . TRP A 1 113 ? -2.947  12.562  -0.164  1.00 39.80 ? 1965 TRP A O   1 
ATOM   888  C CB  . TRP A 1 113 ? -3.560  9.276   -0.111  1.00 34.58 ? 1965 TRP A CB  1 
ATOM   889  C CG  . TRP A 1 113 ? -2.793  9.355   -1.415  1.00 37.31 ? 1965 TRP A CG  1 
ATOM   890  C CD1 . TRP A 1 113 ? -3.287  9.720   -2.637  1.00 39.48 ? 1965 TRP A CD1 1 
ATOM   891  C CD2 . TRP A 1 113 ? -1.397  9.072   -1.618  1.00 35.07 ? 1965 TRP A CD2 1 
ATOM   892  N NE1 . TRP A 1 113 ? -2.290  9.667   -3.587  1.00 40.91 ? 1965 TRP A NE1 1 
ATOM   893  C CE2 . TRP A 1 113 ? -1.118  9.280   -2.984  1.00 36.20 ? 1965 TRP A CE2 1 
ATOM   894  C CE3 . TRP A 1 113 ? -0.357  8.659   -0.778  1.00 34.03 ? 1965 TRP A CE3 1 
ATOM   895  C CZ2 . TRP A 1 113 ? 0.163   9.091   -3.531  1.00 35.98 ? 1965 TRP A CZ2 1 
ATOM   896  C CZ3 . TRP A 1 113 ? 0.920   8.469   -1.327  1.00 31.91 ? 1965 TRP A CZ3 1 
ATOM   897  C CH2 . TRP A 1 113 ? 1.162   8.681   -2.681  1.00 32.41 ? 1965 TRP A CH2 1 
ATOM   898  N N   . THR A 1 114 ? -5.044  11.959  0.436   1.00 39.82 ? 1966 THR A N   1 
ATOM   899  C CA  . THR A 1 114 ? -5.676  13.216  0.027   1.00 44.87 ? 1966 THR A CA  1 
ATOM   900  C C   . THR A 1 114 ? -5.193  14.407  0.838   1.00 43.97 ? 1966 THR A C   1 
ATOM   901  O O   . THR A 1 114 ? -4.866  15.447  0.274   1.00 47.56 ? 1966 THR A O   1 
ATOM   902  C CB  . THR A 1 114 ? -7.207  13.150  0.151   1.00 41.94 ? 1966 THR A CB  1 
ATOM   903  O OG1 . THR A 1 114 ? -7.702  12.078  -0.651  1.00 44.68 ? 1966 THR A OG1 1 
ATOM   904  C CG2 . THR A 1 114 ? -7.828  14.456  -0.337  1.00 52.10 ? 1966 THR A CG2 1 
ATOM   905  N N   . ASP A 1 115 ? -5.149  14.258  2.159   1.00 44.93 ? 1967 ASP A N   1 
ATOM   906  C CA  . ASP A 1 115 ? -4.713  15.348  3.023   1.00 44.56 ? 1967 ASP A CA  1 
ATOM   907  C C   . ASP A 1 115 ? -3.257  15.735  2.803   1.00 48.57 ? 1967 ASP A C   1 
ATOM   908  O O   . ASP A 1 115 ? -2.884  16.901  2.965   1.00 48.21 ? 1967 ASP A O   1 
ATOM   909  C CB  . ASP A 1 115 ? -4.912  14.991  4.499   1.00 43.70 ? 1967 ASP A CB  1 
ATOM   910  C CG  . ASP A 1 115 ? -6.371  14.917  4.887   1.00 49.56 ? 1967 ASP A CG  1 
ATOM   911  O OD1 . ASP A 1 115 ? -7.235  15.231  4.036   1.00 47.51 ? 1967 ASP A OD1 1 
ATOM   912  O OD2 . ASP A 1 115 ? -6.654  14.552  6.051   1.00 46.54 ? 1967 ASP A OD2 1 
ATOM   913  N N   . THR A 1 116 ? -2.425  14.760  2.456   1.00 43.66 ? 1968 THR A N   1 
ATOM   914  C CA  . THR A 1 116 ? -0.993  14.999  2.332   1.00 39.80 ? 1968 THR A CA  1 
ATOM   915  C C   . THR A 1 116 ? -0.605  15.571  0.963   1.00 45.44 ? 1968 THR A C   1 
ATOM   916  O O   . THR A 1 116 ? 0.292   16.400  0.872   1.00 48.27 ? 1968 THR A O   1 
ATOM   917  C CB  . THR A 1 116 ? -0.209  13.704  2.587   1.00 41.52 ? 1968 THR A CB  1 
ATOM   918  O OG1 . THR A 1 116 ? -0.481  13.246  3.917   1.00 39.83 ? 1968 THR A OG1 1 
ATOM   919  C CG2 . THR A 1 116 ? 1.287   13.920  2.425   1.00 39.03 ? 1968 THR A CG2 1 
ATOM   920  N N   . PHE A 1 117 ? -1.289  15.142  -0.091  1.00 42.60 ? 1969 PHE A N   1 
ATOM   921  C CA  . PHE A 1 117 ? -0.856  15.462  -1.450  1.00 47.56 ? 1969 PHE A CA  1 
ATOM   922  C C   . PHE A 1 117 ? -1.901  16.179  -2.314  1.00 53.02 ? 1969 PHE A C   1 
ATOM   923  O O   . PHE A 1 117 ? -1.561  16.786  -3.328  1.00 57.08 ? 1969 PHE A O   1 
ATOM   924  C CB  . PHE A 1 117 ? -0.416  14.179  -2.164  1.00 44.54 ? 1969 PHE A CB  1 
ATOM   925  C CG  . PHE A 1 117 ? 0.795   13.523  -1.548  1.00 44.20 ? 1969 PHE A CG  1 
ATOM   926  C CD1 . PHE A 1 117 ? 2.030   14.152  -1.585  1.00 40.31 ? 1969 PHE A CD1 1 
ATOM   927  C CD2 . PHE A 1 117 ? 0.704   12.268  -0.956  1.00 37.90 ? 1969 PHE A CD2 1 
ATOM   928  C CE1 . PHE A 1 117 ? 3.148   13.549  -1.028  1.00 38.66 ? 1969 PHE A CE1 1 
ATOM   929  C CE2 . PHE A 1 117 ? 1.819   11.665  -0.397  1.00 36.16 ? 1969 PHE A CE2 1 
ATOM   930  C CZ  . PHE A 1 117 ? 3.039   12.304  -0.436  1.00 35.16 ? 1969 PHE A CZ  1 
ATOM   931  N N   . LYS A 1 118 ? -3.170  16.107  -1.925  1.00 57.84 ? 1970 LYS A N   1 
ATOM   932  C CA  . LYS A 1 118 ? -4.244  16.660  -2.755  1.00 61.09 ? 1970 LYS A CA  1 
ATOM   933  C C   . LYS A 1 118 ? -5.056  17.734  -2.020  1.00 61.23 ? 1970 LYS A C   1 
ATOM   934  O O   . LYS A 1 118 ? -4.508  18.720  -1.514  1.00 60.75 ? 1970 LYS A O   1 
ATOM   935  C CB  . LYS A 1 118 ? -5.171  15.536  -3.234  1.00 53.60 ? 1970 LYS A CB  1 
HETATM 936  C C1  . EDO B 2 .   ? 1.572   12.016  7.906   1.00 52.67 ? 2001 EDO A C1  1 
HETATM 937  O O1  . EDO B 2 .   ? 0.157   11.876  7.675   1.00 58.06 ? 2001 EDO A O1  1 
HETATM 938  C C2  . EDO B 2 .   ? 2.234   12.769  6.755   1.00 51.16 ? 2001 EDO A C2  1 
HETATM 939  O O2  . EDO B 2 .   ? 1.302   13.728  6.233   1.00 56.81 ? 2001 EDO A O2  1 
HETATM 940  C C10 . 54U C 3 .   ? -3.283  -17.210 7.886   0.85 67.01 ? 2002 54U A C10 1 
HETATM 941  C C13 . 54U C 3 .   ? -5.186  -19.297 7.923   0.85 71.50 ? 2002 54U A C13 1 
HETATM 942  C C01 . 54U C 3 .   ? -4.116  -11.186 4.396   0.85 39.33 ? 2002 54U A C01 1 
HETATM 943  C C02 . 54U C 3 .   ? -4.978  -12.346 3.980   0.85 36.55 ? 2002 54U A C02 1 
HETATM 944  N N03 . 54U C 3 .   ? -4.914  -13.558 4.714   0.85 45.44 ? 2002 54U A N03 1 
HETATM 945  C C04 . 54U C 3 .   ? -5.709  -14.677 4.391   0.85 46.33 ? 2002 54U A C04 1 
HETATM 946  C C05 . 54U C 3 .   ? -5.605  -15.923 5.277   0.85 53.54 ? 2002 54U A C05 1 
HETATM 947  N N06 . 54U C 3 .   ? -4.688  -15.868 6.398   0.85 56.82 ? 2002 54U A N06 1 
HETATM 948  C C07 . 54U C 3 .   ? -3.558  -15.032 6.114   0.85 53.77 ? 2002 54U A C07 1 
HETATM 949  C C08 . 54U C 3 .   ? -4.055  -13.636 5.831   0.85 51.76 ? 2002 54U A C08 1 
HETATM 950  C C09 . 54U C 3 .   ? -4.457  -17.075 7.169   0.85 65.32 ? 2002 54U A C09 1 
HETATM 951  C C11 . 54U C 3 .   ? -3.038  -18.383 8.635   0.85 71.64 ? 2002 54U A C11 1 
HETATM 952  C C12 . 54U C 3 .   ? -4.003  -19.430 8.646   0.85 76.90 ? 2002 54U A C12 1 
HETATM 953  C C14 . 54U C 3 .   ? -5.431  -18.130 7.178   0.85 66.27 ? 2002 54U A C14 1 
HETATM 954  O O15 . 54U C 3 .   ? -3.757  -20.605 9.398   0.85 84.64 ? 2002 54U A O15 1 
HETATM 955  O O16 . 54U C 3 .   ? -5.704  -12.248 3.035   0.85 38.04 ? 2002 54U A O16 1 
HETATM 956  O O   . HOH D 4 .   ? -9.215  14.770  3.228   1.00 54.61 ? 2101 HOH A O   1 
HETATM 957  O O   . HOH D 4 .   ? -2.496  19.738  -1.727  1.00 58.86 ? 2102 HOH A O   1 
HETATM 958  O O   . HOH D 4 .   ? 6.687   -2.679  7.707   1.00 37.46 ? 2103 HOH A O   1 
HETATM 959  O O   . HOH D 4 .   ? -5.038  13.250  7.273   1.00 48.49 ? 2104 HOH A O   1 
HETATM 960  O O   . HOH D 4 .   ? -0.295  17.946  -20.095 1.00 47.63 ? 2105 HOH A O   1 
HETATM 961  O O   . HOH D 4 .   ? -2.886  8.665   -6.739  1.00 49.36 ? 2106 HOH A O   1 
HETATM 962  O O   . HOH D 4 .   ? -12.726 1.441   2.637   1.00 43.45 ? 2107 HOH A O   1 
HETATM 963  O O   . HOH D 4 .   ? 2.727   -14.037 0.154   1.00 36.82 ? 2108 HOH A O   1 
HETATM 964  O O   . HOH D 4 .   ? -4.847  -10.749 0.897   1.00 34.19 ? 2109 HOH A O   1 
HETATM 965  O O   . HOH D 4 .   ? 5.181   -14.741 5.978   1.00 44.03 ? 2110 HOH A O   1 
HETATM 966  O O   . HOH D 4 .   ? 13.080  -2.733  5.367   1.00 41.71 ? 2111 HOH A O   1 
HETATM 967  O O   . HOH D 4 .   ? -6.980  -0.256  -6.731  1.00 41.70 ? 2112 HOH A O   1 
HETATM 968  O O   . HOH D 4 .   ? -10.957 7.821   3.310   1.00 50.72 ? 2113 HOH A O   1 
HETATM 969  O O   . HOH D 4 .   ? -10.829 14.157  4.669   1.00 55.83 ? 2114 HOH A O   1 
HETATM 970  O O   . HOH D 4 .   ? -8.242  2.621   -3.025  1.00 41.92 ? 2115 HOH A O   1 
HETATM 971  O O   . HOH D 4 .   ? -19.187 -11.334 2.788   1.00 50.80 ? 2116 HOH A O   1 
HETATM 972  O O   . HOH D 4 .   ? -0.932  -20.800 -1.497  1.00 42.57 ? 2117 HOH A O   1 
HETATM 973  O O   . HOH D 4 .   ? 3.768   -18.266 8.632   1.00 57.13 ? 2118 HOH A O   1 
HETATM 974  O O   . HOH D 4 .   ? -1.871  4.704   13.125  1.00 36.16 ? 2119 HOH A O   1 
HETATM 975  O O   . HOH D 4 .   ? 8.147   -9.807  -0.204  1.00 40.99 ? 2120 HOH A O   1 
HETATM 976  O O   . HOH D 4 .   ? 7.283   11.557  -6.432  1.00 38.58 ? 2121 HOH A O   1 
HETATM 977  O O   . HOH D 4 .   ? 1.790   -2.204  -7.764  1.00 40.73 ? 2122 HOH A O   1 
HETATM 978  O O   . HOH D 4 .   ? 3.981   -12.327 -8.559  1.00 51.06 ? 2123 HOH A O   1 
HETATM 979  O O   . HOH D 4 .   ? 10.129  10.762  -9.455  1.00 51.23 ? 2124 HOH A O   1 
HETATM 980  O O   . HOH D 4 .   ? 1.201   -15.918 -6.216  1.00 46.36 ? 2125 HOH A O   1 
HETATM 981  O O   . HOH D 4 .   ? -13.306 -14.974 3.463   1.00 47.99 ? 2126 HOH A O   1 
HETATM 982  O O   . HOH D 4 .   ? 3.540   -9.888  0.068   1.00 28.65 ? 2127 HOH A O   1 
HETATM 983  O O   . HOH D 4 .   ? -0.304  -2.235  14.000  1.00 41.39 ? 2128 HOH A O   1 
HETATM 984  O O   . HOH D 4 .   ? -9.317  1.611   16.762  1.00 39.42 ? 2129 HOH A O   1 
HETATM 985  O O   . HOH D 4 .   ? -2.662  -1.258  -7.484  1.00 30.95 ? 2130 HOH A O   1 
HETATM 986  O O   . HOH D 4 .   ? -16.297 9.533   2.237   1.00 59.95 ? 2131 HOH A O   1 
HETATM 987  O O   . HOH D 4 .   ? -2.986  19.626  0.541   1.00 62.04 ? 2132 HOH A O   1 
HETATM 988  O O   . HOH D 4 .   ? -5.651  -7.670  -6.649  1.00 36.79 ? 2133 HOH A O   1 
HETATM 989  O O   . HOH D 4 .   ? -11.225 -2.566  0.581   1.00 40.53 ? 2134 HOH A O   1 
HETATM 990  O O   . HOH D 4 .   ? -0.840  -10.112 -0.475  1.00 27.92 ? 2135 HOH A O   1 
HETATM 991  O O   . HOH D 4 .   ? 4.100   20.629  -22.323 1.00 39.91 ? 2136 HOH A O   1 
HETATM 992  O O   . HOH D 4 .   ? -7.218  9.330   -1.866  1.00 41.82 ? 2137 HOH A O   1 
HETATM 993  O O   . HOH D 4 .   ? -2.758  -9.668  -7.247  1.00 36.74 ? 2138 HOH A O   1 
HETATM 994  O O   . HOH D 4 .   ? 7.569   20.704  -29.224 1.00 37.49 ? 2139 HOH A O   1 
HETATM 995  O O   . HOH D 4 .   ? -4.251  -3.473  -7.324  1.00 39.66 ? 2140 HOH A O   1 
HETATM 996  O O   . HOH D 4 .   ? 4.538   -4.312  -7.202  1.00 41.52 ? 2141 HOH A O   1 
HETATM 997  O O   . HOH D 4 .   ? -3.897  -8.319  1.549   1.00 35.52 ? 2142 HOH A O   1 
HETATM 998  O O   . HOH D 4 .   ? -12.721 -13.071 -5.564  1.00 44.18 ? 2143 HOH A O   1 
HETATM 999  O O   . HOH D 4 .   ? -11.457 -6.408  2.356   1.00 37.31 ? 2144 HOH A O   1 
HETATM 1000 O O   . HOH D 4 .   ? -1.139  -8.554  2.459   1.00 27.57 ? 2145 HOH A O   1 
HETATM 1001 O O   . HOH D 4 .   ? -11.091 -12.886 9.083   1.00 40.97 ? 2146 HOH A O   1 
HETATM 1002 O O   . HOH D 4 .   ? -17.680 -10.534 0.102   1.00 46.97 ? 2147 HOH A O   1 
HETATM 1003 O O   . HOH D 4 .   ? 10.075  12.033  -7.018  1.00 43.78 ? 2148 HOH A O   1 
HETATM 1004 O O   . HOH D 4 .   ? 10.593  -4.377  5.970   1.00 36.36 ? 2149 HOH A O   1 
HETATM 1005 O O   . HOH D 4 .   ? -6.909  8.694   7.721   1.00 41.05 ? 2150 HOH A O   1 
HETATM 1006 O O   . HOH D 4 .   ? 1.776   -15.020 -9.802  1.00 51.59 ? 2151 HOH A O   1 
HETATM 1007 O O   . HOH D 4 .   ? 17.378  4.126   3.190   1.00 47.66 ? 2152 HOH A O   1 
HETATM 1008 O O   . HOH D 4 .   ? -0.193  -17.664 -9.551  1.00 47.98 ? 2153 HOH A O   1 
HETATM 1009 O O   . HOH D 4 .   ? 6.695   26.128  -17.485 1.00 46.49 ? 2154 HOH A O   1 
HETATM 1010 O O   . HOH D 4 .   ? 3.884   -0.183  -7.837  1.00 37.92 ? 2155 HOH A O   1 
HETATM 1011 O O   . HOH D 4 .   ? -13.418 -8.310  1.408   1.00 37.24 ? 2156 HOH A O   1 
HETATM 1012 O O   . HOH D 4 .   ? 11.555  3.903   4.373   1.00 42.10 ? 2157 HOH A O   1 
HETATM 1013 O O   . HOH D 4 .   ? 6.373   -1.451  -7.816  1.00 43.37 ? 2158 HOH A O   1 
HETATM 1014 O O   . HOH D 4 .   ? -9.565  -4.686  1.433   1.00 28.93 ? 2159 HOH A O   1 
HETATM 1015 O O   . HOH D 4 .   ? 3.980   -9.114  -6.279  1.00 46.47 ? 2160 HOH A O   1 
HETATM 1016 O O   . HOH D 4 .   ? 13.528  -0.478  6.096   1.00 47.35 ? 2161 HOH A O   1 
HETATM 1017 O O   . HOH D 4 .   ? 7.609   -5.882  -6.078  1.00 42.93 ? 2162 HOH A O   1 
HETATM 1018 O O   . HOH D 4 .   ? 4.903   22.367  -5.580  1.00 60.16 ? 2163 HOH A O   1 
HETATM 1019 O O   . HOH D 4 .   ? -0.395  -9.952  4.203   1.00 29.15 ? 2164 HOH A O   1 
HETATM 1020 O O   . HOH D 4 .   ? 15.786  -4.189  -0.965  1.00 43.14 ? 2165 HOH A O   1 
HETATM 1021 O O   . HOH D 4 .   ? 7.141   16.987  -1.869  1.00 45.41 ? 2166 HOH A O   1 
HETATM 1022 O O   . HOH D 4 .   ? 5.588   -9.706  -3.458  1.00 40.02 ? 2167 HOH A O   1 
HETATM 1023 O O   . HOH D 4 .   ? -2.329  10.984  -6.378  1.00 55.59 ? 2168 HOH A O   1 
HETATM 1024 O O   . HOH D 4 .   ? 8.195   7.651   9.685   1.00 44.43 ? 2169 HOH A O   1 
HETATM 1025 O O   . HOH D 4 .   ? -13.545 -0.918  -2.041  1.00 57.60 ? 2170 HOH A O   1 
HETATM 1026 O O   . HOH D 4 .   ? -10.243 -1.271  -6.071  1.00 51.24 ? 2171 HOH A O   1 
HETATM 1027 O O   . HOH D 4 .   ? 0.913   -10.091 8.901   1.00 35.28 ? 2172 HOH A O   1 
HETATM 1028 O O   . HOH D 4 .   ? 11.849  13.259  1.142   1.00 41.71 ? 2173 HOH A O   1 
HETATM 1029 O O   . HOH D 4 .   ? 5.088   -4.429  8.655   1.00 37.14 ? 2174 HOH A O   1 
HETATM 1030 O O   . HOH D 4 .   ? -4.518  3.491   -8.125  1.00 44.29 ? 2175 HOH A O   1 
HETATM 1031 O O   . HOH D 4 .   ? -4.166  -23.915 -14.224 1.00 48.29 ? 2176 HOH A O   1 
HETATM 1032 O O   . HOH D 4 .   ? 11.487  -3.490  -7.834  1.00 51.62 ? 2177 HOH A O   1 
HETATM 1033 O O   . HOH D 4 .   ? 0.130   -16.130 6.441   1.00 47.46 ? 2178 HOH A O   1 
HETATM 1034 O O   . HOH D 4 .   ? 13.659  -5.784  -2.179  1.00 43.87 ? 2179 HOH A O   1 
HETATM 1035 O O   . HOH D 4 .   ? 5.505   -17.481 1.528   1.00 47.51 ? 2180 HOH A O   1 
HETATM 1036 O O   . HOH D 4 .   ? -19.105 -6.522  8.111   1.00 55.88 ? 2181 HOH A O   1 
HETATM 1037 O O   . HOH D 4 .   ? -16.119 0.613   8.967   1.00 44.53 ? 2182 HOH A O   1 
HETATM 1038 O O   . HOH D 4 .   ? -5.759  11.128  9.096   1.00 52.46 ? 2183 HOH A O   1 
HETATM 1039 O O   . HOH D 4 .   ? 12.999  -6.867  4.233   1.00 49.45 ? 2184 HOH A O   1 
HETATM 1040 O O   . HOH D 4 .   ? -17.656 -11.824 11.079  1.00 55.03 ? 2185 HOH A O   1 
HETATM 1041 O O   . HOH D 4 .   ? 7.011   16.428  -9.733  1.00 57.83 ? 2186 HOH A O   1 
HETATM 1042 O O   . HOH D 4 .   ? 9.131   3.724   10.649  1.00 49.96 ? 2187 HOH A O   1 
HETATM 1043 O O   . HOH D 4 .   ? 1.426   -11.354 0.693   1.00 30.31 ? 2188 HOH A O   1 
HETATM 1044 O O   . HOH D 4 .   ? -2.492  -21.887 -4.232  1.00 48.41 ? 2189 HOH A O   1 
HETATM 1045 O O   . HOH D 4 .   ? 8.011   0.099   -8.472  1.00 47.42 ? 2190 HOH A O   1 
HETATM 1046 O O   . HOH D 4 .   ? 11.827  4.351   -3.072  1.00 32.78 ? 2191 HOH A O   1 
HETATM 1047 O O   . HOH D 4 .   ? 0.661   -4.497  -9.932  1.00 58.85 ? 2192 HOH A O   1 
HETATM 1048 O O   . HOH D 4 .   ? -13.527 -13.879 10.288  1.00 52.52 ? 2193 HOH A O   1 
HETATM 1049 O O   . HOH D 4 .   ? 9.069   -8.815  3.179   1.00 48.54 ? 2194 HOH A O   1 
HETATM 1050 O O   . HOH D 4 .   ? -5.550  2.352   15.471  1.00 39.27 ? 2195 HOH A O   1 
HETATM 1051 O O   . HOH D 4 .   ? 10.901  -5.804  -5.925  1.00 51.69 ? 2196 HOH A O   1 
HETATM 1052 O O   . HOH D 4 .   ? 0.920   -12.527 7.200   1.00 42.17 ? 2197 HOH A O   1 
HETATM 1053 O O   . HOH D 4 .   ? -11.271 -13.949 6.558   1.00 46.40 ? 2198 HOH A O   1 
HETATM 1054 O O   . HOH D 4 .   ? -1.399  9.640   12.728  1.00 58.18 ? 2199 HOH A O   1 
HETATM 1055 O O   . HOH D 4 .   ? -4.777  -11.398 -8.495  1.00 44.17 ? 2200 HOH A O   1 
HETATM 1056 O O   . HOH D 4 .   ? 4.252   -2.523  13.250  1.00 46.91 ? 2201 HOH A O   1 
HETATM 1057 O O   . HOH D 4 .   ? -10.418 -6.463  -5.821  1.00 47.89 ? 2202 HOH A O   1 
HETATM 1058 O O   . HOH D 4 .   ? -1.857  -12.685 7.613   1.00 50.74 ? 2203 HOH A O   1 
HETATM 1059 O O   . HOH D 4 .   ? -5.093  9.134   -6.547  1.00 54.07 ? 2204 HOH A O   1 
HETATM 1060 O O   . HOH D 4 .   ? -0.149  -1.793  16.590  1.00 51.03 ? 2205 HOH A O   1 
HETATM 1061 O O   . HOH D 4 .   ? -8.426  1.814   -5.522  1.00 47.51 ? 2206 HOH A O   1 
HETATM 1062 O O   . HOH D 4 .   ? 8.855   -0.048  10.716  1.00 55.09 ? 2207 HOH A O   1 
HETATM 1063 O O   . HOH D 4 .   ? -1.126  -4.912  14.398  1.00 43.30 ? 2208 HOH A O   1 
HETATM 1064 O O   . HOH D 4 .   ? -12.270 6.457   0.141   1.00 55.51 ? 2209 HOH A O   1 
HETATM 1065 O O   . HOH D 4 .   ? -3.007  19.575  -17.215 1.00 54.17 ? 2210 HOH A O   1 
HETATM 1066 O O   . HOH D 4 .   ? -12.878 13.953  8.386   1.00 51.76 ? 2211 HOH A O   1 
HETATM 1067 O O   . HOH D 4 .   ? -0.413  14.982  -6.401  1.00 56.54 ? 2212 HOH A O   1 
HETATM 1068 O O   . HOH D 4 .   ? -1.550  12.875  -5.560  1.00 57.19 ? 2213 HOH A O   1 
HETATM 1069 O O   . HOH D 4 .   ? 2.010   -14.467 -11.966 1.00 59.94 ? 2214 HOH A O   1 
HETATM 1070 O O   . HOH D 4 .   ? -9.723  8.772   -2.714  1.00 54.21 ? 2215 HOH A O   1 
HETATM 1071 O O   . HOH D 4 .   ? -0.699  7.320   13.957  1.00 55.24 ? 2216 HOH A O   1 
HETATM 1072 O O   . HOH D 4 .   ? -13.796 -0.033  0.441   1.00 48.70 ? 2217 HOH A O   1 
HETATM 1073 O O   . HOH D 4 .   ? 4.140   11.111  -10.096 1.00 53.36 ? 2218 HOH A O   1 
HETATM 1074 O O   . HOH D 4 .   ? -21.871 -6.770  10.222  1.00 49.67 ? 2219 HOH A O   1 
HETATM 1075 O O   . HOH D 4 .   ? 11.344  -6.271  -1.155  1.00 48.93 ? 2220 HOH A O   1 
HETATM 1076 O O   . HOH D 4 .   ? 6.108   -16.381 4.065   1.00 54.00 ? 2221 HOH A O   1 
HETATM 1077 O O   . HOH D 4 .   ? 2.086   -10.179 12.005  1.00 51.50 ? 2222 HOH A O   1 
HETATM 1078 O O   . HOH D 4 .   ? -5.224  4.825   14.625  1.00 44.73 ? 2223 HOH A O   1 
HETATM 1079 O O   . HOH D 4 .   ? -1.426  -12.727 11.807  1.00 52.67 ? 2224 HOH A O   1 
HETATM 1080 O O   . HOH D 4 .   ? 5.789   -10.909 -1.401  1.00 35.49 ? 2225 HOH A O   1 
HETATM 1081 O O   . HOH D 4 .   ? -2.512  -7.971  -9.088  1.00 40.60 ? 2226 HOH A O   1 
HETATM 1082 O O   . HOH D 4 .   ? -0.526  -2.745  -9.158  1.00 48.07 ? 2227 HOH A O   1 
HETATM 1083 O O   . HOH D 4 .   ? 6.260   12.361  -8.827  1.00 49.27 ? 2228 HOH A O   1 
HETATM 1084 O O   . HOH D 4 .   ? -0.427  15.290  -20.733 1.00 56.54 ? 2229 HOH A O   1 
HETATM 1085 O O   . HOH D 4 .   ? 3.931   16.686  7.849   1.00 65.16 ? 2230 HOH A O   1 
HETATM 1086 O O   . HOH D 4 .   ? -9.135  -5.691  -8.053  1.00 53.92 ? 2231 HOH A O   1 
HETATM 1087 O O   . HOH D 4 .   ? 14.135  -7.371  -3.765  1.00 53.76 ? 2232 HOH A O   1 
HETATM 1088 O O   . HOH D 4 .   ? -11.579 4.239   -0.060  1.00 52.34 ? 2233 HOH A O   1 
HETATM 1089 O O   . HOH D 4 .   ? -4.836  -6.283  -8.379  1.00 37.99 ? 2234 HOH A O   1 
HETATM 1090 O O   . HOH D 4 .   ? -4.701  0.721   -8.040  1.00 40.84 ? 2235 HOH A O   1 
HETATM 1091 O O   . HOH D 4 .   ? -2.532  -13.105 9.674   1.00 53.39 ? 2236 HOH A O   1 
HETATM 1092 O O   . HOH D 4 .   ? 9.330   -3.525  8.447   1.00 40.76 ? 2237 HOH A O   1 
HETATM 1093 O O   . HOH D 4 .   ? -11.067 3.665   -2.409  1.00 49.98 ? 2238 HOH A O   1 
HETATM 1094 O O   . HOH D 4 .   ? 13.054  6.318   3.679   1.00 54.82 ? 2239 HOH A O   1 
HETATM 1095 O O   . HOH D 4 .   ? -6.985  -15.601 10.250  1.00 60.38 ? 2240 HOH A O   1 
HETATM 1096 O O   . HOH D 4 .   ? 6.628   -15.126 0.123   1.00 51.50 ? 2241 HOH A O   1 
HETATM 1097 O O   . HOH D 4 .   ? 4.614   -6.836  -7.336  1.00 53.76 ? 2242 HOH A O   1 
HETATM 1098 O O   . HOH D 4 .   ? 5.705   -11.718 -5.912  1.00 51.88 ? 2243 HOH A O   1 
HETATM 1099 O O   . HOH D 4 .   ? 7.730   -2.460  11.860  1.00 58.59 ? 2244 HOH A O   1 
HETATM 1100 O O   . HOH D 4 .   ? 4.946   -13.677 -1.477  1.00 36.88 ? 2245 HOH A O   1 
HETATM 1101 O O   . HOH D 4 .   ? 8.804   -6.301  9.473   1.00 50.75 ? 2246 HOH A O   1 
HETATM 1102 O O   . HOH D 4 .   ? -9.118  -14.006 10.930  1.00 48.91 ? 2247 HOH A O   1 
HETATM 1103 O O   . HOH D 4 .   ? 3.721   -15.440 -5.995  1.00 42.65 ? 2248 HOH A O   1 
HETATM 1104 O O   . HOH D 4 .   ? -4.071  -10.093 -11.080 1.00 55.55 ? 2249 HOH A O   1 
HETATM 1105 O O   . HOH D 4 .   ? 10.212  -6.838  -3.356  1.00 49.48 ? 2250 HOH A O   1 
HETATM 1106 O O   . HOH D 4 .   ? 6.099   -0.997  13.507  1.00 57.96 ? 2251 HOH A O   1 
HETATM 1107 O O   . HOH D 4 .   ? 7.984   0.904   -11.062 1.00 53.64 ? 2252 HOH A O   1 
HETATM 1108 O O   . HOH D 4 .   ? 5.866   -7.585  11.961  1.00 52.76 ? 2253 HOH A O   1 
HETATM 1109 O O   . HOH D 4 .   ? 5.298   -14.085 -4.118  1.00 43.32 ? 2254 HOH A O   1 
HETATM 1110 O O   . HOH D 4 .   ? 4.170   -8.933  12.804  1.00 47.63 ? 2255 HOH A O   1 
# 
